data_2AKL
#
_entry.id   2AKL
#
loop_
_entity.id
_entity.type
_entity.pdbx_description
1 polymer 'phnA-like protein pa0128'
2 non-polymer 'ZINC ION'
#
_entity_poly.entity_id   1
_entity_poly.type   'polypeptide(L)'
_entity_poly.pdbx_seq_one_letter_code
;MGSSHHHHHHSSGRENLYFQGHMVSTLPPCPQCNSEYTYEDGALLVCPECAHEWSPNEAATASDDGKVIKDSVGNVLQDG
DTITVIKDLKVKGSSLVVKVGTKVKNIRLVDGDHDIDCKIDGIGAMKLKSEFVRKVGS
;
_entity_poly.pdbx_strand_id   A
#
# COMPACT_ATOMS: atom_id res chain seq x y z
N MET A 23 28.05 16.40 20.21
CA MET A 23 27.24 17.49 20.83
C MET A 23 26.58 18.35 19.77
N VAL A 24 27.10 18.26 18.57
CA VAL A 24 26.57 19.01 17.45
C VAL A 24 25.76 18.10 16.55
N SER A 25 24.78 18.65 15.86
CA SER A 25 23.95 17.88 14.97
C SER A 25 24.60 17.69 13.61
N THR A 26 24.57 16.46 13.11
CA THR A 26 25.08 16.15 11.79
C THR A 26 23.92 16.20 10.79
N LEU A 27 22.86 16.84 11.25
CA LEU A 27 21.63 16.95 10.50
C LEU A 27 21.68 18.16 9.57
N PRO A 28 20.83 18.20 8.55
CA PRO A 28 20.77 19.34 7.63
C PRO A 28 20.30 20.60 8.33
N PRO A 29 20.58 21.79 7.76
CA PRO A 29 20.10 23.05 8.31
C PRO A 29 18.58 23.16 8.24
N CYS A 30 18.08 24.35 8.51
CA CYS A 30 16.66 24.61 8.40
C CYS A 30 16.39 25.25 7.06
N PRO A 31 15.49 24.67 6.25
CA PRO A 31 15.16 25.19 4.91
C PRO A 31 14.41 26.51 5.00
N GLN A 32 14.38 27.06 6.20
CA GLN A 32 13.71 28.31 6.45
C GLN A 32 14.69 29.34 7.02
N CYS A 33 15.66 28.90 7.83
CA CYS A 33 16.60 29.82 8.45
C CYS A 33 18.01 29.61 7.88
N ASN A 34 18.41 28.33 7.78
CA ASN A 34 19.75 27.94 7.32
C ASN A 34 20.82 28.29 8.38
N SER A 35 20.32 28.61 9.57
CA SER A 35 21.16 28.96 10.71
C SER A 35 21.98 27.78 11.21
N GLU A 36 21.38 26.60 11.05
CA GLU A 36 22.00 25.30 11.39
C GLU A 36 21.81 24.98 12.86
N TYR A 37 21.05 25.82 13.54
CA TYR A 37 20.76 25.57 14.93
C TYR A 37 19.61 24.59 15.05
N THR A 38 19.72 23.51 14.29
CA THR A 38 18.71 22.49 14.24
C THR A 38 19.16 21.29 15.07
N TYR A 39 18.21 20.56 15.64
CA TYR A 39 18.55 19.41 16.45
C TYR A 39 17.53 18.31 16.19
N GLU A 40 17.79 17.10 16.67
CA GLU A 40 16.86 16.02 16.48
C GLU A 40 16.08 15.76 17.77
N ASP A 41 14.76 15.94 17.71
CA ASP A 41 13.90 15.64 18.84
C ASP A 41 13.06 14.41 18.52
N GLY A 42 13.68 13.25 18.56
CA GLY A 42 12.98 12.02 18.30
C GLY A 42 13.14 11.52 16.88
N ALA A 43 12.11 11.73 16.06
CA ALA A 43 12.06 11.14 14.74
C ALA A 43 12.07 12.19 13.63
N LEU A 44 12.51 13.39 13.96
CA LEU A 44 12.54 14.47 12.98
C LEU A 44 13.52 15.54 13.43
N LEU A 45 13.58 16.63 12.68
CA LEU A 45 14.42 17.77 13.03
C LEU A 45 13.52 18.93 13.48
N VAL A 46 13.87 19.57 14.57
CA VAL A 46 13.10 20.69 15.07
C VAL A 46 13.96 21.94 15.10
N CYS A 47 13.49 23.03 14.50
CA CYS A 47 14.21 24.28 14.54
C CYS A 47 13.66 25.16 15.65
N PRO A 48 14.43 25.33 16.73
CA PRO A 48 14.01 26.13 17.88
C PRO A 48 14.00 27.61 17.55
N GLU A 49 14.51 27.94 16.36
CA GLU A 49 14.56 29.32 15.92
C GLU A 49 13.21 29.77 15.41
N CYS A 50 12.74 29.22 14.28
CA CYS A 50 11.49 29.69 13.70
C CYS A 50 10.29 28.93 14.23
N ALA A 51 10.48 28.09 15.26
CA ALA A 51 9.37 27.37 15.88
C ALA A 51 8.64 26.48 14.89
N HIS A 52 9.39 25.72 14.11
CA HIS A 52 8.81 24.81 13.16
C HIS A 52 9.64 23.53 13.05
N GLU A 53 8.99 22.40 13.25
CA GLU A 53 9.62 21.10 13.11
C GLU A 53 9.40 20.58 11.69
N TRP A 54 10.35 19.80 11.18
CA TRP A 54 10.24 19.27 9.84
C TRP A 54 11.04 17.97 9.74
N SER A 55 10.77 17.18 8.73
CA SER A 55 11.52 15.96 8.51
C SER A 55 12.17 16.04 7.14
N PRO A 56 13.49 15.76 7.06
CA PRO A 56 14.28 16.02 5.85
C PRO A 56 13.69 15.35 4.61
N ASN A 57 13.48 14.05 4.68
CA ASN A 57 12.95 13.31 3.56
C ASN A 57 11.44 13.13 3.66
N GLU A 58 10.96 12.96 4.88
CA GLU A 58 9.54 12.69 5.11
C GLU A 58 8.67 13.91 4.78
N ALA A 59 9.31 15.08 4.65
CA ALA A 59 8.60 16.29 4.23
C ALA A 59 8.07 16.12 2.81
N ALA A 60 8.79 15.34 2.00
CA ALA A 60 8.32 15.00 0.67
C ALA A 60 7.21 13.97 0.76
N THR A 61 7.40 13.01 1.67
CA THR A 61 6.39 11.99 1.98
C THR A 61 6.24 10.99 0.83
N ALA A 62 5.88 9.77 1.19
CA ALA A 62 5.69 8.70 0.23
C ALA A 62 4.62 7.75 0.73
N SER A 63 4.08 6.93 -0.16
CA SER A 63 3.06 5.97 0.23
C SER A 63 3.69 4.73 0.85
N ASP A 64 3.74 4.72 2.17
CA ASP A 64 4.25 3.56 2.89
C ASP A 64 3.09 2.73 3.40
N ASP A 65 3.36 1.56 3.95
CA ASP A 65 2.30 0.60 4.32
C ASP A 65 1.51 0.24 3.09
N GLY A 66 2.19 0.13 1.96
CA GLY A 66 1.50 -0.07 0.69
C GLY A 66 1.62 -1.49 0.17
N LYS A 67 1.80 -2.46 1.07
CA LYS A 67 1.85 -3.84 0.65
C LYS A 67 0.48 -4.49 0.84
N VAL A 68 -0.49 -3.66 1.21
CA VAL A 68 -1.88 -4.08 1.28
C VAL A 68 -2.36 -4.43 -0.11
N ILE A 69 -3.19 -5.47 -0.21
CA ILE A 69 -3.54 -6.04 -1.51
C ILE A 69 -4.42 -5.08 -2.31
N LYS A 70 -3.93 -4.67 -3.47
CA LYS A 70 -4.66 -3.74 -4.33
C LYS A 70 -5.24 -4.44 -5.55
N ASP A 71 -6.40 -3.98 -5.99
CA ASP A 71 -7.13 -4.61 -7.08
C ASP A 71 -6.71 -4.00 -8.42
N SER A 72 -7.24 -4.56 -9.50
CA SER A 72 -6.98 -4.04 -10.84
C SER A 72 -7.74 -2.74 -11.06
N VAL A 73 -8.54 -2.40 -10.08
CA VAL A 73 -9.36 -1.20 -10.10
C VAL A 73 -8.57 -0.02 -9.57
N GLY A 74 -7.47 -0.34 -8.93
CA GLY A 74 -6.63 0.67 -8.34
C GLY A 74 -7.02 0.97 -6.92
N ASN A 75 -7.94 0.17 -6.39
CA ASN A 75 -8.37 0.35 -5.01
C ASN A 75 -7.78 -0.71 -4.11
N VAL A 76 -7.86 -0.44 -2.82
CA VAL A 76 -7.23 -1.25 -1.79
C VAL A 76 -8.28 -2.01 -0.99
N LEU A 77 -8.01 -3.26 -0.66
CA LEU A 77 -8.99 -4.09 0.02
C LEU A 77 -8.77 -4.07 1.53
N GLN A 78 -9.69 -4.68 2.24
CA GLN A 78 -9.60 -4.79 3.67
C GLN A 78 -9.77 -6.25 4.05
N ASP A 79 -9.13 -6.68 5.13
CA ASP A 79 -9.26 -8.05 5.61
C ASP A 79 -10.67 -8.26 6.16
N GLY A 80 -11.54 -8.78 5.30
CA GLY A 80 -12.93 -8.95 5.67
C GLY A 80 -13.84 -8.32 4.63
N ASP A 81 -13.24 -7.55 3.73
CA ASP A 81 -13.99 -6.85 2.69
C ASP A 81 -14.51 -7.84 1.65
N THR A 82 -15.38 -7.37 0.78
CA THR A 82 -15.94 -8.22 -0.26
C THR A 82 -15.23 -7.95 -1.58
N ILE A 83 -14.87 -8.99 -2.32
CA ILE A 83 -14.17 -8.80 -3.57
C ILE A 83 -14.97 -9.42 -4.71
N THR A 84 -14.64 -9.04 -5.92
CA THR A 84 -15.27 -9.60 -7.10
C THR A 84 -14.28 -9.58 -8.27
N VAL A 85 -13.97 -10.76 -8.79
CA VAL A 85 -13.11 -10.88 -9.96
C VAL A 85 -13.75 -10.16 -11.13
N ILE A 86 -13.00 -9.30 -11.79
CA ILE A 86 -13.52 -8.60 -12.94
C ILE A 86 -13.11 -9.23 -14.26
N LYS A 87 -12.65 -10.47 -14.26
CA LYS A 87 -12.23 -11.13 -15.48
C LYS A 87 -12.65 -12.60 -15.44
N ASP A 88 -12.59 -13.26 -16.58
CA ASP A 88 -12.76 -14.71 -16.63
C ASP A 88 -11.49 -15.43 -16.17
N LEU A 89 -11.56 -15.98 -14.95
CA LEU A 89 -10.47 -16.71 -14.32
C LEU A 89 -10.89 -18.17 -14.13
N LYS A 90 -10.09 -19.10 -14.60
CA LYS A 90 -10.39 -20.52 -14.35
C LYS A 90 -9.88 -20.92 -12.97
N VAL A 91 -10.23 -22.13 -12.55
CA VAL A 91 -9.69 -22.71 -11.32
C VAL A 91 -9.12 -24.08 -11.68
N LYS A 92 -7.83 -24.30 -11.45
CA LYS A 92 -7.17 -25.48 -12.01
C LYS A 92 -7.62 -26.79 -11.36
N GLY A 93 -7.71 -26.83 -10.04
CA GLY A 93 -8.02 -28.07 -9.37
C GLY A 93 -9.50 -28.26 -9.09
N SER A 94 -10.26 -27.19 -9.29
CA SER A 94 -11.68 -27.23 -9.01
C SER A 94 -12.49 -27.14 -10.30
N SER A 95 -13.69 -27.69 -10.27
CA SER A 95 -14.59 -27.67 -11.43
C SER A 95 -15.13 -26.26 -11.67
N LEU A 96 -14.91 -25.37 -10.71
CA LEU A 96 -15.47 -24.05 -10.77
C LEU A 96 -14.65 -23.16 -11.68
N VAL A 97 -15.35 -22.37 -12.47
CA VAL A 97 -14.74 -21.34 -13.27
C VAL A 97 -15.12 -19.97 -12.70
N VAL A 98 -14.13 -19.17 -12.44
CA VAL A 98 -14.31 -17.85 -11.86
C VAL A 98 -14.70 -16.83 -12.94
N LYS A 99 -15.89 -16.30 -12.81
CA LYS A 99 -16.43 -15.37 -13.79
C LYS A 99 -16.49 -13.96 -13.26
N VAL A 100 -16.34 -12.99 -14.16
CA VAL A 100 -16.43 -11.57 -13.81
C VAL A 100 -17.72 -11.31 -13.01
N GLY A 101 -17.56 -11.28 -11.69
CA GLY A 101 -18.69 -11.11 -10.79
C GLY A 101 -18.68 -12.17 -9.69
N THR A 102 -17.62 -12.98 -9.71
CA THR A 102 -17.42 -13.99 -8.67
C THR A 102 -17.22 -13.30 -7.31
N LYS A 103 -18.24 -13.39 -6.50
CA LYS A 103 -18.24 -12.70 -5.22
C LYS A 103 -17.61 -13.55 -4.14
N VAL A 104 -16.52 -13.08 -3.59
CA VAL A 104 -15.86 -13.73 -2.48
C VAL A 104 -15.62 -12.69 -1.38
N LYS A 105 -16.34 -12.81 -0.28
CA LYS A 105 -16.28 -11.83 0.77
C LYS A 105 -15.43 -12.29 1.93
N ASN A 106 -15.08 -11.35 2.80
CA ASN A 106 -14.34 -11.63 4.01
C ASN A 106 -12.97 -12.18 3.69
N ILE A 107 -12.27 -11.59 2.72
CA ILE A 107 -10.93 -12.01 2.35
C ILE A 107 -9.90 -11.78 3.45
N ARG A 108 -8.71 -12.27 3.19
CA ARG A 108 -7.56 -12.12 4.05
C ARG A 108 -6.45 -11.44 3.26
N LEU A 109 -5.94 -10.32 3.74
CA LEU A 109 -4.86 -9.65 3.03
C LEU A 109 -3.54 -10.31 3.43
N VAL A 110 -2.85 -10.87 2.45
CA VAL A 110 -1.61 -11.57 2.73
C VAL A 110 -0.45 -10.57 2.73
N ASP A 111 0.76 -11.06 2.98
CA ASP A 111 1.94 -10.19 3.05
C ASP A 111 2.16 -9.46 1.73
N GLY A 112 2.14 -10.20 0.64
CA GLY A 112 2.39 -9.61 -0.66
C GLY A 112 1.17 -8.94 -1.26
N ASP A 113 1.39 -7.78 -1.86
CA ASP A 113 0.32 -6.99 -2.49
C ASP A 113 -0.37 -7.78 -3.63
N HIS A 114 0.30 -8.82 -4.10
CA HIS A 114 -0.24 -9.66 -5.16
C HIS A 114 -0.81 -10.95 -4.57
N ASP A 115 -1.69 -10.80 -3.56
CA ASP A 115 -2.09 -11.95 -2.73
C ASP A 115 -3.37 -11.71 -1.96
N ILE A 116 -4.46 -12.27 -2.46
CA ILE A 116 -5.71 -12.28 -1.71
C ILE A 116 -6.02 -13.68 -1.26
N ASP A 117 -6.05 -13.88 0.03
CA ASP A 117 -6.40 -15.18 0.57
C ASP A 117 -7.87 -15.21 0.88
N CYS A 118 -8.53 -16.24 0.41
CA CYS A 118 -9.97 -16.33 0.54
C CYS A 118 -10.40 -17.77 0.77
N LYS A 119 -11.54 -17.94 1.40
CA LYS A 119 -12.09 -19.24 1.65
C LYS A 119 -13.46 -19.34 1.01
N ILE A 120 -13.67 -20.39 0.25
CA ILE A 120 -14.84 -20.49 -0.59
C ILE A 120 -15.64 -21.74 -0.23
N ASP A 121 -16.88 -21.53 0.19
CA ASP A 121 -17.76 -22.63 0.58
C ASP A 121 -17.91 -23.62 -0.56
N GLY A 122 -17.53 -24.86 -0.29
CA GLY A 122 -17.62 -25.90 -1.30
C GLY A 122 -16.28 -26.49 -1.64
N ILE A 123 -15.54 -25.79 -2.50
CA ILE A 123 -14.24 -26.28 -2.94
C ILE A 123 -13.17 -26.13 -1.86
N GLY A 124 -13.13 -24.96 -1.23
CA GLY A 124 -12.19 -24.72 -0.17
C GLY A 124 -11.55 -23.35 -0.27
N ALA A 125 -10.32 -23.23 0.21
CA ALA A 125 -9.61 -21.96 0.18
C ALA A 125 -8.84 -21.80 -1.12
N MET A 126 -8.74 -20.56 -1.60
CA MET A 126 -8.07 -20.27 -2.86
C MET A 126 -7.30 -18.97 -2.77
N LYS A 127 -6.39 -18.76 -3.70
CA LYS A 127 -5.62 -17.52 -3.77
C LYS A 127 -5.96 -16.80 -5.08
N LEU A 128 -6.09 -15.49 -5.01
CA LEU A 128 -6.55 -14.70 -6.15
C LEU A 128 -5.50 -13.68 -6.57
N LYS A 129 -5.43 -13.46 -7.87
CA LYS A 129 -4.54 -12.48 -8.42
C LYS A 129 -5.15 -11.10 -8.31
N SER A 130 -4.48 -10.23 -7.57
CA SER A 130 -4.92 -8.87 -7.33
C SER A 130 -5.32 -8.17 -8.63
N GLU A 131 -4.58 -8.46 -9.69
CA GLU A 131 -4.78 -7.82 -10.98
C GLU A 131 -6.05 -8.32 -11.66
N PHE A 132 -6.68 -9.35 -11.12
CA PHE A 132 -7.91 -9.85 -11.70
C PHE A 132 -9.11 -9.63 -10.80
N VAL A 133 -8.89 -9.05 -9.62
CA VAL A 133 -9.99 -8.90 -8.66
C VAL A 133 -10.35 -7.43 -8.45
N ARG A 134 -11.44 -7.20 -7.72
CA ARG A 134 -11.91 -5.86 -7.45
C ARG A 134 -12.64 -5.79 -6.11
N LYS A 135 -12.39 -4.74 -5.36
CA LYS A 135 -13.24 -4.39 -4.23
C LYS A 135 -14.64 -4.07 -4.71
N VAL A 136 -15.62 -4.86 -4.27
CA VAL A 136 -17.02 -4.64 -4.65
C VAL A 136 -17.46 -3.23 -4.29
N GLY A 137 -17.32 -2.88 -3.02
CA GLY A 137 -17.77 -1.58 -2.55
C GLY A 137 -18.81 -1.71 -1.46
N SER A 138 -19.13 -2.95 -1.13
CA SER A 138 -20.05 -3.25 -0.06
C SER A 138 -19.32 -4.02 1.03
N MET A 23 13.15 34.59 9.58
CA MET A 23 14.31 33.71 9.31
C MET A 23 13.98 32.24 9.56
N VAL A 24 12.74 31.98 9.90
CA VAL A 24 12.31 30.62 10.20
C VAL A 24 12.06 29.84 8.92
N SER A 25 12.68 28.67 8.80
CA SER A 25 12.56 27.85 7.62
C SER A 25 11.17 27.22 7.52
N THR A 26 10.70 27.04 6.30
CA THR A 26 9.41 26.43 6.04
C THR A 26 9.59 24.96 5.62
N LEU A 27 10.58 24.33 6.21
CA LEU A 27 10.94 22.95 5.88
C LEU A 27 10.16 21.98 6.75
N PRO A 28 10.18 20.68 6.43
CA PRO A 28 9.63 19.64 7.30
C PRO A 28 10.47 19.49 8.56
N PRO A 29 9.90 18.94 9.63
CA PRO A 29 10.61 18.74 10.89
C PRO A 29 11.63 17.60 10.80
N CYS A 30 12.12 17.20 11.95
CA CYS A 30 13.08 16.12 12.04
C CYS A 30 12.37 14.83 12.39
N PRO A 31 12.54 13.76 11.60
CA PRO A 31 11.89 12.46 11.85
C PRO A 31 12.45 11.76 13.09
N GLN A 32 13.28 12.49 13.83
CA GLN A 32 13.90 11.97 15.02
C GLN A 32 13.49 12.80 16.24
N CYS A 33 13.40 14.13 16.08
CA CYS A 33 13.04 15.01 17.19
C CYS A 33 11.61 15.53 17.00
N ASN A 34 11.34 15.98 15.78
CA ASN A 34 10.06 16.59 15.39
C ASN A 34 9.86 17.94 16.08
N SER A 35 10.85 18.34 16.86
CA SER A 35 10.80 19.60 17.60
C SER A 35 10.61 20.81 16.68
N GLU A 36 11.68 21.24 16.00
CA GLU A 36 11.65 22.46 15.18
C GLU A 36 13.03 22.89 14.67
N TYR A 37 14.07 22.42 15.33
CA TYR A 37 15.42 22.94 15.12
C TYR A 37 16.06 22.40 13.86
N THR A 38 15.28 22.22 12.83
CA THR A 38 15.76 21.74 11.56
C THR A 38 15.93 22.90 10.57
N TYR A 39 16.95 22.84 9.72
CA TYR A 39 17.22 23.92 8.77
C TYR A 39 17.78 23.32 7.49
N GLU A 40 17.95 24.14 6.47
CA GLU A 40 18.51 23.68 5.21
C GLU A 40 19.99 24.07 5.09
N ASP A 41 20.87 23.09 4.97
CA ASP A 41 22.26 23.36 4.70
C ASP A 41 22.67 22.70 3.40
N GLY A 42 22.26 23.30 2.30
CA GLY A 42 22.61 22.78 0.99
C GLY A 42 21.50 21.96 0.36
N ALA A 43 21.79 20.69 0.09
CA ALA A 43 20.87 19.83 -0.64
C ALA A 43 20.12 18.90 0.29
N LEU A 44 20.13 19.21 1.57
CA LEU A 44 19.46 18.36 2.54
C LEU A 44 19.01 19.18 3.73
N LEU A 45 18.45 18.51 4.72
CA LEU A 45 18.06 19.12 5.96
C LEU A 45 18.95 18.62 7.08
N VAL A 46 19.50 19.52 7.88
CA VAL A 46 20.42 19.15 8.94
C VAL A 46 19.81 19.51 10.28
N CYS A 47 19.76 18.57 11.20
CA CYS A 47 19.23 18.84 12.51
C CYS A 47 20.37 19.01 13.51
N PRO A 48 20.67 20.26 13.88
CA PRO A 48 21.70 20.56 14.88
C PRO A 48 21.25 20.12 16.26
N GLU A 49 19.97 19.75 16.35
CA GLU A 49 19.39 19.31 17.60
C GLU A 49 19.95 17.93 17.97
N CYS A 50 19.67 16.91 17.16
CA CYS A 50 20.16 15.57 17.44
C CYS A 50 21.46 15.26 16.72
N ALA A 51 22.10 16.27 16.11
CA ALA A 51 23.39 16.08 15.46
C ALA A 51 23.33 15.04 14.35
N HIS A 52 22.27 15.09 13.55
CA HIS A 52 22.10 14.16 12.45
C HIS A 52 21.33 14.83 11.33
N GLU A 53 21.78 14.61 10.10
CA GLU A 53 21.15 15.21 8.93
C GLU A 53 20.40 14.13 8.13
N TRP A 54 19.56 14.58 7.21
CA TRP A 54 18.77 13.67 6.41
C TRP A 54 18.24 14.39 5.17
N SER A 55 17.82 13.64 4.19
CA SER A 55 17.21 14.21 3.00
C SER A 55 15.73 13.81 2.95
N PRO A 56 14.83 14.79 2.86
CA PRO A 56 13.38 14.59 3.06
C PRO A 56 12.77 13.56 2.11
N ASN A 57 13.11 13.64 0.83
CA ASN A 57 12.53 12.75 -0.16
C ASN A 57 13.52 11.68 -0.59
N GLU A 58 14.80 12.05 -0.60
CA GLU A 58 15.86 11.16 -1.04
C GLU A 58 16.00 9.97 -0.10
N ALA A 59 15.73 10.19 1.19
CA ALA A 59 15.78 9.12 2.18
C ALA A 59 14.77 8.03 1.86
N ALA A 60 13.63 8.44 1.33
CA ALA A 60 12.58 7.51 0.96
C ALA A 60 12.85 6.93 -0.43
N THR A 61 13.29 7.80 -1.34
CA THR A 61 13.60 7.42 -2.71
C THR A 61 12.34 7.06 -3.50
N ALA A 62 11.69 5.97 -3.13
CA ALA A 62 10.52 5.49 -3.85
C ALA A 62 9.41 5.10 -2.88
N SER A 63 8.20 5.54 -3.20
CA SER A 63 7.03 5.20 -2.39
C SER A 63 6.24 4.07 -3.04
N ASP A 64 6.97 3.22 -3.80
CA ASP A 64 6.40 2.12 -4.53
C ASP A 64 5.53 2.59 -5.70
N ASP A 65 5.42 1.75 -6.72
CA ASP A 65 4.66 2.10 -7.92
C ASP A 65 3.18 1.85 -7.70
N GLY A 66 2.87 0.69 -7.15
CA GLY A 66 1.49 0.32 -6.92
C GLY A 66 1.34 -0.61 -5.74
N LYS A 67 0.83 -0.09 -4.64
CA LYS A 67 0.61 -0.88 -3.44
C LYS A 67 -0.79 -1.50 -3.46
N VAL A 68 -1.55 -1.15 -4.49
CA VAL A 68 -2.91 -1.65 -4.61
C VAL A 68 -3.07 -2.40 -5.93
N ILE A 69 -3.93 -3.41 -5.94
CA ILE A 69 -4.10 -4.26 -7.11
C ILE A 69 -5.21 -3.69 -8.01
N LYS A 70 -4.97 -3.70 -9.32
CA LYS A 70 -5.87 -3.08 -10.27
C LYS A 70 -6.39 -4.11 -11.29
N ASP A 71 -7.62 -3.89 -11.78
CA ASP A 71 -8.29 -4.84 -12.66
C ASP A 71 -7.98 -4.57 -14.12
N SER A 72 -8.56 -5.40 -14.99
CA SER A 72 -8.43 -5.22 -16.43
C SER A 72 -9.47 -4.19 -16.92
N VAL A 73 -10.30 -3.76 -16.00
CA VAL A 73 -11.31 -2.76 -16.27
C VAL A 73 -10.76 -1.38 -15.96
N GLY A 74 -9.64 -1.38 -15.25
CA GLY A 74 -9.00 -0.14 -14.86
C GLY A 74 -9.37 0.28 -13.46
N ASN A 75 -10.15 -0.52 -12.76
CA ASN A 75 -10.53 -0.21 -11.40
C ASN A 75 -9.51 -0.72 -10.40
N VAL A 76 -9.62 -0.17 -9.22
CA VAL A 76 -8.75 -0.52 -8.11
C VAL A 76 -9.61 -1.10 -7.00
N LEU A 77 -9.18 -2.20 -6.38
CA LEU A 77 -10.03 -2.90 -5.43
C LEU A 77 -9.72 -2.47 -3.99
N GLN A 78 -10.08 -3.32 -3.05
CA GLN A 78 -9.94 -3.05 -1.62
C GLN A 78 -9.95 -4.38 -0.88
N ASP A 79 -9.22 -4.49 0.22
CA ASP A 79 -9.24 -5.70 1.02
C ASP A 79 -10.58 -5.83 1.73
N GLY A 80 -11.45 -6.62 1.13
CA GLY A 80 -12.80 -6.78 1.64
C GLY A 80 -13.83 -6.47 0.58
N ASP A 81 -13.35 -5.98 -0.56
CA ASP A 81 -14.20 -5.64 -1.69
C ASP A 81 -14.69 -6.89 -2.39
N THR A 82 -15.66 -6.73 -3.26
CA THR A 82 -16.20 -7.81 -4.05
C THR A 82 -15.80 -7.61 -5.51
N ILE A 83 -15.32 -8.67 -6.15
CA ILE A 83 -14.81 -8.55 -7.50
C ILE A 83 -15.53 -9.55 -8.41
N THR A 84 -15.29 -9.45 -9.70
CA THR A 84 -15.87 -10.39 -10.66
C THR A 84 -14.95 -10.58 -11.88
N VAL A 85 -14.50 -11.82 -12.10
CA VAL A 85 -13.69 -12.17 -13.26
C VAL A 85 -14.46 -11.88 -14.55
N ILE A 86 -13.82 -11.22 -15.49
CA ILE A 86 -14.46 -10.92 -16.76
C ILE A 86 -13.98 -11.81 -17.90
N LYS A 87 -13.37 -12.95 -17.61
CA LYS A 87 -12.97 -13.88 -18.66
C LYS A 87 -13.29 -15.29 -18.21
N ASP A 88 -13.34 -16.20 -19.17
CA ASP A 88 -13.46 -17.62 -18.85
C ASP A 88 -12.09 -18.24 -18.56
N LEU A 89 -11.78 -18.42 -17.28
CA LEU A 89 -10.56 -19.08 -16.85
C LEU A 89 -10.90 -20.40 -16.16
N LYS A 90 -10.05 -21.40 -16.33
CA LYS A 90 -10.23 -22.65 -15.60
C LYS A 90 -9.53 -22.60 -14.25
N VAL A 91 -9.73 -23.65 -13.46
CA VAL A 91 -9.05 -23.81 -12.17
C VAL A 91 -8.38 -25.18 -12.16
N LYS A 92 -7.16 -25.28 -11.67
CA LYS A 92 -6.52 -26.57 -11.53
C LYS A 92 -6.55 -26.99 -10.07
N GLY A 93 -6.82 -28.25 -9.83
CA GLY A 93 -6.94 -28.73 -8.46
C GLY A 93 -8.39 -28.83 -8.04
N SER A 94 -9.18 -27.87 -8.49
CA SER A 94 -10.60 -27.84 -8.19
C SER A 94 -11.40 -28.13 -9.46
N SER A 95 -12.62 -28.61 -9.28
CA SER A 95 -13.50 -28.89 -10.41
C SER A 95 -14.18 -27.60 -10.89
N LEU A 96 -13.88 -26.50 -10.21
CA LEU A 96 -14.50 -25.24 -10.52
C LEU A 96 -13.83 -24.58 -11.69
N VAL A 97 -14.64 -23.96 -12.51
CA VAL A 97 -14.16 -23.11 -13.57
C VAL A 97 -14.54 -21.65 -13.29
N VAL A 98 -13.58 -20.77 -13.49
CA VAL A 98 -13.76 -19.35 -13.27
C VAL A 98 -14.39 -18.71 -14.50
N LYS A 99 -15.68 -18.49 -14.45
CA LYS A 99 -16.40 -17.98 -15.61
C LYS A 99 -16.69 -16.51 -15.48
N VAL A 100 -16.74 -15.82 -16.63
CA VAL A 100 -16.98 -14.38 -16.67
C VAL A 100 -18.26 -14.01 -15.88
N GLY A 101 -18.07 -13.61 -14.64
CA GLY A 101 -19.17 -13.29 -13.74
C GLY A 101 -18.98 -13.94 -12.38
N THR A 102 -17.84 -14.60 -12.23
CA THR A 102 -17.47 -15.23 -10.96
C THR A 102 -17.35 -14.18 -9.86
N LYS A 103 -18.35 -14.14 -9.00
CA LYS A 103 -18.36 -13.14 -7.94
C LYS A 103 -17.60 -13.65 -6.73
N VAL A 104 -16.52 -12.98 -6.39
CA VAL A 104 -15.76 -13.32 -5.20
C VAL A 104 -15.61 -12.09 -4.32
N LYS A 105 -16.18 -12.17 -3.13
CA LYS A 105 -16.21 -11.03 -2.22
C LYS A 105 -15.22 -11.17 -1.09
N ASN A 106 -14.94 -10.03 -0.46
CA ASN A 106 -14.18 -9.97 0.79
C ASN A 106 -12.74 -10.40 0.57
N ILE A 107 -12.15 -10.01 -0.57
CA ILE A 107 -10.78 -10.38 -0.91
C ILE A 107 -9.73 -9.74 0.00
N ARG A 108 -8.48 -10.04 -0.32
CA ARG A 108 -7.31 -9.48 0.33
C ARG A 108 -6.37 -8.97 -0.74
N LEU A 109 -5.91 -7.74 -0.64
CA LEU A 109 -4.94 -7.23 -1.59
C LEU A 109 -3.54 -7.64 -1.15
N VAL A 110 -2.83 -8.33 -2.03
CA VAL A 110 -1.51 -8.82 -1.71
C VAL A 110 -0.47 -7.80 -2.17
N ASP A 111 0.75 -7.91 -1.68
CA ASP A 111 1.81 -7.00 -2.11
C ASP A 111 2.28 -7.39 -3.50
N GLY A 112 1.83 -6.66 -4.49
CA GLY A 112 2.22 -6.95 -5.86
C GLY A 112 1.34 -6.27 -6.87
N ASP A 113 1.49 -6.69 -8.12
CA ASP A 113 0.74 -6.13 -9.24
C ASP A 113 -0.40 -7.04 -9.67
N HIS A 114 -0.10 -8.33 -9.78
CA HIS A 114 -1.05 -9.34 -10.21
C HIS A 114 -1.50 -10.20 -9.04
N ASP A 115 -1.99 -9.55 -7.99
CA ASP A 115 -2.06 -10.19 -6.69
C ASP A 115 -3.38 -9.97 -5.97
N ILE A 116 -4.29 -10.90 -6.13
CA ILE A 116 -5.56 -10.84 -5.41
C ILE A 116 -5.81 -12.13 -4.66
N ASP A 117 -5.90 -12.01 -3.36
CA ASP A 117 -6.23 -13.14 -2.53
C ASP A 117 -7.71 -13.14 -2.26
N CYS A 118 -8.33 -14.27 -2.44
CA CYS A 118 -9.75 -14.38 -2.22
C CYS A 118 -10.06 -15.63 -1.41
N LYS A 119 -10.97 -15.50 -0.49
CA LYS A 119 -11.31 -16.59 0.41
C LYS A 119 -12.72 -17.05 0.11
N ILE A 120 -12.87 -18.35 -0.12
CA ILE A 120 -14.13 -18.89 -0.55
C ILE A 120 -14.57 -20.00 0.39
N ASP A 121 -15.60 -19.73 1.17
CA ASP A 121 -16.08 -20.70 2.14
C ASP A 121 -16.81 -21.80 1.41
N GLY A 122 -16.10 -22.87 1.12
CA GLY A 122 -16.68 -23.98 0.45
C GLY A 122 -15.63 -24.87 -0.16
N ILE A 123 -14.80 -24.27 -1.01
CA ILE A 123 -13.68 -24.97 -1.61
C ILE A 123 -12.36 -24.55 -0.94
N GLY A 124 -12.23 -23.25 -0.68
CA GLY A 124 -11.07 -22.75 0.04
C GLY A 124 -10.61 -21.41 -0.51
N ALA A 125 -9.36 -21.06 -0.25
CA ALA A 125 -8.81 -19.81 -0.73
C ALA A 125 -8.24 -19.98 -2.14
N MET A 126 -8.37 -18.95 -2.96
CA MET A 126 -7.93 -19.02 -4.34
C MET A 126 -7.15 -17.75 -4.72
N LYS A 127 -6.29 -17.88 -5.73
CA LYS A 127 -5.53 -16.75 -6.24
C LYS A 127 -6.15 -16.24 -7.53
N LEU A 128 -6.12 -14.92 -7.73
CA LEU A 128 -6.75 -14.32 -8.89
C LEU A 128 -5.81 -13.36 -9.60
N LYS A 129 -5.83 -13.46 -10.92
CA LYS A 129 -5.07 -12.55 -11.75
C LYS A 129 -5.87 -11.30 -11.99
N SER A 130 -5.37 -10.19 -11.47
CA SER A 130 -6.02 -8.90 -11.59
C SER A 130 -6.34 -8.58 -13.05
N GLU A 131 -5.45 -9.00 -13.94
CA GLU A 131 -5.62 -8.83 -15.37
C GLU A 131 -6.85 -9.55 -15.90
N PHE A 132 -7.43 -10.45 -15.11
CA PHE A 132 -8.61 -11.17 -15.55
C PHE A 132 -9.84 -10.80 -14.72
N VAL A 133 -9.70 -9.88 -13.79
CA VAL A 133 -10.81 -9.57 -12.87
C VAL A 133 -11.35 -8.16 -13.07
N ARG A 134 -12.47 -7.91 -12.42
CA ARG A 134 -13.15 -6.63 -12.50
C ARG A 134 -13.73 -6.26 -11.15
N LYS A 135 -13.65 -4.98 -10.81
CA LYS A 135 -14.22 -4.50 -9.57
C LYS A 135 -15.73 -4.51 -9.64
N VAL A 136 -16.35 -4.89 -8.53
CA VAL A 136 -17.79 -4.80 -8.39
C VAL A 136 -18.14 -3.62 -7.48
N GLY A 137 -17.47 -3.56 -6.34
CA GLY A 137 -17.72 -2.50 -5.39
C GLY A 137 -19.10 -2.61 -4.76
N SER A 138 -19.56 -3.84 -4.61
CA SER A 138 -20.86 -4.09 -4.02
C SER A 138 -20.85 -5.44 -3.31
N MET A 23 -0.21 7.68 10.99
CA MET A 23 -0.41 6.55 11.93
C MET A 23 -0.54 5.26 11.16
N VAL A 24 0.01 4.17 11.73
CA VAL A 24 0.12 2.91 11.03
C VAL A 24 0.75 3.14 9.66
N SER A 25 1.74 4.00 9.65
CA SER A 25 2.34 4.45 8.42
C SER A 25 3.67 3.76 8.21
N THR A 26 3.94 3.38 6.97
CA THR A 26 5.18 2.73 6.63
C THR A 26 6.08 3.68 5.84
N LEU A 27 5.93 4.98 6.14
CA LEU A 27 6.70 6.01 5.46
C LEU A 27 8.18 5.84 5.75
N PRO A 28 9.02 6.18 4.78
CA PRO A 28 10.47 6.11 4.93
C PRO A 28 10.97 7.16 5.91
N PRO A 29 12.18 6.97 6.43
CA PRO A 29 12.81 7.96 7.30
C PRO A 29 13.24 9.20 6.53
N CYS A 30 14.04 10.02 7.17
CA CYS A 30 14.56 11.23 6.55
C CYS A 30 15.96 10.99 6.02
N PRO A 31 16.22 11.33 4.75
CA PRO A 31 17.55 11.16 4.15
C PRO A 31 18.54 12.19 4.68
N GLN A 32 18.10 12.91 5.70
CA GLN A 32 18.89 13.95 6.30
C GLN A 32 19.14 13.65 7.76
N CYS A 33 18.15 13.10 8.47
CA CYS A 33 18.34 12.72 9.87
C CYS A 33 18.37 11.20 9.98
N ASN A 34 17.32 10.58 9.42
CA ASN A 34 17.08 9.14 9.46
C ASN A 34 16.66 8.68 10.86
N SER A 35 16.50 9.63 11.78
CA SER A 35 16.10 9.31 13.15
C SER A 35 14.75 8.60 13.18
N GLU A 36 13.63 9.34 13.03
CA GLU A 36 12.30 8.70 13.00
C GLU A 36 11.14 9.70 12.91
N TYR A 37 11.38 10.98 13.17
CA TYR A 37 10.28 11.94 13.33
C TYR A 37 9.77 12.45 11.98
N THR A 38 9.83 11.58 10.99
CA THR A 38 9.31 11.89 9.67
C THR A 38 7.86 11.42 9.58
N TYR A 39 6.97 12.26 9.03
CA TYR A 39 5.55 11.99 9.08
C TYR A 39 4.90 12.44 7.78
N GLU A 40 3.63 12.09 7.57
CA GLU A 40 2.92 12.44 6.35
C GLU A 40 2.05 13.68 6.55
N ASP A 41 2.32 14.74 5.81
CA ASP A 41 1.45 15.90 5.80
C ASP A 41 1.00 16.18 4.38
N GLY A 42 -0.06 15.52 3.94
CA GLY A 42 -0.62 15.79 2.64
C GLY A 42 -0.04 14.92 1.54
N ALA A 43 0.71 15.55 0.65
CA ALA A 43 1.21 14.88 -0.55
C ALA A 43 2.71 14.68 -0.51
N LEU A 44 3.29 14.75 0.67
CA LEU A 44 4.72 14.57 0.82
C LEU A 44 5.05 14.14 2.24
N LEU A 45 6.33 14.03 2.54
CA LEU A 45 6.80 13.75 3.88
C LEU A 45 7.47 14.99 4.46
N VAL A 46 7.10 15.35 5.67
CA VAL A 46 7.63 16.53 6.31
C VAL A 46 8.44 16.13 7.52
N CYS A 47 9.67 16.56 7.62
CA CYS A 47 10.48 16.23 8.76
C CYS A 47 10.59 17.44 9.68
N PRO A 48 9.84 17.45 10.79
CA PRO A 48 9.96 18.49 11.81
C PRO A 48 11.30 18.36 12.53
N GLU A 49 11.87 17.19 12.33
CA GLU A 49 13.11 16.78 12.94
C GLU A 49 14.27 17.67 12.50
N CYS A 50 14.36 17.97 11.19
CA CYS A 50 15.34 18.95 10.71
C CYS A 50 14.67 20.16 10.05
N ALA A 51 13.35 20.29 10.20
CA ALA A 51 12.62 21.42 9.61
C ALA A 51 12.79 21.50 8.09
N HIS A 52 12.63 20.38 7.42
CA HIS A 52 12.74 20.34 5.97
C HIS A 52 11.74 19.34 5.38
N GLU A 53 11.01 19.79 4.37
CA GLU A 53 10.01 18.97 3.70
C GLU A 53 10.66 18.26 2.52
N TRP A 54 10.24 17.03 2.24
CA TRP A 54 10.81 16.28 1.13
C TRP A 54 9.80 15.33 0.53
N SER A 55 10.06 14.89 -0.67
CA SER A 55 9.23 13.90 -1.33
C SER A 55 10.07 12.67 -1.61
N PRO A 56 9.62 11.49 -1.12
CA PRO A 56 10.36 10.24 -1.33
C PRO A 56 10.56 9.93 -2.80
N ASN A 57 9.70 10.50 -3.63
CA ASN A 57 9.75 10.27 -5.06
C ASN A 57 10.42 11.43 -5.78
N GLU A 58 9.88 12.63 -5.58
CA GLU A 58 10.31 13.81 -6.34
C GLU A 58 11.74 14.23 -6.00
N ALA A 59 12.23 13.78 -4.85
CA ALA A 59 13.60 14.08 -4.45
C ALA A 59 14.59 13.51 -5.44
N ALA A 60 14.50 12.20 -5.66
CA ALA A 60 15.42 11.51 -6.56
C ALA A 60 14.92 11.59 -8.00
N THR A 61 13.64 11.31 -8.19
CA THR A 61 13.07 11.20 -9.52
C THR A 61 12.06 12.31 -9.78
N ALA A 62 11.85 12.63 -11.05
CA ALA A 62 10.91 13.67 -11.43
C ALA A 62 9.47 13.17 -11.33
N SER A 63 8.56 14.06 -10.96
CA SER A 63 7.16 13.71 -10.81
C SER A 63 6.43 13.69 -12.15
N ASP A 64 7.20 13.75 -13.23
CA ASP A 64 6.65 13.66 -14.58
C ASP A 64 6.96 12.31 -15.18
N ASP A 65 6.02 11.76 -15.91
CA ASP A 65 6.20 10.46 -16.54
C ASP A 65 5.28 10.31 -17.74
N GLY A 66 4.01 10.02 -17.47
CA GLY A 66 3.04 9.87 -18.54
C GLY A 66 2.33 8.52 -18.49
N LYS A 67 3.03 7.50 -18.01
CA LYS A 67 2.46 6.17 -17.94
C LYS A 67 1.68 6.00 -16.64
N VAL A 68 0.38 5.80 -16.79
CA VAL A 68 -0.52 5.70 -15.65
C VAL A 68 -1.42 4.47 -15.82
N ILE A 69 -1.82 3.86 -14.70
CA ILE A 69 -2.56 2.59 -14.71
C ILE A 69 -4.06 2.83 -14.49
N LYS A 70 -4.87 2.10 -15.22
CA LYS A 70 -6.32 2.18 -15.10
C LYS A 70 -6.89 0.95 -14.41
N ASP A 71 -8.20 0.94 -14.25
CA ASP A 71 -8.89 -0.20 -13.64
C ASP A 71 -9.90 -0.81 -14.60
N SER A 72 -10.58 -1.85 -14.13
CA SER A 72 -11.66 -2.48 -14.88
C SER A 72 -12.90 -1.58 -14.82
N VAL A 73 -12.78 -0.55 -14.01
CA VAL A 73 -13.85 0.41 -13.76
C VAL A 73 -13.73 1.57 -14.74
N GLY A 74 -12.56 1.66 -15.34
CA GLY A 74 -12.29 2.72 -16.28
C GLY A 74 -11.69 3.93 -15.62
N ASN A 75 -11.51 3.87 -14.31
CA ASN A 75 -10.91 4.99 -13.60
C ASN A 75 -9.40 4.86 -13.55
N VAL A 76 -8.75 5.98 -13.28
CA VAL A 76 -7.30 6.09 -13.34
C VAL A 76 -6.76 6.37 -11.93
N LEU A 77 -5.71 5.69 -11.54
CA LEU A 77 -5.25 5.69 -10.15
C LEU A 77 -4.03 6.58 -9.99
N GLN A 78 -3.51 6.62 -8.78
CA GLN A 78 -2.30 7.36 -8.49
C GLN A 78 -1.35 6.48 -7.67
N ASP A 79 -0.08 6.79 -7.71
CA ASP A 79 0.87 6.12 -6.86
C ASP A 79 0.69 6.63 -5.43
N GLY A 80 0.66 5.69 -4.50
CA GLY A 80 0.33 6.01 -3.12
C GLY A 80 -1.17 5.91 -2.85
N ASP A 81 -1.95 5.74 -3.91
CA ASP A 81 -3.41 5.64 -3.80
C ASP A 81 -3.82 4.28 -3.22
N THR A 82 -5.09 4.15 -2.86
CA THR A 82 -5.61 2.91 -2.35
C THR A 82 -6.45 2.24 -3.43
N ILE A 83 -6.29 0.94 -3.61
CA ILE A 83 -7.04 0.22 -4.62
C ILE A 83 -7.81 -0.93 -3.99
N THR A 84 -8.70 -1.53 -4.75
CA THR A 84 -9.48 -2.66 -4.29
C THR A 84 -9.85 -3.59 -5.47
N VAL A 85 -9.36 -4.82 -5.41
CA VAL A 85 -9.68 -5.83 -6.42
C VAL A 85 -11.18 -6.09 -6.43
N ILE A 86 -11.79 -6.07 -7.59
CA ILE A 86 -13.21 -6.35 -7.68
C ILE A 86 -13.50 -7.78 -8.13
N LYS A 87 -12.52 -8.67 -8.05
CA LYS A 87 -12.73 -10.04 -8.50
C LYS A 87 -12.15 -10.99 -7.47
N ASP A 88 -12.60 -12.23 -7.47
CA ASP A 88 -11.94 -13.25 -6.66
C ASP A 88 -10.79 -13.89 -7.42
N LEU A 89 -9.57 -13.51 -7.02
CA LEU A 89 -8.34 -14.02 -7.61
C LEU A 89 -7.51 -14.70 -6.52
N LYS A 90 -6.78 -15.74 -6.87
CA LYS A 90 -5.87 -16.36 -5.91
C LYS A 90 -4.52 -15.66 -5.91
N VAL A 91 -3.66 -16.09 -4.99
CA VAL A 91 -2.28 -15.64 -4.95
C VAL A 91 -1.40 -16.88 -5.08
N LYS A 92 -0.45 -16.87 -6.00
CA LYS A 92 0.36 -18.05 -6.25
C LYS A 92 1.62 -18.03 -5.39
N GLY A 93 1.70 -18.97 -4.46
CA GLY A 93 2.86 -19.05 -3.59
C GLY A 93 2.51 -18.69 -2.16
N SER A 94 1.41 -17.97 -2.02
CA SER A 94 0.91 -17.62 -0.70
C SER A 94 -0.45 -18.27 -0.50
N SER A 95 -0.85 -18.42 0.76
CA SER A 95 -2.13 -19.02 1.09
C SER A 95 -3.23 -17.96 1.12
N LEU A 96 -2.87 -16.74 0.76
CA LEU A 96 -3.82 -15.65 0.73
C LEU A 96 -4.60 -15.66 -0.56
N VAL A 97 -5.89 -15.44 -0.45
CA VAL A 97 -6.75 -15.26 -1.61
C VAL A 97 -7.10 -13.79 -1.78
N VAL A 98 -7.02 -13.31 -3.00
CA VAL A 98 -7.38 -11.94 -3.34
C VAL A 98 -8.88 -11.85 -3.62
N LYS A 99 -9.61 -11.36 -2.65
CA LYS A 99 -11.07 -11.35 -2.74
C LYS A 99 -11.60 -9.97 -3.09
N VAL A 100 -12.72 -9.93 -3.81
CA VAL A 100 -13.37 -8.68 -4.19
C VAL A 100 -13.53 -7.76 -2.96
N GLY A 101 -12.59 -6.84 -2.82
CA GLY A 101 -12.59 -5.94 -1.67
C GLY A 101 -11.22 -5.92 -1.01
N THR A 102 -10.27 -6.60 -1.65
CA THR A 102 -8.88 -6.60 -1.19
C THR A 102 -8.32 -5.19 -1.24
N LYS A 103 -8.22 -4.58 -0.09
CA LYS A 103 -7.81 -3.20 -0.02
C LYS A 103 -6.30 -3.09 0.12
N VAL A 104 -5.66 -2.58 -0.92
CA VAL A 104 -4.23 -2.34 -0.87
C VAL A 104 -3.97 -0.85 -1.05
N LYS A 105 -3.42 -0.24 -0.01
CA LYS A 105 -3.19 1.19 0.01
C LYS A 105 -1.73 1.49 -0.26
N ASN A 106 -1.50 2.66 -0.87
CA ASN A 106 -0.16 3.15 -1.14
C ASN A 106 0.54 2.30 -2.19
N ILE A 107 -0.15 2.04 -3.31
CA ILE A 107 0.44 1.35 -4.46
C ILE A 107 1.52 2.18 -5.14
N ARG A 108 2.01 1.65 -6.24
CA ARG A 108 2.93 2.34 -7.11
C ARG A 108 2.50 2.11 -8.54
N LEU A 109 2.38 3.16 -9.33
CA LEU A 109 2.05 2.98 -10.73
C LEU A 109 3.32 2.68 -11.48
N VAL A 110 3.35 1.55 -12.16
CA VAL A 110 4.54 1.13 -12.86
C VAL A 110 4.40 1.42 -14.35
N ASP A 111 5.44 1.12 -15.10
CA ASP A 111 5.47 1.46 -16.52
C ASP A 111 4.69 0.48 -17.36
N GLY A 112 3.43 0.80 -17.56
CA GLY A 112 2.56 0.01 -18.40
C GLY A 112 1.13 0.43 -18.20
N ASP A 113 0.19 -0.29 -18.81
CA ASP A 113 -1.23 -0.01 -18.62
C ASP A 113 -1.86 -1.01 -17.65
N HIS A 114 -1.29 -2.21 -17.63
CA HIS A 114 -1.79 -3.31 -16.81
C HIS A 114 -0.83 -3.57 -15.65
N ASP A 115 -0.50 -2.53 -14.91
CA ASP A 115 0.71 -2.53 -14.10
C ASP A 115 0.55 -1.84 -12.75
N ILE A 116 0.22 -2.59 -11.72
CA ILE A 116 0.10 -2.00 -10.39
C ILE A 116 0.98 -2.68 -9.38
N ASP A 117 1.98 -1.97 -8.93
CA ASP A 117 2.90 -2.49 -7.97
C ASP A 117 2.48 -2.07 -6.60
N CYS A 118 2.48 -3.00 -5.68
CA CYS A 118 1.99 -2.71 -4.36
C CYS A 118 2.82 -3.45 -3.32
N LYS A 119 2.99 -2.82 -2.17
CA LYS A 119 3.82 -3.35 -1.11
C LYS A 119 2.95 -3.89 0.00
N ILE A 120 3.20 -5.12 0.42
CA ILE A 120 2.41 -5.75 1.46
C ILE A 120 3.34 -6.32 2.51
N ASP A 121 3.38 -5.68 3.66
CA ASP A 121 4.28 -6.07 4.72
C ASP A 121 3.77 -7.31 5.42
N GLY A 122 4.28 -8.44 4.98
CA GLY A 122 3.86 -9.73 5.50
C GLY A 122 4.34 -10.83 4.58
N ILE A 123 3.84 -10.81 3.36
CA ILE A 123 4.30 -11.74 2.34
C ILE A 123 5.32 -11.07 1.44
N GLY A 124 5.04 -9.82 1.06
CA GLY A 124 6.00 -9.05 0.28
C GLY A 124 5.29 -8.16 -0.72
N ALA A 125 6.01 -7.75 -1.75
CA ALA A 125 5.43 -6.94 -2.80
C ALA A 125 4.65 -7.83 -3.77
N MET A 126 3.56 -7.31 -4.31
CA MET A 126 2.72 -8.07 -5.22
C MET A 126 2.34 -7.22 -6.43
N LYS A 127 2.02 -7.89 -7.52
CA LYS A 127 1.62 -7.20 -8.73
C LYS A 127 0.14 -7.47 -9.01
N LEU A 128 -0.56 -6.47 -9.50
CA LEU A 128 -1.99 -6.54 -9.66
C LEU A 128 -2.42 -6.25 -11.09
N LYS A 129 -3.39 -7.02 -11.54
CA LYS A 129 -3.97 -6.85 -12.85
C LYS A 129 -4.92 -5.68 -12.84
N SER A 130 -4.58 -4.67 -13.63
CA SER A 130 -5.42 -3.50 -13.82
C SER A 130 -6.86 -3.90 -14.09
N GLU A 131 -7.02 -4.92 -14.92
CA GLU A 131 -8.33 -5.39 -15.34
C GLU A 131 -9.11 -6.04 -14.21
N PHE A 132 -8.46 -6.33 -13.10
CA PHE A 132 -9.15 -6.95 -12.00
C PHE A 132 -9.24 -6.03 -10.78
N VAL A 133 -8.77 -4.81 -10.89
CA VAL A 133 -8.74 -3.92 -9.73
C VAL A 133 -9.67 -2.72 -9.88
N ARG A 134 -9.86 -2.01 -8.79
CA ARG A 134 -10.66 -0.80 -8.77
C ARG A 134 -10.17 0.18 -7.72
N LYS A 135 -9.96 1.39 -8.16
CA LYS A 135 -9.61 2.49 -7.29
C LYS A 135 -10.71 2.72 -6.26
N VAL A 136 -10.30 2.87 -5.01
CA VAL A 136 -11.26 3.03 -3.92
C VAL A 136 -11.86 4.43 -3.92
N GLY A 137 -10.99 5.43 -3.88
CA GLY A 137 -11.44 6.80 -3.75
C GLY A 137 -10.98 7.40 -2.44
N SER A 138 -10.44 6.54 -1.60
CA SER A 138 -9.89 6.95 -0.32
C SER A 138 -8.38 7.11 -0.45
N MET A 23 16.04 8.20 21.21
CA MET A 23 15.02 8.24 20.13
C MET A 23 15.45 9.17 19.01
N VAL A 24 15.72 8.61 17.85
CA VAL A 24 15.97 9.37 16.66
C VAL A 24 15.20 8.79 15.49
N SER A 25 14.55 9.66 14.72
CA SER A 25 13.77 9.21 13.57
C SER A 25 14.68 8.65 12.48
N THR A 26 14.19 7.64 11.77
CA THR A 26 14.97 6.98 10.73
C THR A 26 14.87 7.74 9.40
N LEU A 27 14.78 9.07 9.52
CA LEU A 27 14.55 9.92 8.37
C LEU A 27 15.80 10.74 8.05
N PRO A 28 15.85 11.39 6.88
CA PRO A 28 16.91 12.34 6.56
C PRO A 28 16.75 13.64 7.34
N PRO A 29 17.82 14.42 7.50
CA PRO A 29 17.78 15.69 8.22
C PRO A 29 17.06 16.79 7.45
N CYS A 30 17.27 18.03 7.89
CA CYS A 30 16.65 19.18 7.26
C CYS A 30 17.64 19.85 6.32
N PRO A 31 17.24 20.09 5.05
CA PRO A 31 18.11 20.73 4.05
C PRO A 31 18.33 22.22 4.33
N GLN A 32 17.89 22.66 5.50
CA GLN A 32 18.05 24.04 5.90
C GLN A 32 18.87 24.14 7.17
N CYS A 33 18.67 23.21 8.11
CA CYS A 33 19.40 23.24 9.37
C CYS A 33 20.41 22.09 9.41
N ASN A 34 19.94 20.90 9.03
CA ASN A 34 20.74 19.66 9.02
C ASN A 34 21.08 19.20 10.45
N SER A 35 20.56 19.93 11.42
CA SER A 35 20.80 19.65 12.83
C SER A 35 20.57 18.16 13.20
N GLU A 36 19.30 17.75 13.35
CA GLU A 36 18.97 16.37 13.73
C GLU A 36 17.49 16.21 14.08
N TYR A 37 16.86 17.28 14.55
CA TYR A 37 15.54 17.16 15.13
C TYR A 37 14.47 17.27 14.07
N THR A 38 14.58 16.40 13.11
CA THR A 38 13.58 16.27 12.07
C THR A 38 12.75 15.01 12.31
N TYR A 39 11.46 15.08 12.08
CA TYR A 39 10.56 13.98 12.42
C TYR A 39 9.51 13.80 11.35
N GLU A 40 8.74 12.73 11.44
CA GLU A 40 7.69 12.47 10.48
C GLU A 40 6.33 12.87 11.03
N ASP A 41 5.70 13.87 10.44
CA ASP A 41 4.36 14.24 10.79
C ASP A 41 3.43 13.95 9.63
N GLY A 42 3.00 12.71 9.53
CA GLY A 42 2.06 12.35 8.48
C GLY A 42 2.74 11.83 7.23
N ALA A 43 2.71 12.64 6.17
CA ALA A 43 3.13 12.20 4.84
C ALA A 43 4.38 12.94 4.39
N LEU A 44 5.12 13.52 5.31
CA LEU A 44 6.33 14.24 4.97
C LEU A 44 7.21 14.43 6.21
N LEU A 45 8.30 15.17 6.05
CA LEU A 45 9.18 15.47 7.17
C LEU A 45 9.01 16.93 7.59
N VAL A 46 8.88 17.16 8.89
CA VAL A 46 8.66 18.50 9.40
C VAL A 46 9.82 18.89 10.31
N CYS A 47 10.41 20.05 10.08
CA CYS A 47 11.46 20.55 10.94
C CYS A 47 10.89 21.57 11.90
N PRO A 48 10.81 21.23 13.19
CA PRO A 48 10.27 22.12 14.22
C PRO A 48 11.19 23.31 14.45
N GLU A 49 12.42 23.19 13.97
CA GLU A 49 13.40 24.24 14.10
C GLU A 49 13.02 25.44 13.23
N CYS A 50 13.18 25.32 11.91
CA CYS A 50 13.03 26.46 11.04
C CYS A 50 11.60 26.66 10.57
N ALA A 51 10.64 25.94 11.17
CA ALA A 51 9.23 26.14 10.88
C ALA A 51 8.89 25.96 9.41
N HIS A 52 9.41 24.89 8.81
CA HIS A 52 9.10 24.59 7.42
C HIS A 52 9.02 23.09 7.22
N GLU A 53 7.94 22.64 6.60
CA GLU A 53 7.77 21.25 6.27
C GLU A 53 8.33 21.00 4.88
N TRP A 54 8.77 19.78 4.61
CA TRP A 54 9.39 19.46 3.35
C TRP A 54 9.23 17.98 3.08
N SER A 55 9.38 17.60 1.85
CA SER A 55 9.26 16.21 1.47
C SER A 55 10.55 15.74 0.83
N PRO A 56 11.10 14.59 1.28
CA PRO A 56 12.44 14.14 0.91
C PRO A 56 12.66 14.02 -0.59
N ASN A 57 11.64 13.57 -1.29
CA ASN A 57 11.74 13.41 -2.74
C ASN A 57 10.67 14.24 -3.42
N GLU A 58 9.52 14.28 -2.77
CA GLU A 58 8.30 14.83 -3.34
C GLU A 58 8.42 16.34 -3.53
N ALA A 59 9.32 16.97 -2.79
CA ALA A 59 9.57 18.40 -2.94
C ALA A 59 10.20 18.68 -4.30
N ALA A 60 11.01 17.75 -4.77
CA ALA A 60 11.62 17.86 -6.09
C ALA A 60 10.67 17.35 -7.16
N THR A 61 10.32 16.07 -7.08
CA THR A 61 9.41 15.45 -8.02
C THR A 61 9.20 13.98 -7.67
N ALA A 62 8.36 13.31 -8.43
CA ALA A 62 8.03 11.91 -8.17
C ALA A 62 8.15 11.08 -9.44
N SER A 63 9.31 10.45 -9.61
CA SER A 63 9.57 9.66 -10.80
C SER A 63 9.39 8.16 -10.53
N ASP A 64 8.76 7.84 -9.41
CA ASP A 64 8.53 6.45 -9.04
C ASP A 64 7.08 6.23 -8.66
N ASP A 65 6.56 5.10 -9.07
CA ASP A 65 5.19 4.71 -8.76
C ASP A 65 5.17 3.33 -8.13
N GLY A 66 6.34 2.73 -8.01
CA GLY A 66 6.45 1.38 -7.46
C GLY A 66 6.38 1.38 -5.95
N LYS A 67 5.50 2.18 -5.40
CA LYS A 67 5.32 2.30 -3.97
C LYS A 67 3.98 1.73 -3.53
N VAL A 68 2.94 2.02 -4.33
CA VAL A 68 1.58 1.60 -4.00
C VAL A 68 0.97 0.86 -5.19
N ILE A 69 -0.01 0.01 -4.90
CA ILE A 69 -0.64 -0.80 -5.95
C ILE A 69 -1.89 -0.08 -6.47
N LYS A 70 -2.09 -0.11 -7.78
CA LYS A 70 -3.21 0.58 -8.42
C LYS A 70 -3.99 -0.38 -9.31
N ASP A 71 -5.31 -0.23 -9.34
CA ASP A 71 -6.19 -1.20 -9.98
C ASP A 71 -6.64 -0.75 -11.36
N SER A 72 -7.45 -1.58 -12.03
CA SER A 72 -7.86 -1.33 -13.41
C SER A 72 -8.93 -0.24 -13.46
N VAL A 73 -9.36 0.16 -12.29
CA VAL A 73 -10.36 1.21 -12.14
C VAL A 73 -9.67 2.56 -12.08
N GLY A 74 -8.37 2.50 -11.84
CA GLY A 74 -7.59 3.71 -11.68
C GLY A 74 -7.46 4.11 -10.23
N ASN A 75 -8.12 3.35 -9.37
CA ASN A 75 -8.09 3.63 -7.95
C ASN A 75 -6.91 2.96 -7.26
N VAL A 76 -6.45 3.63 -6.23
CA VAL A 76 -5.27 3.23 -5.47
C VAL A 76 -5.71 2.61 -4.15
N LEU A 77 -5.09 1.50 -3.76
CA LEU A 77 -5.59 0.72 -2.63
C LEU A 77 -4.80 1.01 -1.36
N GLN A 78 -5.18 0.34 -0.29
CA GLN A 78 -4.48 0.41 0.97
C GLN A 78 -4.26 -1.00 1.51
N ASP A 79 -3.26 -1.17 2.36
CA ASP A 79 -3.07 -2.43 3.04
C ASP A 79 -4.20 -2.61 4.04
N GLY A 80 -4.71 -3.82 4.11
CA GLY A 80 -5.83 -4.10 4.99
C GLY A 80 -7.17 -3.72 4.39
N ASP A 81 -7.12 -3.09 3.21
CA ASP A 81 -8.34 -2.70 2.51
C ASP A 81 -9.03 -3.91 1.94
N THR A 82 -10.24 -3.71 1.42
CA THR A 82 -10.97 -4.77 0.77
C THR A 82 -11.00 -4.48 -0.72
N ILE A 83 -10.80 -5.51 -1.53
CA ILE A 83 -10.79 -5.32 -2.97
C ILE A 83 -11.87 -6.20 -3.61
N THR A 84 -12.12 -5.98 -4.89
CA THR A 84 -13.06 -6.79 -5.62
C THR A 84 -12.66 -6.90 -7.11
N VAL A 85 -12.36 -8.12 -7.54
CA VAL A 85 -11.99 -8.39 -8.94
C VAL A 85 -13.14 -8.01 -9.86
N ILE A 86 -12.86 -7.23 -10.88
CA ILE A 86 -13.90 -6.83 -11.81
C ILE A 86 -13.88 -7.63 -13.11
N LYS A 87 -13.19 -8.77 -13.15
CA LYS A 87 -13.12 -9.58 -14.36
C LYS A 87 -13.31 -11.05 -13.99
N ASP A 88 -13.58 -11.87 -14.99
CA ASP A 88 -13.56 -13.32 -14.80
C ASP A 88 -12.16 -13.90 -14.99
N LEU A 89 -11.62 -14.45 -13.92
CA LEU A 89 -10.34 -15.16 -13.93
C LEU A 89 -10.51 -16.51 -13.24
N LYS A 90 -9.78 -17.51 -13.68
CA LYS A 90 -9.76 -18.78 -12.98
C LYS A 90 -8.61 -18.81 -11.98
N VAL A 91 -8.54 -19.88 -11.19
CA VAL A 91 -7.46 -20.06 -10.22
C VAL A 91 -6.70 -21.32 -10.62
N LYS A 92 -5.36 -21.26 -10.61
CA LYS A 92 -4.51 -22.37 -11.06
C LYS A 92 -4.95 -23.75 -10.58
N GLY A 93 -4.47 -24.15 -9.41
CA GLY A 93 -4.69 -25.50 -8.95
C GLY A 93 -5.88 -25.64 -8.03
N SER A 94 -6.79 -24.68 -8.11
CA SER A 94 -7.99 -24.73 -7.29
C SER A 94 -9.24 -24.70 -8.16
N SER A 95 -10.32 -25.25 -7.65
CA SER A 95 -11.59 -25.29 -8.38
C SER A 95 -12.35 -23.99 -8.21
N LEU A 96 -11.72 -23.00 -7.58
CA LEU A 96 -12.35 -21.72 -7.35
C LEU A 96 -12.11 -20.81 -8.53
N VAL A 97 -13.16 -20.20 -9.01
CA VAL A 97 -13.07 -19.21 -10.05
C VAL A 97 -13.16 -17.80 -9.46
N VAL A 98 -12.26 -16.95 -9.90
CA VAL A 98 -12.24 -15.55 -9.50
C VAL A 98 -13.18 -14.75 -10.40
N LYS A 99 -14.37 -14.48 -9.89
CA LYS A 99 -15.41 -13.87 -10.72
C LYS A 99 -15.65 -12.41 -10.32
N VAL A 100 -16.10 -11.62 -11.30
CA VAL A 100 -16.32 -10.19 -11.10
C VAL A 100 -17.21 -9.93 -9.87
N GLY A 101 -16.55 -9.61 -8.76
CA GLY A 101 -17.25 -9.38 -7.51
C GLY A 101 -16.62 -10.16 -6.36
N THR A 102 -15.50 -10.82 -6.67
CA THR A 102 -14.74 -11.57 -5.67
C THR A 102 -14.22 -10.63 -4.58
N LYS A 103 -14.84 -10.70 -3.42
CA LYS A 103 -14.49 -9.80 -2.34
C LYS A 103 -13.38 -10.39 -1.48
N VAL A 104 -12.22 -9.75 -1.51
CA VAL A 104 -11.10 -10.17 -0.67
C VAL A 104 -10.67 -8.99 0.20
N LYS A 105 -10.81 -9.16 1.50
CA LYS A 105 -10.55 -8.08 2.44
C LYS A 105 -9.24 -8.28 3.19
N ASN A 106 -8.67 -7.16 3.62
CA ASN A 106 -7.49 -7.14 4.48
C ASN A 106 -6.24 -7.57 3.72
N ILE A 107 -6.08 -7.07 2.49
CA ILE A 107 -4.92 -7.38 1.66
C ILE A 107 -3.61 -6.79 2.20
N ARG A 108 -2.57 -7.03 1.43
CA ARG A 108 -1.26 -6.47 1.65
C ARG A 108 -0.79 -5.82 0.35
N LEU A 109 -0.39 -4.56 0.39
CA LEU A 109 0.23 -3.95 -0.77
C LEU A 109 1.67 -4.38 -0.80
N VAL A 110 2.09 -5.00 -1.89
CA VAL A 110 3.42 -5.58 -1.95
C VAL A 110 4.46 -4.48 -2.15
N ASP A 111 5.52 -4.55 -1.36
CA ASP A 111 6.50 -3.48 -1.26
C ASP A 111 7.43 -3.43 -2.46
N GLY A 112 6.93 -2.86 -3.51
CA GLY A 112 7.76 -2.52 -4.64
C GLY A 112 7.09 -2.84 -5.96
N ASP A 113 6.87 -4.12 -6.20
CA ASP A 113 6.18 -4.53 -7.41
C ASP A 113 4.69 -4.35 -7.21
N HIS A 114 3.97 -4.10 -8.30
CA HIS A 114 2.59 -3.65 -8.22
C HIS A 114 1.59 -4.80 -8.06
N ASP A 115 1.85 -5.77 -7.18
CA ASP A 115 0.89 -6.84 -6.94
C ASP A 115 0.04 -6.57 -5.71
N ILE A 116 -1.03 -7.32 -5.58
CA ILE A 116 -1.83 -7.31 -4.38
C ILE A 116 -1.76 -8.65 -3.69
N ASP A 117 -1.22 -8.67 -2.49
CA ASP A 117 -1.10 -9.91 -1.77
C ASP A 117 -2.29 -10.07 -0.85
N CYS A 118 -2.87 -11.25 -0.88
CA CYS A 118 -4.12 -11.47 -0.16
C CYS A 118 -4.17 -12.87 0.40
N LYS A 119 -5.02 -13.06 1.38
CA LYS A 119 -5.25 -14.36 1.97
C LYS A 119 -6.70 -14.76 1.75
N ILE A 120 -6.92 -15.98 1.34
CA ILE A 120 -8.25 -16.44 1.02
C ILE A 120 -8.60 -17.63 1.90
N ASP A 121 -9.48 -17.37 2.85
CA ASP A 121 -9.86 -18.37 3.84
C ASP A 121 -10.53 -19.55 3.17
N GLY A 122 -9.82 -20.66 3.09
CA GLY A 122 -10.33 -21.83 2.44
C GLY A 122 -9.26 -22.57 1.69
N ILE A 123 -8.47 -21.83 0.93
CA ILE A 123 -7.39 -22.43 0.15
C ILE A 123 -6.04 -21.91 0.60
N GLY A 124 -5.98 -20.63 0.92
CA GLY A 124 -4.74 -20.04 1.42
C GLY A 124 -4.48 -18.67 0.83
N ALA A 125 -3.22 -18.25 0.82
CA ALA A 125 -2.85 -16.92 0.33
C ALA A 125 -2.59 -16.95 -1.16
N MET A 126 -2.85 -15.82 -1.82
CA MET A 126 -2.71 -15.72 -3.27
C MET A 126 -2.45 -14.27 -3.65
N LYS A 127 -2.13 -14.07 -4.91
CA LYS A 127 -1.85 -12.75 -5.42
C LYS A 127 -2.83 -12.41 -6.53
N LEU A 128 -3.09 -11.14 -6.68
CA LEU A 128 -4.10 -10.68 -7.61
C LEU A 128 -3.52 -9.63 -8.54
N LYS A 129 -3.92 -9.71 -9.78
CA LYS A 129 -3.44 -8.78 -10.77
C LYS A 129 -4.25 -7.51 -10.69
N SER A 130 -3.56 -6.42 -10.36
CA SER A 130 -4.18 -5.13 -10.18
C SER A 130 -5.06 -4.75 -11.36
N GLU A 131 -4.62 -5.12 -12.56
CA GLU A 131 -5.35 -4.81 -13.78
C GLU A 131 -6.65 -5.59 -13.89
N PHE A 132 -6.89 -6.54 -12.99
CA PHE A 132 -8.13 -7.28 -13.01
C PHE A 132 -8.98 -6.98 -11.78
N VAL A 133 -8.48 -6.17 -10.86
CA VAL A 133 -9.18 -5.95 -9.60
C VAL A 133 -9.62 -4.50 -9.43
N ARG A 134 -10.38 -4.26 -8.38
CA ARG A 134 -10.90 -2.95 -8.06
C ARG A 134 -10.93 -2.72 -6.55
N LYS A 135 -10.51 -1.53 -6.15
CA LYS A 135 -10.57 -1.14 -4.77
C LYS A 135 -12.01 -0.92 -4.33
N VAL A 136 -12.34 -1.44 -3.16
CA VAL A 136 -13.66 -1.23 -2.57
C VAL A 136 -13.63 -0.03 -1.65
N GLY A 137 -12.77 -0.09 -0.64
CA GLY A 137 -12.69 0.99 0.33
C GLY A 137 -13.37 0.66 1.64
N SER A 138 -13.30 -0.61 2.02
CA SER A 138 -13.91 -1.05 3.27
C SER A 138 -12.85 -1.67 4.18
N MET A 23 27.30 19.94 8.21
CA MET A 23 26.58 19.14 7.18
C MET A 23 26.83 17.64 7.36
N VAL A 24 27.38 17.28 8.51
CA VAL A 24 27.75 15.89 8.78
C VAL A 24 26.54 15.09 9.27
N SER A 25 25.40 15.74 9.29
CA SER A 25 24.17 15.11 9.75
C SER A 25 23.75 13.99 8.81
N THR A 26 23.31 12.88 9.39
CA THR A 26 22.88 11.73 8.62
C THR A 26 21.35 11.65 8.61
N LEU A 27 20.73 12.78 8.96
CA LEU A 27 19.28 12.86 9.11
C LEU A 27 18.60 12.89 7.75
N PRO A 28 17.37 12.37 7.68
CA PRO A 28 16.55 12.43 6.48
C PRO A 28 16.03 13.84 6.21
N PRO A 29 15.59 14.11 4.97
CA PRO A 29 14.95 15.39 4.64
C PRO A 29 13.62 15.58 5.37
N CYS A 30 12.90 16.59 4.96
CA CYS A 30 11.61 16.92 5.54
C CYS A 30 10.49 16.35 4.68
N PRO A 31 9.55 15.61 5.29
CA PRO A 31 8.41 15.02 4.55
C PRO A 31 7.43 16.08 4.06
N GLN A 32 7.80 17.34 4.22
CA GLN A 32 6.98 18.45 3.80
C GLN A 32 7.69 19.26 2.73
N CYS A 33 9.01 19.46 2.88
CA CYS A 33 9.76 20.26 1.93
C CYS A 33 10.62 19.35 1.05
N ASN A 34 11.30 18.39 1.71
CA ASN A 34 12.21 17.43 1.08
C ASN A 34 13.49 18.11 0.58
N SER A 35 13.56 19.42 0.74
CA SER A 35 14.71 20.21 0.33
C SER A 35 16.01 19.69 0.97
N GLU A 36 16.22 20.03 2.26
CA GLU A 36 17.40 19.60 3.01
C GLU A 36 17.59 20.41 4.30
N TYR A 37 16.79 21.46 4.50
CA TYR A 37 16.99 22.36 5.63
C TYR A 37 16.40 21.78 6.91
N THR A 38 16.60 20.50 7.10
CA THR A 38 16.20 19.82 8.31
C THR A 38 17.44 19.56 9.18
N TYR A 39 17.27 19.58 10.50
CA TYR A 39 18.39 19.41 11.41
C TYR A 39 17.89 18.73 12.67
N GLU A 40 18.77 18.39 13.59
CA GLU A 40 18.37 17.74 14.82
C GLU A 40 18.45 18.70 16.00
N ASP A 41 17.31 18.96 16.62
CA ASP A 41 17.26 19.77 17.82
C ASP A 41 16.79 18.92 18.99
N GLY A 42 17.69 18.12 19.55
CA GLY A 42 17.35 17.33 20.70
C GLY A 42 16.96 15.90 20.36
N ALA A 43 15.67 15.60 20.48
CA ALA A 43 15.18 14.24 20.35
C ALA A 43 14.32 14.04 19.11
N LEU A 44 14.44 14.95 18.16
CA LEU A 44 13.65 14.88 16.94
C LEU A 44 14.33 15.67 15.83
N LEU A 45 13.66 15.76 14.69
CA LEU A 45 14.12 16.57 13.59
C LEU A 45 13.22 17.80 13.46
N VAL A 46 13.81 18.97 13.38
CA VAL A 46 13.06 20.21 13.28
C VAL A 46 13.35 20.90 11.97
N CYS A 47 12.33 21.24 11.21
CA CYS A 47 12.53 21.90 9.94
C CYS A 47 12.25 23.38 10.08
N PRO A 48 13.29 24.21 10.08
CA PRO A 48 13.15 25.67 10.13
C PRO A 48 12.59 26.20 8.82
N GLU A 49 12.59 25.32 7.82
CA GLU A 49 12.12 25.67 6.50
C GLU A 49 10.61 25.89 6.51
N CYS A 50 9.83 24.89 6.91
CA CYS A 50 8.39 25.05 7.00
C CYS A 50 7.90 25.28 8.43
N ALA A 51 8.81 25.60 9.35
CA ALA A 51 8.44 25.98 10.72
C ALA A 51 7.72 24.87 11.48
N HIS A 52 7.99 23.62 11.13
CA HIS A 52 7.37 22.50 11.82
C HIS A 52 8.38 21.38 12.01
N GLU A 53 8.31 20.71 13.15
CA GLU A 53 9.20 19.60 13.46
C GLU A 53 8.52 18.27 13.16
N TRP A 54 9.26 17.18 13.35
CA TRP A 54 8.73 15.83 13.12
C TRP A 54 9.74 14.81 13.61
N SER A 55 9.28 13.59 13.81
CA SER A 55 10.18 12.51 14.16
C SER A 55 10.10 11.43 13.08
N PRO A 56 11.25 10.99 12.56
CA PRO A 56 11.32 10.12 11.39
C PRO A 56 10.49 8.84 11.53
N ASN A 57 10.64 8.17 12.65
CA ASN A 57 9.94 6.92 12.88
C ASN A 57 8.78 7.11 13.84
N GLU A 58 8.95 8.05 14.76
CA GLU A 58 7.97 8.29 15.81
C GLU A 58 6.77 9.07 15.29
N ALA A 59 6.80 9.48 14.03
CA ALA A 59 5.65 10.14 13.42
C ALA A 59 4.49 9.15 13.30
N ALA A 60 4.78 7.98 12.74
CA ALA A 60 3.80 6.90 12.70
C ALA A 60 3.77 6.16 14.04
N THR A 61 4.95 6.10 14.67
CA THR A 61 5.11 5.48 15.99
C THR A 61 4.88 3.97 15.94
N ALA A 62 3.62 3.57 16.04
CA ALA A 62 3.23 2.16 16.12
C ALA A 62 1.73 2.07 16.35
N SER A 63 0.97 2.78 15.52
CA SER A 63 -0.47 2.89 15.69
C SER A 63 -1.17 1.56 15.40
N ASP A 64 -1.31 0.74 16.44
CA ASP A 64 -1.98 -0.56 16.37
C ASP A 64 -1.17 -1.54 15.51
N ASP A 65 -1.65 -2.77 15.40
CA ASP A 65 -0.98 -3.79 14.62
C ASP A 65 -1.76 -4.11 13.36
N GLY A 66 -3.03 -3.74 13.34
CA GLY A 66 -3.88 -4.02 12.21
C GLY A 66 -4.46 -5.42 12.27
N LYS A 67 -5.16 -5.71 13.35
CA LYS A 67 -5.75 -7.03 13.55
C LYS A 67 -7.08 -7.12 12.81
N VAL A 68 -7.83 -6.04 12.81
CA VAL A 68 -9.07 -5.98 12.05
C VAL A 68 -8.76 -5.53 10.63
N ILE A 69 -9.18 -6.30 9.65
CA ILE A 69 -8.76 -6.08 8.28
C ILE A 69 -9.52 -4.90 7.67
N LYS A 70 -8.78 -4.06 6.95
CA LYS A 70 -9.33 -2.86 6.35
C LYS A 70 -9.07 -2.83 4.84
N ASP A 71 -9.56 -1.81 4.15
CA ASP A 71 -9.41 -1.72 2.70
C ASP A 71 -8.51 -0.56 2.29
N SER A 72 -8.32 -0.43 0.98
CA SER A 72 -7.64 0.71 0.39
C SER A 72 -8.63 1.88 0.26
N VAL A 73 -9.87 1.55 0.53
CA VAL A 73 -10.96 2.51 0.46
C VAL A 73 -11.15 3.16 1.81
N GLY A 74 -10.60 2.51 2.81
CA GLY A 74 -10.67 3.01 4.16
C GLY A 74 -11.72 2.30 4.98
N ASN A 75 -12.42 1.35 4.35
CA ASN A 75 -13.45 0.61 5.07
C ASN A 75 -12.86 -0.53 5.86
N VAL A 76 -13.70 -1.04 6.71
CA VAL A 76 -13.39 -2.18 7.55
C VAL A 76 -14.32 -3.33 7.19
N LEU A 77 -13.79 -4.53 7.07
CA LEU A 77 -14.57 -5.63 6.57
C LEU A 77 -15.14 -6.45 7.72
N GLN A 78 -15.93 -7.43 7.36
CA GLN A 78 -16.54 -8.33 8.32
C GLN A 78 -16.33 -9.76 7.88
N ASP A 79 -16.27 -10.68 8.83
CA ASP A 79 -16.10 -12.09 8.50
C ASP A 79 -17.39 -12.63 7.92
N GLY A 80 -17.50 -12.58 6.60
CA GLY A 80 -18.71 -13.01 5.93
C GLY A 80 -19.14 -12.01 4.88
N ASP A 81 -18.55 -10.81 4.94
CA ASP A 81 -18.86 -9.72 4.01
C ASP A 81 -18.36 -10.05 2.60
N THR A 82 -18.78 -9.27 1.63
CA THR A 82 -18.31 -9.42 0.26
C THR A 82 -17.23 -8.38 0.00
N ILE A 83 -16.15 -8.75 -0.66
CA ILE A 83 -15.08 -7.79 -0.93
C ILE A 83 -14.78 -7.76 -2.42
N THR A 84 -14.07 -6.73 -2.84
CA THR A 84 -13.63 -6.63 -4.22
C THR A 84 -12.28 -5.93 -4.35
N VAL A 85 -11.34 -6.59 -5.02
CA VAL A 85 -10.03 -6.03 -5.28
C VAL A 85 -10.15 -4.87 -6.26
N ILE A 86 -9.58 -3.73 -5.93
CA ILE A 86 -9.64 -2.59 -6.83
C ILE A 86 -8.38 -2.36 -7.64
N LYS A 87 -7.52 -3.35 -7.78
CA LYS A 87 -6.31 -3.20 -8.58
C LYS A 87 -6.09 -4.47 -9.41
N ASP A 88 -5.29 -4.37 -10.46
CA ASP A 88 -4.92 -5.55 -11.23
C ASP A 88 -3.67 -6.25 -10.66
N LEU A 89 -3.89 -7.46 -10.17
CA LEU A 89 -2.84 -8.37 -9.75
C LEU A 89 -3.04 -9.70 -10.50
N LYS A 90 -1.97 -10.42 -10.78
CA LYS A 90 -2.08 -11.76 -11.37
C LYS A 90 -2.18 -12.84 -10.29
N VAL A 91 -2.31 -14.10 -10.70
CA VAL A 91 -2.37 -15.21 -9.76
C VAL A 91 -1.40 -16.27 -10.26
N LYS A 92 -0.54 -16.77 -9.38
CA LYS A 92 0.51 -17.69 -9.80
C LYS A 92 -0.01 -19.12 -9.95
N GLY A 93 0.46 -19.81 -10.98
CA GLY A 93 0.15 -21.22 -11.16
C GLY A 93 -1.26 -21.47 -11.68
N SER A 94 -2.12 -20.47 -11.58
CA SER A 94 -3.50 -20.63 -11.96
C SER A 94 -3.80 -19.91 -13.27
N SER A 95 -5.01 -20.13 -13.78
CA SER A 95 -5.49 -19.40 -14.93
C SER A 95 -6.35 -18.23 -14.45
N LEU A 96 -6.21 -17.90 -13.17
CA LEU A 96 -6.96 -16.81 -12.59
C LEU A 96 -6.17 -15.53 -12.70
N VAL A 97 -6.80 -14.42 -12.36
CA VAL A 97 -6.23 -13.10 -12.57
C VAL A 97 -6.97 -12.17 -11.61
N VAL A 98 -6.28 -11.56 -10.68
CA VAL A 98 -6.94 -10.73 -9.70
C VAL A 98 -7.17 -9.34 -10.28
N LYS A 99 -8.35 -9.15 -10.82
CA LYS A 99 -8.64 -7.92 -11.55
C LYS A 99 -9.60 -7.03 -10.77
N VAL A 100 -9.43 -5.72 -10.92
CA VAL A 100 -10.28 -4.74 -10.26
C VAL A 100 -11.76 -5.08 -10.44
N GLY A 101 -12.32 -5.73 -9.43
CA GLY A 101 -13.70 -6.17 -9.48
C GLY A 101 -13.82 -7.64 -9.11
N THR A 102 -12.71 -8.22 -8.66
CA THR A 102 -12.68 -9.59 -8.19
C THR A 102 -13.60 -9.74 -6.98
N LYS A 103 -14.75 -10.32 -7.20
CA LYS A 103 -15.74 -10.38 -6.15
C LYS A 103 -15.62 -11.67 -5.35
N VAL A 104 -15.25 -11.55 -4.10
CA VAL A 104 -15.18 -12.69 -3.21
C VAL A 104 -15.89 -12.39 -1.90
N LYS A 105 -16.92 -13.15 -1.61
CA LYS A 105 -17.71 -12.92 -0.42
C LYS A 105 -17.52 -14.01 0.63
N ASN A 106 -18.07 -13.71 1.80
CA ASN A 106 -18.06 -14.62 2.94
C ASN A 106 -16.64 -14.82 3.45
N ILE A 107 -15.83 -13.76 3.37
CA ILE A 107 -14.41 -13.83 3.71
C ILE A 107 -14.17 -14.13 5.18
N ARG A 108 -12.89 -14.28 5.48
CA ARG A 108 -12.40 -14.47 6.83
C ARG A 108 -11.45 -13.33 7.18
N LEU A 109 -11.75 -12.59 8.24
CA LEU A 109 -10.80 -11.63 8.75
C LEU A 109 -9.71 -12.42 9.48
N VAL A 110 -8.49 -12.30 9.02
CA VAL A 110 -7.41 -13.14 9.53
C VAL A 110 -6.97 -12.69 10.93
N ASP A 111 -6.78 -13.69 11.78
CA ASP A 111 -6.50 -13.47 13.21
C ASP A 111 -5.00 -13.35 13.44
N GLY A 112 -4.34 -12.80 12.46
CA GLY A 112 -2.90 -12.67 12.50
C GLY A 112 -2.42 -11.36 11.93
N ASP A 113 -2.20 -11.35 10.62
CA ASP A 113 -1.81 -10.12 9.93
C ASP A 113 -3.06 -9.47 9.35
N HIS A 114 -2.90 -8.36 8.66
CA HIS A 114 -4.03 -7.60 8.16
C HIS A 114 -4.46 -8.08 6.77
N ASP A 115 -4.57 -9.39 6.59
CA ASP A 115 -4.97 -9.95 5.31
C ASP A 115 -6.43 -10.36 5.30
N ILE A 116 -6.97 -10.56 4.11
CA ILE A 116 -8.31 -11.09 3.95
C ILE A 116 -8.23 -12.53 3.49
N ASP A 117 -8.77 -13.42 4.26
CA ASP A 117 -8.72 -14.81 3.88
C ASP A 117 -9.99 -15.16 3.15
N CYS A 118 -9.85 -15.79 2.00
CA CYS A 118 -10.97 -15.99 1.12
C CYS A 118 -10.92 -17.37 0.48
N LYS A 119 -12.09 -17.88 0.16
CA LYS A 119 -12.22 -19.20 -0.44
C LYS A 119 -12.56 -19.05 -1.91
N ILE A 120 -11.71 -19.61 -2.78
CA ILE A 120 -11.92 -19.46 -4.21
C ILE A 120 -12.04 -20.82 -4.87
N ASP A 121 -13.25 -21.14 -5.29
CA ASP A 121 -13.54 -22.42 -5.90
C ASP A 121 -12.89 -22.51 -7.28
N GLY A 122 -11.81 -23.28 -7.34
CA GLY A 122 -11.06 -23.43 -8.58
C GLY A 122 -9.62 -23.75 -8.30
N ILE A 123 -9.08 -23.13 -7.26
CA ILE A 123 -7.71 -23.38 -6.85
C ILE A 123 -7.63 -23.63 -5.34
N GLY A 124 -8.45 -22.89 -4.59
CA GLY A 124 -8.48 -23.06 -3.14
C GLY A 124 -8.62 -21.74 -2.43
N ALA A 125 -8.13 -21.68 -1.20
CA ALA A 125 -8.20 -20.45 -0.41
C ALA A 125 -7.01 -19.55 -0.72
N MET A 126 -7.22 -18.25 -0.58
CA MET A 126 -6.19 -17.27 -0.89
C MET A 126 -6.23 -16.12 0.11
N LYS A 127 -5.16 -15.35 0.16
CA LYS A 127 -5.10 -14.16 1.00
C LYS A 127 -4.94 -12.92 0.13
N LEU A 128 -5.65 -11.88 0.49
CA LEU A 128 -5.71 -10.67 -0.32
C LEU A 128 -5.17 -9.49 0.46
N LYS A 129 -4.41 -8.66 -0.24
CA LYS A 129 -3.75 -7.54 0.39
C LYS A 129 -4.74 -6.46 0.76
N SER A 130 -4.73 -6.10 2.04
CA SER A 130 -5.60 -5.07 2.60
C SER A 130 -5.54 -3.77 1.81
N GLU A 131 -4.41 -3.52 1.17
CA GLU A 131 -4.20 -2.27 0.47
C GLU A 131 -4.73 -2.35 -0.96
N PHE A 132 -5.18 -3.53 -1.38
CA PHE A 132 -5.71 -3.68 -2.73
C PHE A 132 -7.19 -4.05 -2.74
N VAL A 133 -7.84 -4.04 -1.59
CA VAL A 133 -9.22 -4.49 -1.52
C VAL A 133 -10.20 -3.35 -1.22
N ARG A 134 -11.47 -3.63 -1.51
CA ARG A 134 -12.57 -2.70 -1.27
C ARG A 134 -13.79 -3.45 -0.77
N LYS A 135 -14.43 -2.92 0.25
CA LYS A 135 -15.64 -3.54 0.77
C LYS A 135 -16.77 -3.42 -0.24
N VAL A 136 -17.54 -4.48 -0.32
CA VAL A 136 -18.72 -4.52 -1.19
C VAL A 136 -19.99 -4.67 -0.36
N GLY A 137 -20.17 -5.85 0.23
CA GLY A 137 -21.40 -6.14 0.94
C GLY A 137 -22.55 -6.40 -0.03
N SER A 138 -22.32 -7.29 -0.98
CA SER A 138 -23.35 -7.65 -1.95
C SER A 138 -23.25 -9.13 -2.29
N MET A 23 12.96 29.40 7.31
CA MET A 23 12.44 28.24 6.55
C MET A 23 10.99 27.98 6.93
N VAL A 24 10.10 28.09 5.94
CA VAL A 24 8.68 27.86 6.17
C VAL A 24 8.27 26.50 5.65
N SER A 25 7.66 25.71 6.52
CA SER A 25 7.16 24.40 6.15
C SER A 25 6.21 23.89 7.22
N THR A 26 5.61 22.73 6.98
CA THR A 26 4.68 22.14 7.92
C THR A 26 5.22 20.81 8.42
N LEU A 27 6.50 20.59 8.18
CA LEU A 27 7.17 19.37 8.60
C LEU A 27 7.74 19.54 10.00
N PRO A 28 8.09 18.43 10.68
CA PRO A 28 8.75 18.49 11.98
C PRO A 28 10.19 18.97 11.86
N PRO A 29 10.78 19.46 12.96
CA PRO A 29 12.16 19.95 12.96
C PRO A 29 13.18 18.81 12.96
N CYS A 30 14.40 19.16 13.29
CA CYS A 30 15.48 18.20 13.36
C CYS A 30 15.69 17.76 14.81
N PRO A 31 15.70 16.46 15.07
CA PRO A 31 15.90 15.92 16.42
C PRO A 31 17.33 16.10 16.92
N GLN A 32 18.12 16.83 16.15
CA GLN A 32 19.49 17.09 16.50
C GLN A 32 19.76 18.58 16.60
N CYS A 33 19.09 19.41 15.79
CA CYS A 33 19.30 20.87 15.86
C CYS A 33 18.06 21.54 16.43
N ASN A 34 16.89 21.11 15.93
CA ASN A 34 15.58 21.67 16.30
C ASN A 34 15.39 23.09 15.76
N SER A 35 16.44 23.59 15.10
CA SER A 35 16.43 24.94 14.51
C SER A 35 15.15 25.26 13.74
N GLU A 36 15.05 24.71 12.53
CA GLU A 36 13.88 24.93 11.63
C GLU A 36 14.22 24.56 10.19
N TYR A 37 15.52 24.44 9.90
CA TYR A 37 15.97 24.27 8.53
C TYR A 37 15.85 22.82 8.09
N THR A 38 14.71 22.23 8.38
CA THR A 38 14.42 20.89 7.97
C THR A 38 13.43 20.90 6.80
N TYR A 39 13.60 19.99 5.87
CA TYR A 39 12.78 19.96 4.67
C TYR A 39 12.65 18.52 4.20
N GLU A 40 11.87 18.28 3.16
CA GLU A 40 11.71 16.94 2.65
C GLU A 40 12.44 16.77 1.31
N ASP A 41 13.28 15.76 1.25
CA ASP A 41 13.93 15.38 0.01
C ASP A 41 13.51 13.97 -0.36
N GLY A 42 12.34 13.85 -0.98
CA GLY A 42 11.86 12.57 -1.41
C GLY A 42 10.96 11.89 -0.40
N ALA A 43 11.42 10.80 0.18
CA ALA A 43 10.59 9.96 1.03
C ALA A 43 10.98 10.08 2.51
N LEU A 44 11.71 11.14 2.83
CA LEU A 44 12.15 11.36 4.19
C LEU A 44 12.38 12.85 4.43
N LEU A 45 12.90 13.18 5.60
CA LEU A 45 13.27 14.56 5.92
C LEU A 45 14.78 14.64 6.09
N VAL A 46 15.41 15.66 5.54
CA VAL A 46 16.85 15.81 5.70
C VAL A 46 17.18 17.20 6.21
N CYS A 47 18.15 17.28 7.09
CA CYS A 47 18.57 18.54 7.65
C CYS A 47 19.88 18.98 7.03
N PRO A 48 19.83 20.01 6.16
CA PRO A 48 21.01 20.53 5.48
C PRO A 48 21.97 21.18 6.47
N GLU A 49 21.48 21.44 7.67
CA GLU A 49 22.25 22.08 8.70
C GLU A 49 23.31 21.13 9.27
N CYS A 50 22.90 20.01 9.87
CA CYS A 50 23.87 19.09 10.44
C CYS A 50 24.19 17.92 9.52
N ALA A 51 23.78 17.97 8.25
CA ALA A 51 24.12 16.94 7.27
C ALA A 51 23.67 15.55 7.71
N HIS A 52 22.45 15.45 8.20
CA HIS A 52 21.91 14.16 8.60
C HIS A 52 20.48 13.99 8.11
N GLU A 53 20.25 12.93 7.36
CA GLU A 53 18.92 12.61 6.86
C GLU A 53 18.22 11.67 7.83
N TRP A 54 16.91 11.83 8.01
CA TRP A 54 16.18 11.03 8.97
C TRP A 54 14.73 10.88 8.54
N SER A 55 14.04 9.91 9.09
CA SER A 55 12.63 9.75 8.82
C SER A 55 11.84 10.06 10.09
N PRO A 56 10.77 10.88 9.96
CA PRO A 56 10.05 11.44 11.11
C PRO A 56 9.61 10.40 12.12
N ASN A 57 9.05 9.30 11.63
CA ASN A 57 8.58 8.22 12.51
C ASN A 57 9.23 6.90 12.13
N GLU A 58 9.59 6.78 10.87
CA GLU A 58 10.15 5.56 10.32
C GLU A 58 11.52 5.26 10.92
N ALA A 59 12.22 6.30 11.40
CA ALA A 59 13.52 6.13 12.03
C ALA A 59 13.39 5.33 13.32
N ALA A 60 12.31 5.58 14.05
CA ALA A 60 12.02 4.82 15.24
C ALA A 60 11.41 3.48 14.86
N THR A 61 10.59 3.52 13.81
CA THR A 61 9.93 2.33 13.28
C THR A 61 8.84 1.83 14.23
N ALA A 62 7.83 1.20 13.67
CA ALA A 62 6.74 0.64 14.44
C ALA A 62 7.10 -0.78 14.88
N SER A 63 7.54 -0.90 16.12
CA SER A 63 7.95 -2.19 16.65
C SER A 63 6.71 -3.01 17.00
N ASP A 64 6.36 -3.93 16.11
CA ASP A 64 5.14 -4.72 16.26
C ASP A 64 5.41 -6.16 15.85
N ASP A 65 4.55 -7.08 16.26
CA ASP A 65 4.72 -8.49 15.93
C ASP A 65 4.02 -8.82 14.62
N GLY A 66 3.19 -7.90 14.15
CA GLY A 66 2.40 -8.17 12.97
C GLY A 66 1.06 -8.76 13.35
N LYS A 67 0.32 -8.02 14.15
CA LYS A 67 -0.93 -8.51 14.70
C LYS A 67 -2.09 -8.23 13.76
N VAL A 68 -1.97 -7.18 12.96
CA VAL A 68 -3.03 -6.79 12.05
C VAL A 68 -2.46 -6.42 10.67
N ILE A 69 -3.24 -6.69 9.63
CA ILE A 69 -2.80 -6.48 8.24
C ILE A 69 -3.26 -5.11 7.75
N LYS A 70 -2.40 -4.43 7.00
CA LYS A 70 -2.72 -3.13 6.43
C LYS A 70 -2.95 -3.23 4.93
N ASP A 71 -3.31 -2.10 4.33
CA ASP A 71 -3.50 -2.01 2.88
C ASP A 71 -2.52 -1.01 2.26
N SER A 72 -2.52 -0.94 0.93
CA SER A 72 -1.67 0.00 0.18
C SER A 72 -2.16 1.43 0.37
N VAL A 73 -3.30 1.54 1.01
CA VAL A 73 -3.96 2.81 1.24
C VAL A 73 -3.45 3.43 2.54
N GLY A 74 -2.84 2.59 3.34
CA GLY A 74 -2.35 3.00 4.63
C GLY A 74 -3.36 2.73 5.72
N ASN A 75 -4.48 2.13 5.35
CA ASN A 75 -5.50 1.81 6.32
C ASN A 75 -5.36 0.39 6.84
N VAL A 76 -6.01 0.13 7.96
CA VAL A 76 -5.87 -1.12 8.69
C VAL A 76 -7.18 -1.90 8.68
N LEU A 77 -7.11 -3.20 8.43
CA LEU A 77 -8.29 -4.01 8.20
C LEU A 77 -8.81 -4.66 9.48
N GLN A 78 -9.94 -5.32 9.36
CA GLN A 78 -10.53 -6.09 10.44
C GLN A 78 -10.76 -7.52 9.96
N ASP A 79 -10.65 -8.49 10.83
CA ASP A 79 -10.96 -9.86 10.47
C ASP A 79 -12.46 -10.00 10.21
N GLY A 80 -12.80 -10.10 8.95
CA GLY A 80 -14.19 -10.17 8.55
C GLY A 80 -14.60 -8.94 7.77
N ASP A 81 -13.66 -8.01 7.62
CA ASP A 81 -13.90 -6.81 6.83
C ASP A 81 -13.82 -7.15 5.35
N THR A 82 -14.22 -6.21 4.52
CA THR A 82 -14.20 -6.39 3.09
C THR A 82 -13.06 -5.60 2.50
N ILE A 83 -12.33 -6.20 1.57
CA ILE A 83 -11.18 -5.55 0.98
C ILE A 83 -11.36 -5.40 -0.53
N THR A 84 -10.54 -4.60 -1.15
CA THR A 84 -10.56 -4.47 -2.59
C THR A 84 -9.15 -4.17 -3.12
N VAL A 85 -8.65 -5.06 -3.97
CA VAL A 85 -7.38 -4.86 -4.64
C VAL A 85 -7.47 -3.62 -5.52
N ILE A 86 -6.54 -2.70 -5.34
CA ILE A 86 -6.57 -1.48 -6.12
C ILE A 86 -5.56 -1.52 -7.27
N LYS A 87 -5.09 -2.70 -7.65
CA LYS A 87 -4.13 -2.80 -8.73
C LYS A 87 -4.44 -4.04 -9.56
N ASP A 88 -3.85 -4.11 -10.74
CA ASP A 88 -3.93 -5.31 -11.57
C ASP A 88 -2.89 -6.33 -11.16
N LEU A 89 -3.39 -7.46 -10.65
CA LEU A 89 -2.54 -8.58 -10.25
C LEU A 89 -3.01 -9.85 -10.93
N LYS A 90 -2.10 -10.68 -11.37
CA LYS A 90 -2.48 -11.98 -11.88
C LYS A 90 -2.47 -13.01 -10.77
N VAL A 91 -2.92 -14.21 -11.09
CA VAL A 91 -2.86 -15.33 -10.17
C VAL A 91 -2.12 -16.45 -10.88
N LYS A 92 -1.07 -16.98 -10.27
CA LYS A 92 -0.21 -17.94 -10.95
C LYS A 92 -0.70 -19.37 -10.79
N GLY A 93 -1.24 -19.70 -9.63
CA GLY A 93 -1.76 -21.03 -9.41
C GLY A 93 -3.09 -21.23 -10.10
N SER A 94 -3.85 -20.15 -10.17
CA SER A 94 -5.18 -20.20 -10.76
C SER A 94 -5.20 -19.51 -12.12
N SER A 95 -6.35 -19.56 -12.79
CA SER A 95 -6.51 -18.94 -14.10
C SER A 95 -7.17 -17.57 -13.96
N LEU A 96 -7.57 -17.24 -12.74
CA LEU A 96 -8.22 -15.96 -12.48
C LEU A 96 -7.20 -14.84 -12.44
N VAL A 97 -7.61 -13.69 -12.94
CA VAL A 97 -6.79 -12.49 -12.86
C VAL A 97 -7.42 -11.49 -11.90
N VAL A 98 -6.63 -11.05 -10.94
CA VAL A 98 -7.06 -10.11 -9.92
C VAL A 98 -7.06 -8.68 -10.49
N LYS A 99 -8.23 -8.08 -10.54
CA LYS A 99 -8.38 -6.76 -11.15
C LYS A 99 -8.71 -5.71 -10.12
N VAL A 100 -8.25 -4.48 -10.35
CA VAL A 100 -8.53 -3.35 -9.48
C VAL A 100 -10.05 -3.22 -9.25
N GLY A 101 -10.49 -3.75 -8.12
CA GLY A 101 -11.90 -3.72 -7.78
C GLY A 101 -12.37 -5.12 -7.39
N THR A 102 -11.41 -6.02 -7.27
CA THR A 102 -11.67 -7.37 -6.77
C THR A 102 -12.17 -7.30 -5.34
N LYS A 103 -13.46 -7.49 -5.16
CA LYS A 103 -14.05 -7.38 -3.85
C LYS A 103 -14.02 -8.71 -3.13
N VAL A 104 -13.29 -8.76 -2.04
CA VAL A 104 -13.24 -9.95 -1.22
C VAL A 104 -13.60 -9.60 0.22
N LYS A 105 -14.72 -10.13 0.68
CA LYS A 105 -15.25 -9.79 1.99
C LYS A 105 -14.91 -10.85 3.01
N ASN A 106 -14.91 -10.44 4.27
CA ASN A 106 -14.75 -11.35 5.40
C ASN A 106 -13.36 -11.97 5.42
N ILE A 107 -12.32 -11.15 5.23
CA ILE A 107 -10.94 -11.64 5.28
C ILE A 107 -10.51 -12.11 6.66
N ARG A 108 -9.29 -12.63 6.72
CA ARG A 108 -8.66 -13.06 7.96
C ARG A 108 -7.27 -12.45 8.04
N LEU A 109 -6.93 -11.86 9.18
CA LEU A 109 -5.61 -11.26 9.36
C LEU A 109 -4.58 -12.35 9.67
N VAL A 110 -3.63 -12.55 8.78
CA VAL A 110 -2.65 -13.62 8.93
C VAL A 110 -1.22 -13.14 9.12
N ASP A 111 -0.61 -13.62 10.20
CA ASP A 111 0.85 -13.76 10.34
C ASP A 111 1.68 -12.50 10.03
N GLY A 112 1.11 -11.36 10.25
CA GLY A 112 1.90 -10.14 10.15
C GLY A 112 1.24 -8.96 9.49
N ASP A 113 2.00 -8.27 8.65
CA ASP A 113 1.56 -7.06 7.99
C ASP A 113 1.21 -7.30 6.52
N HIS A 114 1.95 -8.20 5.88
CA HIS A 114 1.83 -8.45 4.44
C HIS A 114 1.10 -9.76 4.13
N ASP A 115 -0.10 -9.90 4.67
CA ASP A 115 -0.76 -11.21 4.68
C ASP A 115 -2.25 -11.11 4.98
N ILE A 116 -3.04 -11.15 3.92
CA ILE A 116 -4.49 -11.19 4.05
C ILE A 116 -5.00 -12.54 3.56
N ASP A 117 -5.61 -13.29 4.44
CA ASP A 117 -6.14 -14.58 4.06
C ASP A 117 -7.60 -14.43 3.69
N CYS A 118 -7.95 -14.99 2.55
CA CYS A 118 -9.29 -14.84 2.03
C CYS A 118 -9.75 -16.11 1.32
N LYS A 119 -11.06 -16.28 1.22
CA LYS A 119 -11.63 -17.43 0.54
C LYS A 119 -12.35 -16.98 -0.71
N ILE A 120 -12.07 -17.65 -1.82
CA ILE A 120 -12.65 -17.30 -3.10
C ILE A 120 -13.41 -18.47 -3.67
N ASP A 121 -14.72 -18.36 -3.71
CA ASP A 121 -15.57 -19.42 -4.23
C ASP A 121 -15.37 -19.55 -5.74
N GLY A 122 -14.62 -20.58 -6.13
CA GLY A 122 -14.33 -20.78 -7.53
C GLY A 122 -12.98 -21.43 -7.72
N ILE A 123 -12.01 -20.96 -6.96
CA ILE A 123 -10.66 -21.52 -7.01
C ILE A 123 -10.27 -22.07 -5.64
N GLY A 124 -10.59 -21.31 -4.61
CA GLY A 124 -10.28 -21.72 -3.24
C GLY A 124 -9.82 -20.55 -2.42
N ALA A 125 -9.03 -20.81 -1.38
CA ALA A 125 -8.52 -19.74 -0.53
C ALA A 125 -7.20 -19.22 -1.08
N MET A 126 -6.93 -17.94 -0.85
CA MET A 126 -5.76 -17.29 -1.42
C MET A 126 -5.20 -16.23 -0.47
N LYS A 127 -3.98 -15.82 -0.75
CA LYS A 127 -3.28 -14.83 0.05
C LYS A 127 -3.07 -13.55 -0.75
N LEU A 128 -3.27 -12.42 -0.11
CA LEU A 128 -3.21 -11.14 -0.80
C LEU A 128 -2.11 -10.24 -0.23
N LYS A 129 -1.46 -9.51 -1.12
CA LYS A 129 -0.40 -8.62 -0.74
C LYS A 129 -0.95 -7.32 -0.21
N SER A 130 -0.53 -6.98 1.01
CA SER A 130 -0.95 -5.77 1.70
C SER A 130 -0.82 -4.56 0.80
N GLU A 131 0.29 -4.49 0.09
CA GLU A 131 0.62 -3.34 -0.72
C GLU A 131 -0.20 -3.29 -2.01
N PHE A 132 -1.08 -4.26 -2.23
CA PHE A 132 -1.94 -4.19 -3.39
C PHE A 132 -3.43 -4.14 -3.04
N VAL A 133 -3.77 -4.11 -1.76
CA VAL A 133 -5.18 -4.16 -1.36
C VAL A 133 -5.64 -2.87 -0.69
N ARG A 134 -6.94 -2.77 -0.44
CA ARG A 134 -7.54 -1.59 0.17
C ARG A 134 -8.77 -1.95 1.00
N LYS A 135 -8.87 -1.33 2.17
CA LYS A 135 -10.01 -1.53 3.05
C LYS A 135 -11.26 -0.83 2.51
N VAL A 136 -12.29 -1.61 2.26
CA VAL A 136 -13.58 -1.08 1.86
C VAL A 136 -14.35 -0.63 3.09
N GLY A 137 -14.37 -1.49 4.11
CA GLY A 137 -15.09 -1.18 5.33
C GLY A 137 -16.57 -1.50 5.22
N SER A 138 -16.93 -2.21 4.16
CA SER A 138 -18.32 -2.59 3.91
C SER A 138 -18.37 -3.93 3.18
N MET A 23 18.34 28.59 14.88
CA MET A 23 16.92 28.90 14.57
C MET A 23 16.01 27.80 15.12
N VAL A 24 14.73 28.11 15.24
CA VAL A 24 13.75 27.14 15.71
C VAL A 24 13.35 26.21 14.57
N SER A 25 13.09 24.95 14.89
CA SER A 25 12.67 23.98 13.90
C SER A 25 11.28 24.34 13.39
N THR A 26 11.12 24.35 12.08
CA THR A 26 9.88 24.76 11.47
C THR A 26 9.64 23.99 10.16
N LEU A 27 10.46 22.98 9.94
CA LEU A 27 10.30 22.11 8.78
C LEU A 27 9.65 20.82 9.24
N PRO A 28 8.99 20.08 8.33
CA PRO A 28 8.33 18.83 8.69
C PRO A 28 9.35 17.76 9.07
N PRO A 29 8.93 16.78 9.88
CA PRO A 29 9.81 15.72 10.36
C PRO A 29 10.17 14.73 9.26
N CYS A 30 10.81 13.65 9.67
CA CYS A 30 11.20 12.59 8.75
C CYS A 30 10.18 11.47 8.80
N PRO A 31 9.58 11.12 7.64
CA PRO A 31 8.56 10.06 7.56
C PRO A 31 9.15 8.68 7.85
N GLN A 32 10.41 8.65 8.27
CA GLN A 32 11.09 7.42 8.59
C GLN A 32 11.45 7.38 10.08
N CYS A 33 11.86 8.53 10.65
CA CYS A 33 12.27 8.59 12.04
C CYS A 33 11.23 9.36 12.84
N ASN A 34 10.85 10.53 12.30
CA ASN A 34 9.92 11.47 12.94
C ASN A 34 10.56 12.18 14.15
N SER A 35 11.80 11.81 14.44
CA SER A 35 12.56 12.38 15.56
C SER A 35 12.49 13.91 15.59
N GLU A 36 13.28 14.56 14.72
CA GLU A 36 13.34 16.02 14.62
C GLU A 36 14.56 16.49 13.82
N TYR A 37 15.50 15.57 13.57
CA TYR A 37 16.79 15.93 12.97
C TYR A 37 16.67 16.12 11.46
N THR A 38 15.55 16.65 11.03
CA THR A 38 15.31 16.91 9.63
C THR A 38 15.60 18.37 9.31
N TYR A 39 16.24 18.61 8.17
CA TYR A 39 16.65 19.95 7.79
C TYR A 39 16.58 20.08 6.27
N GLU A 40 16.82 21.26 5.73
CA GLU A 40 16.77 21.44 4.30
C GLU A 40 18.17 21.63 3.72
N ASP A 41 18.47 20.87 2.68
CA ASP A 41 19.69 21.06 1.93
C ASP A 41 19.36 21.31 0.47
N GLY A 42 19.07 22.55 0.13
CA GLY A 42 18.79 22.91 -1.24
C GLY A 42 17.31 22.90 -1.58
N ALA A 43 16.91 21.92 -2.38
CA ALA A 43 15.55 21.89 -2.94
C ALA A 43 14.74 20.74 -2.35
N LEU A 44 15.16 20.24 -1.21
CA LEU A 44 14.44 19.17 -0.55
C LEU A 44 14.79 19.15 0.93
N LEU A 45 14.30 18.14 1.62
CA LEU A 45 14.65 17.91 3.01
C LEU A 45 15.43 16.60 3.11
N VAL A 46 16.49 16.59 3.90
CA VAL A 46 17.28 15.39 4.07
C VAL A 46 17.43 15.09 5.55
N CYS A 47 17.40 13.82 5.88
CA CYS A 47 17.52 13.38 7.25
C CYS A 47 18.88 12.77 7.47
N PRO A 48 19.76 13.48 8.17
CA PRO A 48 21.11 13.00 8.48
C PRO A 48 21.07 11.82 9.44
N GLU A 49 19.89 11.58 9.99
CA GLU A 49 19.71 10.52 10.96
C GLU A 49 19.68 9.15 10.27
N CYS A 50 18.71 8.93 9.37
CA CYS A 50 18.61 7.64 8.69
C CYS A 50 19.24 7.66 7.31
N ALA A 51 19.96 8.73 6.96
CA ALA A 51 20.67 8.80 5.68
C ALA A 51 19.75 8.73 4.45
N HIS A 52 18.50 9.15 4.61
CA HIS A 52 17.60 9.20 3.46
C HIS A 52 17.04 10.60 3.27
N GLU A 53 17.06 11.05 2.03
CA GLU A 53 16.50 12.34 1.66
C GLU A 53 15.04 12.16 1.24
N TRP A 54 14.29 13.24 1.20
CA TRP A 54 12.90 13.20 0.80
C TRP A 54 12.42 14.60 0.43
N SER A 55 11.32 14.68 -0.28
CA SER A 55 10.77 15.98 -0.64
C SER A 55 9.48 16.22 0.13
N PRO A 56 9.30 17.41 0.68
CA PRO A 56 8.12 17.74 1.49
C PRO A 56 6.82 17.62 0.70
N ASN A 57 6.91 17.73 -0.62
CA ASN A 57 5.73 17.64 -1.48
C ASN A 57 5.96 16.67 -2.64
N GLU A 58 7.14 16.74 -3.23
CA GLU A 58 7.44 16.01 -4.46
C GLU A 58 7.77 14.54 -4.16
N ALA A 59 7.76 14.17 -2.89
CA ALA A 59 8.01 12.77 -2.50
C ALA A 59 6.83 11.89 -2.84
N ALA A 60 5.75 12.51 -3.31
CA ALA A 60 4.56 11.77 -3.72
C ALA A 60 4.84 10.98 -5.00
N THR A 61 5.88 11.40 -5.72
CA THR A 61 6.31 10.72 -6.93
C THR A 61 6.86 9.33 -6.61
N ALA A 62 6.76 8.43 -7.57
CA ALA A 62 7.23 7.07 -7.37
C ALA A 62 8.12 6.64 -8.53
N SER A 63 9.41 6.46 -8.26
CA SER A 63 10.35 6.00 -9.26
C SER A 63 10.28 4.48 -9.38
N ASP A 64 9.57 4.01 -10.40
CA ASP A 64 9.42 2.58 -10.59
C ASP A 64 9.40 2.21 -12.06
N ASP A 65 9.91 1.04 -12.35
CA ASP A 65 9.87 0.48 -13.69
C ASP A 65 9.32 -0.94 -13.66
N GLY A 66 9.75 -1.71 -12.66
CA GLY A 66 9.27 -3.07 -12.53
C GLY A 66 9.45 -3.63 -11.14
N LYS A 67 9.20 -2.81 -10.12
CA LYS A 67 9.23 -3.27 -8.72
C LYS A 67 7.82 -3.27 -8.16
N VAL A 68 7.02 -2.33 -8.63
CA VAL A 68 5.63 -2.22 -8.22
C VAL A 68 4.74 -2.74 -9.34
N ILE A 69 3.61 -3.35 -8.97
CA ILE A 69 2.74 -3.98 -9.96
C ILE A 69 1.78 -2.96 -10.57
N LYS A 70 1.65 -3.02 -11.90
CA LYS A 70 0.73 -2.16 -12.64
C LYS A 70 -0.40 -2.98 -13.23
N ASP A 71 -1.57 -2.38 -13.37
CA ASP A 71 -2.76 -3.08 -13.83
C ASP A 71 -2.93 -2.90 -15.34
N SER A 72 -3.96 -3.53 -15.90
CA SER A 72 -4.26 -3.42 -17.32
C SER A 72 -4.84 -2.04 -17.64
N VAL A 73 -5.10 -1.31 -16.58
CA VAL A 73 -5.69 0.03 -16.68
C VAL A 73 -4.59 1.06 -16.85
N GLY A 74 -3.39 0.63 -16.57
CA GLY A 74 -2.24 1.51 -16.64
C GLY A 74 -1.95 2.15 -15.30
N ASN A 75 -2.73 1.79 -14.30
CA ASN A 75 -2.53 2.35 -12.97
C ASN A 75 -1.66 1.43 -12.11
N VAL A 76 -1.10 2.03 -11.08
CA VAL A 76 -0.15 1.37 -10.19
C VAL A 76 -0.79 1.13 -8.84
N LEU A 77 -0.63 -0.06 -8.28
CA LEU A 77 -1.28 -0.43 -7.03
C LEU A 77 -0.40 -0.10 -5.84
N GLN A 78 -0.90 -0.38 -4.66
CA GLN A 78 -0.10 -0.31 -3.45
C GLN A 78 -0.21 -1.63 -2.72
N ASP A 79 0.80 -1.97 -1.93
CA ASP A 79 0.72 -3.14 -1.08
C ASP A 79 -0.35 -2.94 -0.02
N GLY A 80 -1.49 -3.60 -0.22
CA GLY A 80 -2.59 -3.44 0.70
C GLY A 80 -3.77 -2.75 0.05
N ASP A 81 -3.61 -2.38 -1.22
CA ASP A 81 -4.68 -1.74 -1.97
C ASP A 81 -5.68 -2.79 -2.43
N THR A 82 -6.79 -2.32 -2.96
CA THR A 82 -7.84 -3.21 -3.42
C THR A 82 -7.84 -3.25 -4.93
N ILE A 83 -7.99 -4.44 -5.50
CA ILE A 83 -7.95 -4.59 -6.94
C ILE A 83 -9.26 -5.18 -7.44
N THR A 84 -9.46 -5.15 -8.75
CA THR A 84 -10.61 -5.77 -9.37
C THR A 84 -10.27 -6.26 -10.77
N VAL A 85 -10.35 -7.56 -10.97
CA VAL A 85 -10.12 -8.17 -12.27
C VAL A 85 -11.13 -7.62 -13.27
N ILE A 86 -10.65 -7.16 -14.41
CA ILE A 86 -11.53 -6.64 -15.42
C ILE A 86 -11.77 -7.64 -16.54
N LYS A 87 -11.49 -8.92 -16.32
CA LYS A 87 -11.71 -9.93 -17.35
C LYS A 87 -12.33 -11.17 -16.70
N ASP A 88 -12.93 -12.02 -17.52
CA ASP A 88 -13.36 -13.32 -17.05
C ASP A 88 -12.24 -14.35 -17.09
N LEU A 89 -11.78 -14.73 -15.89
CA LEU A 89 -10.72 -15.72 -15.73
C LEU A 89 -11.20 -16.82 -14.79
N LYS A 90 -10.77 -18.05 -15.02
CA LYS A 90 -11.07 -19.13 -14.08
C LYS A 90 -9.97 -19.26 -13.02
N VAL A 91 -10.20 -20.14 -12.07
CA VAL A 91 -9.22 -20.47 -11.02
C VAL A 91 -8.99 -21.98 -11.09
N LYS A 92 -7.74 -22.41 -11.14
CA LYS A 92 -7.44 -23.83 -11.33
C LYS A 92 -7.74 -24.65 -10.08
N GLY A 93 -7.01 -24.36 -9.01
CA GLY A 93 -7.11 -25.16 -7.81
C GLY A 93 -8.43 -24.99 -7.08
N SER A 94 -9.10 -23.88 -7.31
CA SER A 94 -10.34 -23.58 -6.62
C SER A 94 -11.53 -23.60 -7.57
N SER A 95 -12.70 -23.94 -7.04
CA SER A 95 -13.92 -23.99 -7.83
C SER A 95 -14.42 -22.59 -8.15
N LEU A 96 -13.70 -21.59 -7.66
CA LEU A 96 -14.08 -20.21 -7.85
C LEU A 96 -13.73 -19.72 -9.22
N VAL A 97 -14.58 -18.89 -9.75
CA VAL A 97 -14.33 -18.21 -11.01
C VAL A 97 -14.04 -16.73 -10.78
N VAL A 98 -13.01 -16.24 -11.45
CA VAL A 98 -12.61 -14.85 -11.37
C VAL A 98 -13.35 -14.04 -12.43
N LYS A 99 -14.37 -13.32 -12.02
CA LYS A 99 -15.22 -12.59 -12.95
C LYS A 99 -14.93 -11.10 -12.92
N VAL A 100 -15.08 -10.45 -14.07
CA VAL A 100 -14.83 -9.01 -14.20
C VAL A 100 -15.59 -8.21 -13.12
N GLY A 101 -14.88 -7.89 -12.05
CA GLY A 101 -15.48 -7.22 -10.89
C GLY A 101 -15.12 -7.93 -9.59
N THR A 102 -14.27 -8.94 -9.73
CA THR A 102 -13.75 -9.68 -8.57
C THR A 102 -12.93 -8.75 -7.68
N LYS A 103 -13.51 -8.37 -6.57
CA LYS A 103 -12.85 -7.42 -5.69
C LYS A 103 -12.02 -8.14 -4.65
N VAL A 104 -10.71 -7.94 -4.75
CA VAL A 104 -9.80 -8.46 -3.76
C VAL A 104 -9.00 -7.33 -3.14
N LYS A 105 -9.16 -7.16 -1.84
CA LYS A 105 -8.54 -6.06 -1.13
C LYS A 105 -7.26 -6.51 -0.42
N ASN A 106 -6.40 -5.53 -0.17
CA ASN A 106 -5.19 -5.72 0.61
C ASN A 106 -4.25 -6.71 -0.06
N ILE A 107 -3.97 -6.51 -1.35
CA ILE A 107 -3.01 -7.33 -2.07
C ILE A 107 -1.59 -7.20 -1.55
N ARG A 108 -0.71 -8.00 -2.14
CA ARG A 108 0.71 -8.01 -1.82
C ARG A 108 1.49 -7.95 -3.12
N LEU A 109 2.35 -6.95 -3.29
CA LEU A 109 3.08 -6.79 -4.53
C LEU A 109 4.35 -7.63 -4.48
N VAL A 110 4.54 -8.47 -5.49
CA VAL A 110 5.70 -9.34 -5.51
C VAL A 110 6.74 -8.81 -6.51
N ASP A 111 7.86 -9.52 -6.63
CA ASP A 111 9.01 -9.06 -7.41
C ASP A 111 8.69 -8.89 -8.89
N GLY A 112 7.96 -9.84 -9.45
CA GLY A 112 7.65 -9.82 -10.87
C GLY A 112 6.48 -8.92 -11.18
N ASP A 113 6.36 -8.53 -12.45
CA ASP A 113 5.26 -7.68 -12.90
C ASP A 113 3.96 -8.48 -12.91
N HIS A 114 4.09 -9.76 -13.18
CA HIS A 114 2.97 -10.68 -13.23
C HIS A 114 2.72 -11.28 -11.85
N ASP A 115 2.72 -10.43 -10.83
CA ASP A 115 2.83 -10.92 -9.47
C ASP A 115 2.04 -10.10 -8.48
N ILE A 116 0.79 -10.46 -8.31
CA ILE A 116 -0.01 -9.91 -7.25
C ILE A 116 -0.48 -11.04 -6.36
N ASP A 117 0.07 -11.10 -5.17
CA ASP A 117 -0.27 -12.18 -4.27
C ASP A 117 -1.37 -11.73 -3.33
N CYS A 118 -2.56 -12.19 -3.61
CA CYS A 118 -3.71 -11.81 -2.81
C CYS A 118 -4.17 -12.95 -1.94
N LYS A 119 -4.88 -12.61 -0.88
CA LYS A 119 -5.41 -13.60 0.02
C LYS A 119 -6.93 -13.52 0.03
N ILE A 120 -7.57 -14.66 0.02
CA ILE A 120 -9.02 -14.73 0.07
C ILE A 120 -9.43 -15.58 1.25
N ASP A 121 -9.90 -14.91 2.29
CA ASP A 121 -10.22 -15.56 3.55
C ASP A 121 -11.33 -16.59 3.38
N GLY A 122 -10.93 -17.84 3.30
CA GLY A 122 -11.87 -18.91 3.05
C GLY A 122 -11.24 -20.02 2.22
N ILE A 123 -10.91 -19.69 0.99
CA ILE A 123 -10.28 -20.65 0.10
C ILE A 123 -8.76 -20.62 0.26
N GLY A 124 -8.21 -19.41 0.25
CA GLY A 124 -6.79 -19.25 0.47
C GLY A 124 -6.23 -18.12 -0.37
N ALA A 125 -4.91 -18.09 -0.54
CA ALA A 125 -4.28 -17.06 -1.34
C ALA A 125 -4.31 -17.41 -2.82
N MET A 126 -4.37 -16.39 -3.66
CA MET A 126 -4.42 -16.59 -5.10
C MET A 126 -3.48 -15.61 -5.80
N LYS A 127 -3.01 -15.99 -6.98
CA LYS A 127 -2.12 -15.14 -7.75
C LYS A 127 -2.94 -14.41 -8.82
N LEU A 128 -2.54 -13.20 -9.15
CA LEU A 128 -3.30 -12.40 -10.10
C LEU A 128 -2.39 -11.82 -11.18
N LYS A 129 -2.87 -11.95 -12.41
CA LYS A 129 -2.16 -11.42 -13.55
C LYS A 129 -2.47 -9.94 -13.65
N SER A 130 -1.45 -9.13 -13.46
CA SER A 130 -1.57 -7.68 -13.45
C SER A 130 -2.29 -7.17 -14.69
N GLU A 131 -2.00 -7.81 -15.81
CA GLU A 131 -2.58 -7.41 -17.09
C GLU A 131 -4.05 -7.76 -17.16
N PHE A 132 -4.58 -8.43 -16.15
CA PHE A 132 -6.00 -8.74 -16.12
C PHE A 132 -6.71 -8.10 -14.92
N VAL A 133 -6.01 -7.28 -14.16
CA VAL A 133 -6.61 -6.66 -12.98
C VAL A 133 -6.65 -5.14 -13.08
N ARG A 134 -7.28 -4.51 -12.10
CA ARG A 134 -7.44 -3.06 -12.06
C ARG A 134 -7.43 -2.52 -10.64
N LYS A 135 -6.80 -1.37 -10.45
CA LYS A 135 -6.81 -0.69 -9.17
C LYS A 135 -8.17 -0.08 -8.89
N VAL A 136 -8.76 -0.47 -7.78
CA VAL A 136 -10.01 0.11 -7.33
C VAL A 136 -9.75 1.43 -6.61
N GLY A 137 -8.88 1.38 -5.60
CA GLY A 137 -8.55 2.57 -4.86
C GLY A 137 -9.25 2.63 -3.51
N SER A 138 -10.19 1.72 -3.29
CA SER A 138 -10.92 1.67 -2.04
C SER A 138 -10.05 1.04 -0.95
N MET A 23 21.07 6.75 -1.79
CA MET A 23 22.41 6.49 -1.21
C MET A 23 23.23 7.76 -1.12
N VAL A 24 22.70 8.82 -1.67
CA VAL A 24 23.33 10.12 -1.61
C VAL A 24 22.78 10.91 -0.42
N SER A 25 23.67 11.38 0.43
CA SER A 25 23.26 12.07 1.65
C SER A 25 23.07 13.56 1.39
N THR A 26 22.04 13.89 0.63
CA THR A 26 21.70 15.28 0.36
C THR A 26 20.25 15.54 0.72
N LEU A 27 20.03 16.42 1.68
CA LEU A 27 18.69 16.73 2.13
C LEU A 27 18.33 18.15 1.70
N PRO A 28 17.04 18.42 1.50
CA PRO A 28 16.57 19.77 1.17
C PRO A 28 16.68 20.72 2.35
N PRO A 29 16.74 22.02 2.09
CA PRO A 29 16.79 23.03 3.15
C PRO A 29 15.52 23.07 3.99
N CYS A 30 15.42 24.12 4.78
CA CYS A 30 14.28 24.32 5.63
C CYS A 30 13.33 25.31 5.00
N PRO A 31 12.06 24.94 4.80
CA PRO A 31 11.05 25.84 4.25
C PRO A 31 10.67 26.95 5.23
N GLN A 32 11.39 26.98 6.35
CA GLN A 32 11.17 27.97 7.37
C GLN A 32 12.28 29.02 7.35
N CYS A 33 13.55 28.58 7.30
CA CYS A 33 14.66 29.52 7.34
C CYS A 33 15.60 29.35 6.13
N ASN A 34 15.74 28.11 5.64
CA ASN A 34 16.57 27.81 4.46
C ASN A 34 18.06 27.96 4.78
N SER A 35 18.35 28.09 6.06
CA SER A 35 19.75 28.16 6.56
C SER A 35 20.54 26.92 6.15
N GLU A 36 19.81 25.82 5.94
CA GLU A 36 20.33 24.57 5.39
C GLU A 36 20.90 23.68 6.47
N TYR A 37 20.65 24.06 7.70
CA TYR A 37 21.08 23.23 8.80
C TYR A 37 19.99 22.22 9.13
N THR A 38 19.55 21.52 8.11
CA THR A 38 18.52 20.53 8.24
C THR A 38 19.12 19.14 8.19
N TYR A 39 18.50 18.18 8.87
CA TYR A 39 19.05 16.83 8.96
C TYR A 39 17.91 15.82 9.11
N GLU A 40 18.25 14.54 9.14
CA GLU A 40 17.24 13.51 9.31
C GLU A 40 17.27 12.95 10.72
N ASP A 41 16.12 12.92 11.36
CA ASP A 41 16.01 12.36 12.70
C ASP A 41 15.16 11.10 12.68
N GLY A 42 15.11 10.47 11.52
CA GLY A 42 14.31 9.27 11.35
C GLY A 42 13.69 9.19 9.97
N ALA A 43 12.36 9.26 9.91
CA ALA A 43 11.63 9.12 8.67
C ALA A 43 11.26 10.49 8.11
N LEU A 44 11.88 11.52 8.65
CA LEU A 44 11.58 12.89 8.26
C LEU A 44 12.82 13.75 8.42
N LEU A 45 12.65 15.05 8.17
CA LEU A 45 13.72 16.02 8.36
C LEU A 45 13.30 17.02 9.42
N VAL A 46 14.21 17.44 10.28
CA VAL A 46 13.87 18.42 11.28
C VAL A 46 14.90 19.55 11.29
N CYS A 47 14.46 20.75 11.58
CA CYS A 47 15.36 21.89 11.66
C CYS A 47 15.66 22.20 13.12
N PRO A 48 16.91 21.98 13.55
CA PRO A 48 17.34 22.27 14.92
C PRO A 48 17.23 23.75 15.24
N GLU A 49 17.22 24.57 14.19
CA GLU A 49 17.14 26.01 14.36
C GLU A 49 15.71 26.43 14.68
N CYS A 50 14.75 26.14 13.80
CA CYS A 50 13.39 26.61 13.98
C CYS A 50 12.63 25.80 15.02
N ALA A 51 13.24 24.73 15.56
CA ALA A 51 12.57 23.86 16.51
C ALA A 51 11.27 23.28 15.94
N HIS A 52 11.28 22.95 14.64
CA HIS A 52 10.11 22.38 13.99
C HIS A 52 10.52 21.31 13.00
N GLU A 53 9.81 20.19 13.03
CA GLU A 53 10.05 19.06 12.14
C GLU A 53 9.18 19.20 10.89
N TRP A 54 9.55 18.50 9.82
CA TRP A 54 8.76 18.51 8.59
C TRP A 54 9.08 17.29 7.74
N SER A 55 8.21 16.97 6.81
CA SER A 55 8.45 15.86 5.90
C SER A 55 8.54 16.38 4.47
N PRO A 56 9.54 15.93 3.71
CA PRO A 56 9.77 16.40 2.34
C PRO A 56 8.63 16.08 1.38
N ASN A 57 7.88 15.01 1.66
CA ASN A 57 6.78 14.61 0.78
C ASN A 57 5.53 14.28 1.58
N GLU A 58 5.69 13.54 2.66
CA GLU A 58 4.58 13.04 3.47
C GLU A 58 3.78 14.18 4.12
N ALA A 59 4.39 15.35 4.19
CA ALA A 59 3.76 16.51 4.80
C ALA A 59 2.50 16.94 4.04
N ALA A 60 2.41 16.52 2.78
CA ALA A 60 1.27 16.86 1.94
C ALA A 60 0.00 16.15 2.40
N THR A 61 0.11 14.84 2.61
CA THR A 61 -1.04 14.04 2.98
C THR A 61 -0.78 13.21 4.23
N ALA A 62 -1.45 13.56 5.31
CA ALA A 62 -1.33 12.82 6.56
C ALA A 62 -2.70 12.47 7.10
N SER A 63 -3.70 12.57 6.23
CA SER A 63 -5.09 12.34 6.60
C SER A 63 -5.51 10.90 6.31
N ASP A 64 -4.53 10.03 6.10
CA ASP A 64 -4.80 8.62 5.82
C ASP A 64 -3.74 7.76 6.50
N ASP A 65 -4.10 6.53 6.82
CA ASP A 65 -3.20 5.60 7.49
C ASP A 65 -2.63 4.60 6.50
N GLY A 66 -3.29 4.47 5.37
CA GLY A 66 -2.89 3.47 4.39
C GLY A 66 -3.32 2.07 4.80
N LYS A 67 -4.40 2.00 5.57
CA LYS A 67 -4.90 0.72 6.05
C LYS A 67 -6.04 0.22 5.18
N VAL A 68 -6.68 1.12 4.44
CA VAL A 68 -7.83 0.73 3.66
C VAL A 68 -7.39 0.37 2.23
N ILE A 69 -7.92 -0.74 1.75
CA ILE A 69 -7.51 -1.28 0.45
C ILE A 69 -8.08 -0.42 -0.69
N LYS A 70 -7.18 0.08 -1.53
CA LYS A 70 -7.55 0.96 -2.62
C LYS A 70 -7.15 0.35 -3.96
N ASP A 71 -8.05 0.45 -4.94
CA ASP A 71 -7.92 -0.27 -6.20
C ASP A 71 -7.21 0.55 -7.28
N SER A 72 -7.13 -0.01 -8.49
CA SER A 72 -6.42 0.63 -9.58
C SER A 72 -7.26 1.77 -10.17
N VAL A 73 -8.46 1.86 -9.67
CA VAL A 73 -9.40 2.88 -10.08
C VAL A 73 -9.23 4.12 -9.22
N GLY A 74 -8.64 3.90 -8.07
CA GLY A 74 -8.52 4.94 -7.09
C GLY A 74 -9.65 4.88 -6.08
N ASN A 75 -10.61 3.99 -6.34
CA ASN A 75 -11.73 3.83 -5.45
C ASN A 75 -11.35 2.97 -4.25
N VAL A 76 -11.96 3.32 -3.13
CA VAL A 76 -11.67 2.70 -1.85
C VAL A 76 -12.77 1.71 -1.51
N LEU A 77 -12.40 0.53 -1.05
CA LEU A 77 -13.34 -0.57 -0.91
C LEU A 77 -13.86 -0.66 0.52
N GLN A 78 -14.82 -1.53 0.70
CA GLN A 78 -15.40 -1.78 2.01
C GLN A 78 -15.32 -3.27 2.29
N ASP A 79 -15.19 -3.65 3.56
CA ASP A 79 -15.21 -5.04 3.93
C ASP A 79 -16.59 -5.62 3.62
N GLY A 80 -16.60 -6.74 2.93
CA GLY A 80 -17.86 -7.33 2.51
C GLY A 80 -18.34 -6.81 1.17
N ASP A 81 -17.64 -5.83 0.61
CA ASP A 81 -18.04 -5.24 -0.67
C ASP A 81 -17.73 -6.19 -1.82
N THR A 82 -18.13 -5.81 -3.02
CA THR A 82 -17.88 -6.62 -4.20
C THR A 82 -16.77 -5.98 -5.02
N ILE A 83 -15.87 -6.79 -5.55
CA ILE A 83 -14.78 -6.27 -6.35
C ILE A 83 -14.84 -6.89 -7.74
N THR A 84 -14.09 -6.32 -8.67
CA THR A 84 -14.00 -6.84 -10.02
C THR A 84 -12.64 -6.51 -10.62
N VAL A 85 -11.84 -7.54 -10.87
CA VAL A 85 -10.53 -7.38 -11.48
C VAL A 85 -10.68 -6.76 -12.86
N ILE A 86 -10.00 -5.67 -13.11
CA ILE A 86 -10.08 -5.00 -14.39
C ILE A 86 -8.92 -5.38 -15.31
N LYS A 87 -8.18 -6.44 -14.99
CA LYS A 87 -7.05 -6.83 -15.81
C LYS A 87 -7.04 -8.36 -15.96
N ASP A 88 -6.34 -8.83 -16.97
CA ASP A 88 -6.14 -10.27 -17.13
C ASP A 88 -4.94 -10.78 -16.33
N LEU A 89 -5.25 -11.64 -15.36
CA LEU A 89 -4.25 -12.35 -14.56
C LEU A 89 -4.59 -13.84 -14.56
N LYS A 90 -3.60 -14.71 -14.53
CA LYS A 90 -3.86 -16.14 -14.39
C LYS A 90 -3.82 -16.55 -12.92
N VAL A 91 -4.06 -17.83 -12.65
CA VAL A 91 -3.98 -18.36 -11.30
C VAL A 91 -3.12 -19.62 -11.36
N LYS A 92 -2.12 -19.68 -10.51
CA LYS A 92 -1.15 -20.76 -10.57
C LYS A 92 -1.56 -21.91 -9.68
N GLY A 93 -1.41 -23.13 -10.18
CA GLY A 93 -1.77 -24.31 -9.41
C GLY A 93 -3.25 -24.61 -9.45
N SER A 94 -4.05 -23.58 -9.64
CA SER A 94 -5.49 -23.71 -9.71
C SER A 94 -5.97 -23.58 -11.14
N SER A 95 -7.13 -24.17 -11.43
CA SER A 95 -7.71 -24.09 -12.76
C SER A 95 -8.51 -22.79 -12.91
N LEU A 96 -8.33 -21.88 -11.95
CA LEU A 96 -8.96 -20.59 -11.99
C LEU A 96 -8.23 -19.67 -12.95
N VAL A 97 -8.81 -18.52 -13.22
CA VAL A 97 -8.35 -17.61 -14.25
C VAL A 97 -8.90 -16.23 -13.92
N VAL A 98 -8.04 -15.27 -13.65
CA VAL A 98 -8.50 -13.96 -13.24
C VAL A 98 -8.67 -13.04 -14.46
N LYS A 99 -9.87 -12.96 -14.97
CA LYS A 99 -10.13 -12.18 -16.17
C LYS A 99 -10.88 -10.91 -15.86
N VAL A 100 -10.58 -9.85 -16.61
CA VAL A 100 -11.22 -8.54 -16.44
C VAL A 100 -12.76 -8.69 -16.34
N GLY A 101 -13.25 -8.69 -15.12
CA GLY A 101 -14.67 -8.84 -14.87
C GLY A 101 -14.93 -9.91 -13.81
N THR A 102 -13.84 -10.41 -13.23
CA THR A 102 -13.93 -11.40 -12.16
C THR A 102 -14.65 -10.81 -10.95
N LYS A 103 -15.89 -11.21 -10.79
CA LYS A 103 -16.72 -10.64 -9.74
C LYS A 103 -16.65 -11.45 -8.47
N VAL A 104 -16.09 -10.86 -7.43
CA VAL A 104 -16.02 -11.51 -6.12
C VAL A 104 -16.50 -10.57 -5.03
N LYS A 105 -17.53 -11.00 -4.31
CA LYS A 105 -18.12 -10.17 -3.27
C LYS A 105 -17.80 -10.69 -1.87
N ASN A 106 -18.09 -9.81 -0.92
CA ASN A 106 -18.03 -10.12 0.50
C ASN A 106 -16.60 -10.28 0.96
N ILE A 107 -15.69 -9.47 0.43
CA ILE A 107 -14.27 -9.55 0.76
C ILE A 107 -13.96 -9.15 2.20
N ARG A 108 -12.67 -9.17 2.52
CA ARG A 108 -12.16 -8.71 3.80
C ARG A 108 -11.00 -7.76 3.56
N LEU A 109 -11.01 -6.61 4.22
CA LEU A 109 -9.91 -5.67 4.10
C LEU A 109 -8.68 -6.20 4.83
N VAL A 110 -7.68 -6.57 4.07
CA VAL A 110 -6.50 -7.24 4.62
C VAL A 110 -5.58 -6.25 5.32
N ASP A 111 -4.90 -6.73 6.35
CA ASP A 111 -3.86 -5.95 7.01
C ASP A 111 -2.61 -5.99 6.17
N GLY A 112 -2.54 -7.00 5.31
CA GLY A 112 -1.52 -7.06 4.29
C GLY A 112 -1.58 -5.86 3.39
N ASP A 113 -0.41 -5.30 3.09
CA ASP A 113 -0.25 -3.97 2.48
C ASP A 113 -1.47 -3.48 1.70
N HIS A 114 -1.55 -3.87 0.44
CA HIS A 114 -2.58 -3.34 -0.44
C HIS A 114 -3.66 -4.35 -0.82
N ASP A 115 -3.64 -5.57 -0.31
CA ASP A 115 -4.37 -6.66 -0.96
C ASP A 115 -5.83 -6.78 -0.54
N ILE A 116 -6.44 -7.89 -0.96
CA ILE A 116 -7.86 -8.12 -0.78
C ILE A 116 -8.10 -9.56 -0.42
N ASP A 117 -8.81 -9.78 0.66
CA ASP A 117 -9.17 -11.13 1.02
C ASP A 117 -10.54 -11.43 0.45
N CYS A 118 -10.64 -12.51 -0.29
CA CYS A 118 -11.88 -12.83 -0.93
C CYS A 118 -12.22 -14.30 -0.76
N LYS A 119 -13.50 -14.56 -0.57
CA LYS A 119 -14.00 -15.91 -0.37
C LYS A 119 -14.55 -16.44 -1.68
N ILE A 120 -13.91 -17.47 -2.21
CA ILE A 120 -14.27 -17.98 -3.52
C ILE A 120 -14.75 -19.42 -3.41
N ASP A 121 -16.08 -19.58 -3.52
CA ASP A 121 -16.73 -20.88 -3.41
C ASP A 121 -16.02 -21.93 -4.27
N GLY A 122 -15.73 -23.06 -3.64
CA GLY A 122 -15.04 -24.13 -4.32
C GLY A 122 -13.63 -24.30 -3.82
N ILE A 123 -12.76 -23.39 -4.21
CA ILE A 123 -11.35 -23.46 -3.82
C ILE A 123 -11.15 -22.94 -2.40
N GLY A 124 -11.73 -21.80 -2.10
CA GLY A 124 -11.59 -21.21 -0.79
C GLY A 124 -11.30 -19.73 -0.89
N ALA A 125 -10.52 -19.21 0.04
CA ALA A 125 -10.18 -17.80 0.03
C ALA A 125 -8.93 -17.55 -0.80
N MET A 126 -8.80 -16.32 -1.29
CA MET A 126 -7.64 -15.92 -2.07
C MET A 126 -7.34 -14.43 -1.86
N LYS A 127 -6.14 -14.01 -2.25
CA LYS A 127 -5.71 -12.64 -2.05
C LYS A 127 -5.41 -11.96 -3.38
N LEU A 128 -6.15 -10.90 -3.67
CA LEU A 128 -6.09 -10.22 -4.95
C LEU A 128 -5.33 -8.90 -4.81
N LYS A 129 -4.75 -8.47 -5.92
CA LYS A 129 -4.09 -7.19 -5.97
C LYS A 129 -5.12 -6.12 -6.24
N SER A 130 -5.33 -5.24 -5.26
CA SER A 130 -6.26 -4.13 -5.42
C SER A 130 -5.90 -3.34 -6.67
N GLU A 131 -4.61 -3.19 -6.87
CA GLU A 131 -4.06 -2.48 -8.02
C GLU A 131 -4.37 -3.17 -9.34
N PHE A 132 -5.02 -4.34 -9.29
CA PHE A 132 -5.51 -4.98 -10.49
C PHE A 132 -7.03 -5.11 -10.50
N VAL A 133 -7.69 -4.62 -9.45
CA VAL A 133 -9.16 -4.77 -9.37
C VAL A 133 -9.87 -3.43 -9.27
N ARG A 134 -11.19 -3.51 -9.23
CA ARG A 134 -12.05 -2.35 -9.12
C ARG A 134 -13.27 -2.65 -8.26
N LYS A 135 -13.55 -1.75 -7.35
CA LYS A 135 -14.75 -1.81 -6.55
C LYS A 135 -15.99 -1.64 -7.42
N VAL A 136 -16.86 -2.63 -7.40
CA VAL A 136 -18.10 -2.58 -8.18
C VAL A 136 -19.02 -1.48 -7.67
N GLY A 137 -19.51 -1.63 -6.45
CA GLY A 137 -20.41 -0.66 -5.88
C GLY A 137 -21.86 -1.08 -6.04
N SER A 138 -22.09 -2.38 -6.00
CA SER A 138 -23.43 -2.93 -6.14
C SER A 138 -23.73 -3.89 -5.00
N MET A 23 -3.51 14.95 -6.00
CA MET A 23 -2.41 14.12 -5.48
C MET A 23 -1.13 14.93 -5.35
N VAL A 24 -0.86 15.41 -4.14
CA VAL A 24 0.35 16.15 -3.85
C VAL A 24 0.78 15.90 -2.41
N SER A 25 2.06 15.66 -2.20
CA SER A 25 2.57 15.32 -0.87
C SER A 25 2.60 16.55 0.03
N THR A 26 1.89 16.46 1.13
CA THR A 26 1.97 17.45 2.18
C THR A 26 2.81 16.89 3.32
N LEU A 27 4.01 17.40 3.47
CA LEU A 27 4.96 16.86 4.44
C LEU A 27 4.99 17.74 5.67
N PRO A 28 5.31 17.14 6.84
CA PRO A 28 5.49 17.89 8.07
C PRO A 28 6.80 18.68 8.06
N PRO A 29 6.91 19.72 8.93
CA PRO A 29 8.12 20.52 9.03
C PRO A 29 9.30 19.73 9.59
N CYS A 30 10.35 20.45 9.97
CA CYS A 30 11.49 19.83 10.60
C CYS A 30 11.37 20.00 12.11
N PRO A 31 11.36 18.90 12.86
CA PRO A 31 11.24 18.94 14.32
C PRO A 31 12.47 19.57 14.98
N GLN A 32 13.36 20.10 14.16
CA GLN A 32 14.57 20.70 14.63
C GLN A 32 14.66 22.18 14.20
N CYS A 33 14.14 22.54 13.02
CA CYS A 33 14.20 23.92 12.56
C CYS A 33 12.79 24.52 12.52
N ASN A 34 11.84 23.73 12.00
CA ASN A 34 10.45 24.15 11.81
C ASN A 34 10.33 25.13 10.63
N SER A 35 11.46 25.37 9.97
CA SER A 35 11.54 26.25 8.82
C SER A 35 10.74 25.70 7.64
N GLU A 36 10.75 24.37 7.52
CA GLU A 36 9.97 23.63 6.54
C GLU A 36 10.67 23.51 5.19
N TYR A 37 11.99 23.57 5.17
CA TYR A 37 12.75 23.25 3.97
C TYR A 37 12.70 21.74 3.69
N THR A 38 11.96 21.04 4.53
CA THR A 38 11.81 19.60 4.42
C THR A 38 11.23 19.18 3.06
N TYR A 39 11.68 18.03 2.58
CA TYR A 39 11.24 17.49 1.30
C TYR A 39 11.37 15.98 1.34
N GLU A 40 10.93 15.29 0.30
CA GLU A 40 11.01 13.83 0.29
C GLU A 40 12.15 13.36 -0.63
N ASP A 41 13.19 12.79 -0.02
CA ASP A 41 14.28 12.20 -0.77
C ASP A 41 14.21 10.69 -0.62
N GLY A 42 13.26 10.09 -1.31
CA GLY A 42 13.11 8.66 -1.28
C GLY A 42 12.03 8.21 -0.30
N ALA A 43 12.44 7.54 0.77
CA ALA A 43 11.52 6.90 1.69
C ALA A 43 11.43 7.65 3.02
N LEU A 44 11.89 8.89 3.03
CA LEU A 44 11.86 9.68 4.26
C LEU A 44 11.88 11.16 3.93
N LEU A 45 11.98 11.99 4.95
CA LEU A 45 12.06 13.43 4.78
C LEU A 45 13.45 13.92 5.16
N VAL A 46 14.03 14.78 4.34
CA VAL A 46 15.37 15.29 4.59
C VAL A 46 15.33 16.81 4.75
N CYS A 47 15.97 17.33 5.79
CA CYS A 47 16.06 18.77 5.96
C CYS A 47 17.41 19.27 5.47
N PRO A 48 17.41 19.99 4.35
CA PRO A 48 18.64 20.51 3.74
C PRO A 48 19.25 21.65 4.56
N GLU A 49 18.57 22.03 5.64
CA GLU A 49 19.04 23.12 6.46
C GLU A 49 19.96 22.61 7.58
N CYS A 50 19.47 21.75 8.47
CA CYS A 50 20.28 21.31 9.60
C CYS A 50 21.04 20.02 9.30
N ALA A 51 21.08 19.60 8.03
CA ALA A 51 21.91 18.46 7.62
C ALA A 51 21.50 17.16 8.31
N HIS A 52 20.21 17.01 8.60
CA HIS A 52 19.72 15.79 9.23
C HIS A 52 18.39 15.36 8.62
N GLU A 53 18.31 14.09 8.27
CA GLU A 53 17.08 13.51 7.76
C GLU A 53 16.28 12.92 8.91
N TRP A 54 15.05 12.51 8.63
CA TRP A 54 14.19 11.93 9.64
C TRP A 54 12.99 11.29 8.95
N SER A 55 12.32 10.41 9.65
CA SER A 55 11.16 9.75 9.11
C SER A 55 9.97 9.95 10.04
N PRO A 56 8.86 10.49 9.51
CA PRO A 56 7.70 10.87 10.33
C PRO A 56 7.15 9.72 11.17
N ASN A 57 7.18 8.52 10.61
CA ASN A 57 6.67 7.33 11.30
C ASN A 57 7.73 6.24 11.39
N GLU A 58 8.44 5.99 10.29
CA GLU A 58 9.42 4.92 10.21
C GLU A 58 10.55 5.09 11.24
N ALA A 59 10.81 6.34 11.65
CA ALA A 59 11.89 6.61 12.60
C ALA A 59 11.65 5.89 13.94
N ALA A 60 10.43 5.41 14.13
CA ALA A 60 10.08 4.67 15.33
C ALA A 60 10.55 3.22 15.25
N THR A 61 10.77 2.75 14.02
CA THR A 61 11.16 1.37 13.80
C THR A 61 12.57 1.28 13.20
N ALA A 62 12.71 1.68 11.95
CA ALA A 62 13.98 1.58 11.25
C ALA A 62 14.18 2.76 10.31
N SER A 63 15.08 2.60 9.35
CA SER A 63 15.27 3.61 8.30
C SER A 63 14.60 3.14 7.02
N ASP A 64 13.72 2.15 7.16
CA ASP A 64 13.07 1.46 6.03
C ASP A 64 14.08 0.65 5.22
N ASP A 65 13.74 -0.60 5.03
CA ASP A 65 14.61 -1.53 4.33
C ASP A 65 13.80 -2.32 3.30
N GLY A 66 12.55 -2.62 3.64
CA GLY A 66 11.71 -3.36 2.73
C GLY A 66 10.99 -4.51 3.40
N LYS A 67 10.93 -4.48 4.73
CA LYS A 67 10.16 -5.47 5.46
C LYS A 67 8.68 -5.12 5.39
N VAL A 68 8.40 -3.84 5.28
CA VAL A 68 7.04 -3.36 5.11
C VAL A 68 6.69 -3.37 3.63
N ILE A 69 5.47 -3.77 3.32
CA ILE A 69 5.07 -3.97 1.93
C ILE A 69 4.74 -2.64 1.27
N LYS A 70 5.28 -2.44 0.08
CA LYS A 70 5.10 -1.18 -0.65
C LYS A 70 4.47 -1.46 -2.01
N ASP A 71 3.49 -0.63 -2.38
CA ASP A 71 2.64 -0.90 -3.53
C ASP A 71 3.09 -0.13 -4.77
N SER A 72 2.36 -0.30 -5.87
CA SER A 72 2.74 0.28 -7.16
C SER A 72 2.50 1.78 -7.17
N VAL A 73 1.90 2.26 -6.11
CA VAL A 73 1.62 3.67 -5.94
C VAL A 73 2.80 4.36 -5.30
N GLY A 74 3.64 3.54 -4.68
CA GLY A 74 4.76 4.04 -3.93
C GLY A 74 4.44 4.12 -2.47
N ASN A 75 3.18 3.91 -2.15
CA ASN A 75 2.72 3.99 -0.77
C ASN A 75 3.03 2.73 0.01
N VAL A 76 3.26 2.95 1.29
CA VAL A 76 3.60 1.89 2.22
C VAL A 76 2.38 1.54 3.06
N LEU A 77 2.14 0.25 3.27
CA LEU A 77 0.89 -0.20 3.85
C LEU A 77 1.01 -0.40 5.36
N GLN A 78 -0.13 -0.69 5.96
CA GLN A 78 -0.21 -1.00 7.39
C GLN A 78 -0.83 -2.38 7.54
N ASP A 79 -0.31 -3.17 8.46
CA ASP A 79 -0.85 -4.51 8.71
C ASP A 79 -2.26 -4.39 9.28
N GLY A 80 -3.25 -4.64 8.45
CA GLY A 80 -4.63 -4.49 8.86
C GLY A 80 -5.33 -3.40 8.09
N ASP A 81 -4.58 -2.74 7.22
CA ASP A 81 -5.14 -1.69 6.36
C ASP A 81 -5.92 -2.33 5.21
N THR A 82 -6.56 -1.49 4.41
CA THR A 82 -7.31 -1.96 3.26
C THR A 82 -6.50 -1.68 2.00
N ILE A 83 -6.48 -2.62 1.07
CA ILE A 83 -5.75 -2.42 -0.17
C ILE A 83 -6.70 -2.54 -1.35
N THR A 84 -6.25 -2.13 -2.52
CA THR A 84 -7.03 -2.26 -3.73
C THR A 84 -6.12 -2.45 -4.93
N VAL A 85 -6.24 -3.60 -5.58
CA VAL A 85 -5.51 -3.90 -6.80
C VAL A 85 -5.86 -2.84 -7.85
N ILE A 86 -4.85 -2.20 -8.38
CA ILE A 86 -5.09 -1.20 -9.40
C ILE A 86 -4.91 -1.80 -10.77
N LYS A 87 -4.85 -3.11 -10.87
CA LYS A 87 -4.52 -3.75 -12.10
C LYS A 87 -5.47 -4.91 -12.36
N ASP A 88 -5.57 -5.31 -13.61
CA ASP A 88 -6.28 -6.52 -13.98
C ASP A 88 -5.44 -7.77 -13.71
N LEU A 89 -5.79 -8.47 -12.63
CA LEU A 89 -5.09 -9.67 -12.19
C LEU A 89 -6.03 -10.88 -12.27
N LYS A 90 -5.61 -11.94 -12.90
CA LYS A 90 -6.41 -13.17 -12.85
C LYS A 90 -6.01 -13.99 -11.62
N VAL A 91 -6.72 -15.06 -11.35
CA VAL A 91 -6.35 -15.99 -10.29
C VAL A 91 -6.21 -17.36 -10.93
N LYS A 92 -5.06 -17.99 -10.78
CA LYS A 92 -4.79 -19.23 -11.53
C LYS A 92 -5.46 -20.45 -10.90
N GLY A 93 -5.41 -20.56 -9.58
CA GLY A 93 -5.96 -21.72 -8.91
C GLY A 93 -7.46 -21.65 -8.76
N SER A 94 -8.00 -20.45 -8.84
CA SER A 94 -9.43 -20.23 -8.71
C SER A 94 -10.04 -19.75 -10.02
N SER A 95 -11.36 -19.64 -10.06
CA SER A 95 -12.06 -19.14 -11.23
C SER A 95 -12.40 -17.66 -11.05
N LEU A 96 -11.99 -17.11 -9.92
CA LEU A 96 -12.20 -15.71 -9.64
C LEU A 96 -11.17 -14.85 -10.36
N VAL A 97 -11.61 -13.72 -10.87
CA VAL A 97 -10.72 -12.76 -11.48
C VAL A 97 -10.60 -11.51 -10.61
N VAL A 98 -9.41 -10.98 -10.54
CA VAL A 98 -9.11 -9.79 -9.75
C VAL A 98 -9.07 -8.55 -10.65
N LYS A 99 -9.93 -7.60 -10.37
CA LYS A 99 -10.07 -6.43 -11.22
C LYS A 99 -9.66 -5.16 -10.49
N VAL A 100 -9.16 -4.20 -11.26
CA VAL A 100 -8.75 -2.90 -10.73
C VAL A 100 -9.86 -2.31 -9.85
N GLY A 101 -9.71 -2.50 -8.54
CA GLY A 101 -10.71 -2.05 -7.57
C GLY A 101 -11.08 -3.15 -6.59
N THR A 102 -10.38 -4.28 -6.70
CA THR A 102 -10.57 -5.39 -5.77
C THR A 102 -10.20 -4.96 -4.35
N LYS A 103 -11.22 -4.75 -3.54
CA LYS A 103 -11.02 -4.19 -2.21
C LYS A 103 -10.88 -5.28 -1.16
N VAL A 104 -9.69 -5.37 -0.58
CA VAL A 104 -9.44 -6.31 0.49
C VAL A 104 -8.89 -5.59 1.71
N LYS A 105 -9.61 -5.68 2.81
CA LYS A 105 -9.24 -4.97 4.03
C LYS A 105 -8.68 -5.89 5.10
N ASN A 106 -7.94 -5.29 6.02
CA ASN A 106 -7.40 -5.97 7.20
C ASN A 106 -6.38 -7.02 6.78
N ILE A 107 -5.50 -6.65 5.85
CA ILE A 107 -4.45 -7.54 5.36
C ILE A 107 -3.41 -7.91 6.42
N ARG A 108 -2.46 -8.71 5.97
CA ARG A 108 -1.29 -9.10 6.74
C ARG A 108 -0.05 -8.75 5.94
N LEU A 109 0.87 -7.99 6.51
CA LEU A 109 2.12 -7.71 5.83
C LEU A 109 3.06 -8.89 5.98
N VAL A 110 3.42 -9.51 4.88
CA VAL A 110 4.27 -10.68 4.92
C VAL A 110 5.72 -10.24 5.09
N ASP A 111 6.42 -10.80 6.06
CA ASP A 111 7.74 -10.29 6.38
C ASP A 111 8.86 -11.16 5.84
N GLY A 112 9.10 -10.94 4.59
CA GLY A 112 10.21 -11.55 3.90
C GLY A 112 10.39 -10.93 2.54
N ASP A 113 9.52 -11.33 1.62
CA ASP A 113 9.42 -10.65 0.35
C ASP A 113 8.41 -9.51 0.53
N HIS A 114 7.96 -8.92 -0.56
CA HIS A 114 7.08 -7.78 -0.48
C HIS A 114 5.65 -8.13 -0.82
N ASP A 115 5.09 -9.23 -0.28
CA ASP A 115 3.73 -9.62 -0.60
C ASP A 115 2.72 -9.14 0.43
N ILE A 116 1.47 -9.21 0.05
CA ILE A 116 0.36 -8.91 0.95
C ILE A 116 -0.49 -10.16 1.16
N ASP A 117 -0.59 -10.59 2.39
CA ASP A 117 -1.40 -11.75 2.68
C ASP A 117 -2.77 -11.28 3.11
N CYS A 118 -3.78 -11.94 2.60
CA CYS A 118 -5.14 -11.50 2.81
C CYS A 118 -6.07 -12.68 2.97
N LYS A 119 -7.16 -12.47 3.67
CA LYS A 119 -8.15 -13.51 3.88
C LYS A 119 -9.41 -13.14 3.11
N ILE A 120 -9.86 -14.04 2.24
CA ILE A 120 -10.99 -13.75 1.37
C ILE A 120 -12.07 -14.81 1.53
N ASP A 121 -13.23 -14.40 2.02
CA ASP A 121 -14.33 -15.33 2.21
C ASP A 121 -14.96 -15.71 0.89
N GLY A 122 -14.66 -16.91 0.44
CA GLY A 122 -15.16 -17.40 -0.82
C GLY A 122 -14.24 -18.46 -1.38
N ILE A 123 -12.95 -18.19 -1.33
CA ILE A 123 -11.95 -19.14 -1.80
C ILE A 123 -10.93 -19.44 -0.70
N GLY A 124 -10.58 -18.41 0.05
CA GLY A 124 -9.66 -18.56 1.16
C GLY A 124 -8.66 -17.44 1.22
N ALA A 125 -7.48 -17.71 1.75
CA ALA A 125 -6.43 -16.71 1.82
C ALA A 125 -5.70 -16.61 0.49
N MET A 126 -5.27 -15.42 0.13
CA MET A 126 -4.60 -15.21 -1.14
C MET A 126 -3.38 -14.30 -0.97
N LYS A 127 -2.44 -14.43 -1.91
CA LYS A 127 -1.24 -13.61 -1.92
C LYS A 127 -1.31 -12.61 -3.06
N LEU A 128 -1.08 -11.34 -2.75
CA LEU A 128 -1.25 -10.26 -3.70
C LEU A 128 0.09 -9.59 -4.00
N LYS A 129 0.25 -9.24 -5.25
CA LYS A 129 1.43 -8.53 -5.70
C LYS A 129 1.29 -7.07 -5.35
N SER A 130 2.15 -6.61 -4.46
CA SER A 130 2.20 -5.21 -4.07
C SER A 130 2.33 -4.34 -5.32
N GLU A 131 3.12 -4.84 -6.27
CA GLU A 131 3.32 -4.19 -7.55
C GLU A 131 2.03 -4.03 -8.34
N PHE A 132 0.99 -4.73 -7.95
CA PHE A 132 -0.26 -4.65 -8.67
C PHE A 132 -1.37 -4.05 -7.81
N VAL A 133 -1.04 -3.60 -6.61
CA VAL A 133 -2.06 -3.11 -5.70
C VAL A 133 -1.76 -1.70 -5.18
N ARG A 134 -2.67 -1.20 -4.37
CA ARG A 134 -2.56 0.12 -3.78
C ARG A 134 -3.15 0.15 -2.38
N LYS A 135 -2.46 0.82 -1.47
CA LYS A 135 -2.98 1.05 -0.15
C LYS A 135 -4.09 2.10 -0.19
N VAL A 136 -5.25 1.73 0.32
CA VAL A 136 -6.42 2.59 0.30
C VAL A 136 -6.46 3.51 1.51
N GLY A 137 -6.52 2.92 2.70
CA GLY A 137 -6.72 3.70 3.90
C GLY A 137 -8.19 3.98 4.16
N SER A 138 -9.01 2.98 3.92
CA SER A 138 -10.45 3.10 4.08
C SER A 138 -10.84 2.89 5.55
N MET A 23 9.02 33.82 16.15
CA MET A 23 9.88 32.62 16.16
C MET A 23 9.11 31.43 15.59
N VAL A 24 9.83 30.49 14.98
CA VAL A 24 9.22 29.31 14.43
C VAL A 24 10.07 28.06 14.70
N SER A 25 9.45 27.07 15.32
CA SER A 25 10.09 25.79 15.54
C SER A 25 9.04 24.68 15.53
N THR A 26 8.74 24.18 14.33
CA THR A 26 7.74 23.16 14.16
C THR A 26 8.35 21.87 13.60
N LEU A 27 9.04 22.01 12.49
CA LEU A 27 9.66 20.87 11.84
C LEU A 27 11.02 20.58 12.48
N PRO A 28 11.44 19.32 12.47
CA PRO A 28 12.76 18.93 12.95
C PRO A 28 13.85 19.36 11.97
N PRO A 29 15.09 19.49 12.45
CA PRO A 29 16.22 19.84 11.61
C PRO A 29 16.57 18.72 10.62
N CYS A 30 17.73 18.83 10.01
CA CYS A 30 18.19 17.83 9.08
C CYS A 30 19.15 16.89 9.78
N PRO A 31 18.84 15.59 9.82
CA PRO A 31 19.69 14.57 10.47
C PRO A 31 21.03 14.39 9.73
N GLN A 32 21.27 15.27 8.79
CA GLN A 32 22.49 15.24 7.99
C GLN A 32 23.30 16.51 8.21
N CYS A 33 22.63 17.66 8.41
CA CYS A 33 23.33 18.92 8.66
C CYS A 33 23.09 19.38 10.10
N ASN A 34 21.81 19.36 10.49
CA ASN A 34 21.35 19.84 11.80
C ASN A 34 21.44 21.37 11.92
N SER A 35 21.97 22.01 10.88
CA SER A 35 22.12 23.47 10.83
C SER A 35 20.80 24.18 11.13
N GLU A 36 19.89 24.23 10.14
CA GLU A 36 18.60 24.92 10.30
C GLU A 36 17.80 24.98 9.01
N TYR A 37 18.47 24.79 7.87
CA TYR A 37 17.86 25.09 6.57
C TYR A 37 16.98 23.96 6.09
N THR A 38 16.11 23.49 6.96
CA THR A 38 15.13 22.49 6.59
C THR A 38 13.73 23.11 6.56
N TYR A 39 12.88 22.64 5.65
CA TYR A 39 11.55 23.22 5.47
C TYR A 39 10.60 22.16 4.94
N GLU A 40 9.34 22.51 4.73
CA GLU A 40 8.38 21.57 4.17
C GLU A 40 8.11 21.90 2.70
N ASP A 41 8.42 20.97 1.83
CA ASP A 41 8.07 21.08 0.43
C ASP A 41 7.10 19.98 0.04
N GLY A 42 5.84 20.18 0.36
CA GLY A 42 4.82 19.21 0.02
C GLY A 42 4.51 18.25 1.15
N ALA A 43 4.85 16.98 0.95
CA ALA A 43 4.48 15.93 1.87
C ALA A 43 5.67 15.39 2.65
N LEU A 44 6.73 16.17 2.72
CA LEU A 44 7.92 15.76 3.44
C LEU A 44 8.75 16.97 3.83
N LEU A 45 9.91 16.73 4.41
CA LEU A 45 10.85 17.78 4.74
C LEU A 45 12.03 17.73 3.78
N VAL A 46 12.39 18.86 3.20
CA VAL A 46 13.47 18.91 2.21
C VAL A 46 14.59 19.79 2.71
N CYS A 47 15.82 19.33 2.62
CA CYS A 47 16.96 20.16 2.99
C CYS A 47 17.64 20.69 1.74
N PRO A 48 17.45 21.99 1.43
CA PRO A 48 18.08 22.63 0.28
C PRO A 48 19.59 22.75 0.48
N GLU A 49 20.02 22.48 1.70
CA GLU A 49 21.43 22.55 2.07
C GLU A 49 22.20 21.39 1.45
N CYS A 50 21.92 20.17 1.90
CA CYS A 50 22.69 19.01 1.42
C CYS A 50 22.01 18.30 0.26
N ALA A 51 20.99 18.91 -0.35
CA ALA A 51 20.34 18.36 -1.54
C ALA A 51 19.72 17.00 -1.25
N HIS A 52 19.24 16.81 -0.03
CA HIS A 52 18.62 15.56 0.35
C HIS A 52 17.36 15.83 1.16
N GLU A 53 16.29 15.14 0.80
CA GLU A 53 15.02 15.29 1.49
C GLU A 53 14.76 14.07 2.36
N TRP A 54 13.78 14.15 3.25
CA TRP A 54 13.46 13.05 4.15
C TRP A 54 12.10 13.27 4.78
N SER A 55 11.53 12.22 5.32
CA SER A 55 10.28 12.32 6.03
C SER A 55 10.47 11.94 7.49
N PRO A 56 9.88 12.69 8.42
CA PRO A 56 10.06 12.47 9.86
C PRO A 56 9.61 11.08 10.31
N ASN A 57 8.74 10.46 9.54
CA ASN A 57 8.25 9.11 9.86
C ASN A 57 8.48 8.12 8.73
N GLU A 58 8.27 8.56 7.48
CA GLU A 58 8.37 7.67 6.33
C GLU A 58 9.81 7.23 6.09
N ALA A 59 10.77 7.99 6.62
CA ALA A 59 12.18 7.63 6.50
C ALA A 59 12.48 6.41 7.36
N ALA A 60 11.76 6.28 8.47
CA ALA A 60 11.92 5.12 9.35
C ALA A 60 11.25 3.90 8.73
N THR A 61 10.04 4.13 8.20
CA THR A 61 9.27 3.12 7.47
C THR A 61 9.16 1.80 8.24
N ALA A 62 8.74 0.73 7.54
CA ALA A 62 8.58 -0.60 8.14
C ALA A 62 7.61 -0.55 9.31
N SER A 63 6.52 0.18 9.13
CA SER A 63 5.53 0.34 10.17
C SER A 63 4.36 -0.61 9.96
N ASP A 64 4.65 -1.79 9.43
CA ASP A 64 3.65 -2.81 9.18
C ASP A 64 4.29 -4.19 9.18
N ASP A 65 3.49 -5.23 9.30
CA ASP A 65 4.00 -6.59 9.32
C ASP A 65 4.32 -7.06 7.92
N GLY A 66 3.57 -6.54 6.95
CA GLY A 66 3.77 -6.91 5.57
C GLY A 66 2.77 -7.93 5.08
N LYS A 67 2.26 -8.74 6.00
CA LYS A 67 1.30 -9.79 5.67
C LYS A 67 -0.12 -9.26 5.61
N VAL A 68 -0.27 -7.96 5.70
CA VAL A 68 -1.57 -7.34 5.58
C VAL A 68 -1.82 -6.94 4.14
N ILE A 69 -2.66 -7.72 3.47
CA ILE A 69 -2.84 -7.59 2.03
C ILE A 69 -3.79 -6.44 1.73
N LYS A 70 -3.37 -5.59 0.81
CA LYS A 70 -4.13 -4.42 0.46
C LYS A 70 -4.74 -4.57 -0.93
N ASP A 71 -5.67 -3.68 -1.26
CA ASP A 71 -6.31 -3.71 -2.57
C ASP A 71 -5.80 -2.55 -3.44
N SER A 72 -6.16 -2.59 -4.72
CA SER A 72 -5.75 -1.54 -5.68
C SER A 72 -6.67 -0.33 -5.57
N VAL A 73 -7.73 -0.53 -4.83
CA VAL A 73 -8.72 0.52 -4.60
C VAL A 73 -8.33 1.33 -3.37
N GLY A 74 -7.17 1.00 -2.84
CA GLY A 74 -6.59 1.78 -1.77
C GLY A 74 -6.99 1.31 -0.39
N ASN A 75 -7.85 0.29 -0.32
CA ASN A 75 -8.29 -0.18 0.98
C ASN A 75 -7.60 -1.47 1.39
N VAL A 76 -7.68 -1.73 2.68
CA VAL A 76 -7.03 -2.90 3.27
C VAL A 76 -8.07 -3.98 3.55
N LEU A 77 -7.69 -5.24 3.36
CA LEU A 77 -8.62 -6.34 3.55
C LEU A 77 -8.51 -6.92 4.94
N GLN A 78 -9.39 -7.86 5.23
CA GLN A 78 -9.33 -8.63 6.45
C GLN A 78 -9.63 -10.08 6.13
N ASP A 79 -9.22 -10.98 7.00
CA ASP A 79 -9.51 -12.38 6.82
C ASP A 79 -10.99 -12.63 7.00
N GLY A 80 -11.57 -13.32 6.04
CA GLY A 80 -12.99 -13.61 6.07
C GLY A 80 -13.82 -12.57 5.33
N ASP A 81 -13.19 -11.48 4.92
CA ASP A 81 -13.91 -10.43 4.21
C ASP A 81 -14.15 -10.82 2.76
N THR A 82 -15.01 -10.08 2.09
CA THR A 82 -15.32 -10.33 0.70
C THR A 82 -14.49 -9.42 -0.19
N ILE A 83 -14.01 -9.97 -1.29
CA ILE A 83 -13.21 -9.20 -2.23
C ILE A 83 -13.83 -9.24 -3.61
N THR A 84 -13.39 -8.35 -4.47
CA THR A 84 -13.82 -8.35 -5.85
C THR A 84 -12.70 -7.80 -6.74
N VAL A 85 -12.28 -8.62 -7.68
CA VAL A 85 -11.28 -8.20 -8.66
C VAL A 85 -11.84 -7.05 -9.48
N ILE A 86 -11.11 -5.96 -9.56
CA ILE A 86 -11.58 -4.82 -10.32
C ILE A 86 -10.97 -4.74 -11.71
N LYS A 87 -10.39 -5.82 -12.23
CA LYS A 87 -9.80 -5.81 -13.56
C LYS A 87 -10.11 -7.13 -14.25
N ASP A 88 -9.99 -7.14 -15.58
CA ASP A 88 -10.11 -8.39 -16.33
C ASP A 88 -8.81 -9.18 -16.32
N LEU A 89 -8.89 -10.35 -15.71
CA LEU A 89 -7.79 -11.30 -15.67
C LEU A 89 -8.30 -12.68 -16.07
N LYS A 90 -7.51 -13.45 -16.77
CA LYS A 90 -7.87 -14.82 -17.09
C LYS A 90 -7.28 -15.80 -16.08
N VAL A 91 -7.57 -17.08 -16.25
CA VAL A 91 -7.04 -18.13 -15.40
C VAL A 91 -6.40 -19.18 -16.30
N LYS A 92 -5.15 -19.52 -16.04
CA LYS A 92 -4.39 -20.36 -16.97
C LYS A 92 -4.68 -21.85 -16.80
N GLY A 93 -4.71 -22.34 -15.58
CA GLY A 93 -4.93 -23.75 -15.36
C GLY A 93 -6.39 -24.14 -15.47
N SER A 94 -7.26 -23.18 -15.20
CA SER A 94 -8.70 -23.44 -15.16
C SER A 94 -9.43 -22.78 -16.33
N SER A 95 -10.66 -23.20 -16.55
CA SER A 95 -11.52 -22.59 -17.57
C SER A 95 -12.24 -21.39 -16.95
N LEU A 96 -11.77 -21.01 -15.77
CA LEU A 96 -12.29 -19.86 -15.06
C LEU A 96 -11.78 -18.58 -15.68
N VAL A 97 -12.29 -17.47 -15.22
CA VAL A 97 -12.14 -16.19 -15.89
C VAL A 97 -12.39 -15.11 -14.84
N VAL A 98 -11.37 -14.35 -14.54
CA VAL A 98 -11.44 -13.38 -13.47
C VAL A 98 -11.87 -12.00 -14.00
N LYS A 99 -13.15 -11.74 -13.90
CA LYS A 99 -13.72 -10.52 -14.46
C LYS A 99 -13.99 -9.49 -13.38
N VAL A 100 -13.82 -8.21 -13.72
CA VAL A 100 -14.10 -7.10 -12.79
C VAL A 100 -15.48 -7.27 -12.15
N GLY A 101 -15.48 -7.82 -10.94
CA GLY A 101 -16.71 -8.09 -10.22
C GLY A 101 -16.71 -9.51 -9.67
N THR A 102 -15.59 -10.20 -9.88
CA THR A 102 -15.41 -11.55 -9.37
C THR A 102 -15.47 -11.53 -7.84
N LYS A 103 -16.59 -11.98 -7.34
CA LYS A 103 -16.84 -11.90 -5.91
C LYS A 103 -16.36 -13.15 -5.20
N VAL A 104 -15.35 -13.00 -4.35
CA VAL A 104 -14.88 -14.08 -3.54
C VAL A 104 -14.88 -13.65 -2.07
N LYS A 105 -15.72 -14.28 -1.29
CA LYS A 105 -15.89 -13.93 0.11
C LYS A 105 -15.06 -14.82 1.00
N ASN A 106 -14.84 -14.36 2.23
CA ASN A 106 -14.17 -15.14 3.25
C ASN A 106 -12.73 -15.44 2.86
N ILE A 107 -12.00 -14.44 2.36
CA ILE A 107 -10.60 -14.62 1.97
C ILE A 107 -9.69 -14.91 3.16
N ARG A 108 -8.43 -15.16 2.83
CA ARG A 108 -7.38 -15.42 3.81
C ARG A 108 -6.18 -14.54 3.50
N LEU A 109 -5.67 -13.84 4.51
CA LEU A 109 -4.46 -13.05 4.34
C LEU A 109 -3.26 -13.98 4.46
N VAL A 110 -2.55 -14.16 3.36
CA VAL A 110 -1.44 -15.13 3.33
C VAL A 110 -0.15 -14.47 3.77
N ASP A 111 0.92 -15.26 3.81
CA ASP A 111 2.22 -14.77 4.24
C ASP A 111 2.92 -14.03 3.12
N GLY A 112 2.53 -12.80 2.92
CA GLY A 112 3.13 -11.95 1.92
C GLY A 112 2.36 -10.67 1.79
N ASP A 113 2.73 -9.83 0.84
CA ASP A 113 2.04 -8.56 0.61
C ASP A 113 1.09 -8.67 -0.58
N HIS A 114 1.46 -9.53 -1.52
CA HIS A 114 0.74 -9.70 -2.78
C HIS A 114 -0.03 -11.01 -2.78
N ASP A 115 -0.83 -11.22 -1.73
CA ASP A 115 -1.24 -12.58 -1.41
C ASP A 115 -2.61 -12.65 -0.75
N ILE A 116 -3.65 -12.81 -1.57
CA ILE A 116 -4.97 -13.10 -1.06
C ILE A 116 -5.35 -14.52 -1.37
N ASP A 117 -5.48 -15.33 -0.35
CA ASP A 117 -5.83 -16.71 -0.55
C ASP A 117 -7.33 -16.89 -0.42
N CYS A 118 -7.89 -17.67 -1.32
CA CYS A 118 -9.32 -17.88 -1.33
C CYS A 118 -9.64 -19.33 -1.58
N LYS A 119 -10.68 -19.82 -0.93
CA LYS A 119 -11.10 -21.20 -1.07
C LYS A 119 -12.39 -21.22 -1.88
N ILE A 120 -12.36 -21.92 -3.00
CA ILE A 120 -13.47 -21.89 -3.93
C ILE A 120 -14.02 -23.29 -4.12
N ASP A 121 -15.19 -23.53 -3.55
CA ASP A 121 -15.81 -24.85 -3.63
C ASP A 121 -16.12 -25.20 -5.06
N GLY A 122 -15.49 -26.23 -5.55
CA GLY A 122 -15.73 -26.65 -6.90
C GLY A 122 -14.45 -26.98 -7.61
N ILE A 123 -13.62 -25.98 -7.81
CA ILE A 123 -12.33 -26.17 -8.45
C ILE A 123 -11.23 -26.33 -7.40
N GLY A 124 -11.23 -25.46 -6.41
CA GLY A 124 -10.24 -25.51 -5.36
C GLY A 124 -9.85 -24.13 -4.89
N ALA A 125 -8.71 -24.03 -4.22
CA ALA A 125 -8.23 -22.76 -3.71
C ALA A 125 -7.45 -21.99 -4.78
N MET A 126 -7.52 -20.67 -4.73
CA MET A 126 -6.85 -19.84 -5.72
C MET A 126 -6.20 -18.63 -5.06
N LYS A 127 -5.21 -18.06 -5.72
CA LYS A 127 -4.46 -16.93 -5.20
C LYS A 127 -4.65 -15.71 -6.09
N LEU A 128 -4.90 -14.57 -5.48
CA LEU A 128 -5.27 -13.37 -6.20
C LEU A 128 -4.26 -12.25 -5.99
N LYS A 129 -4.02 -11.51 -7.06
CA LYS A 129 -3.05 -10.43 -7.03
C LYS A 129 -3.58 -9.24 -6.27
N SER A 130 -2.76 -8.75 -5.35
CA SER A 130 -3.12 -7.66 -4.46
C SER A 130 -3.48 -6.40 -5.23
N GLU A 131 -2.85 -6.20 -6.36
CA GLU A 131 -3.06 -5.00 -7.14
C GLU A 131 -4.26 -5.13 -8.07
N PHE A 132 -4.94 -6.27 -8.06
CA PHE A 132 -6.10 -6.42 -8.93
C PHE A 132 -7.40 -6.61 -8.14
N VAL A 133 -7.33 -6.57 -6.82
CA VAL A 133 -8.50 -6.86 -6.01
C VAL A 133 -9.03 -5.63 -5.28
N ARG A 134 -10.23 -5.78 -4.72
CA ARG A 134 -10.89 -4.71 -3.99
C ARG A 134 -11.80 -5.26 -2.90
N LYS A 135 -11.69 -4.69 -1.71
CA LYS A 135 -12.58 -5.05 -0.61
C LYS A 135 -14.02 -4.62 -0.91
N VAL A 136 -14.92 -5.58 -0.92
CA VAL A 136 -16.34 -5.31 -1.05
C VAL A 136 -16.95 -5.00 0.31
N GLY A 137 -16.65 -5.85 1.28
CA GLY A 137 -17.25 -5.72 2.59
C GLY A 137 -18.66 -6.29 2.63
N SER A 138 -19.03 -7.00 1.56
CA SER A 138 -20.35 -7.59 1.44
C SER A 138 -20.29 -8.82 0.53
N MET A 23 26.99 25.08 1.97
CA MET A 23 26.34 24.10 2.88
C MET A 23 25.37 24.82 3.81
N VAL A 24 24.35 24.11 4.27
CA VAL A 24 23.32 24.68 5.10
C VAL A 24 22.27 23.61 5.43
N SER A 25 21.81 23.59 6.67
CA SER A 25 20.76 22.67 7.08
C SER A 25 19.41 23.11 6.54
N THR A 26 19.03 22.55 5.40
CA THR A 26 17.74 22.82 4.81
C THR A 26 16.91 21.54 4.77
N LEU A 27 16.08 21.37 5.77
CA LEU A 27 15.37 20.12 5.98
C LEU A 27 13.95 20.19 5.40
N PRO A 28 13.32 19.03 5.17
CA PRO A 28 11.92 18.98 4.73
C PRO A 28 10.99 19.44 5.84
N PRO A 29 9.75 19.83 5.49
CA PRO A 29 8.75 20.23 6.47
C PRO A 29 8.28 19.04 7.31
N CYS A 30 7.26 19.28 8.12
CA CYS A 30 6.69 18.26 8.93
C CYS A 30 5.45 17.69 8.26
N PRO A 31 5.37 16.36 8.09
CA PRO A 31 4.21 15.71 7.47
C PRO A 31 2.98 15.77 8.39
N GLN A 32 3.13 16.49 9.49
CA GLN A 32 2.07 16.62 10.47
C GLN A 32 1.61 18.07 10.54
N CYS A 33 2.53 19.04 10.47
CA CYS A 33 2.17 20.45 10.52
C CYS A 33 2.39 21.10 9.16
N ASN A 34 3.60 20.89 8.62
CA ASN A 34 4.05 21.49 7.35
C ASN A 34 4.35 22.99 7.51
N SER A 35 4.16 23.52 8.71
CA SER A 35 4.37 24.94 8.97
C SER A 35 5.83 25.35 8.71
N GLU A 36 6.76 25.07 9.65
CA GLU A 36 8.18 25.38 9.41
C GLU A 36 9.10 25.07 10.60
N TYR A 37 8.54 24.78 11.78
CA TYR A 37 9.36 24.66 12.99
C TYR A 37 9.99 23.27 13.10
N THR A 38 10.32 22.70 11.96
CA THR A 38 11.00 21.42 11.90
C THR A 38 12.51 21.65 11.87
N TYR A 39 13.24 20.88 12.67
CA TYR A 39 14.68 21.05 12.79
C TYR A 39 15.33 19.68 13.01
N GLU A 40 16.65 19.62 12.95
CA GLU A 40 17.34 18.35 13.12
C GLU A 40 17.92 18.23 14.53
N ASP A 41 17.55 17.18 15.23
CA ASP A 41 18.14 16.88 16.53
C ASP A 41 18.81 15.52 16.49
N GLY A 42 20.02 15.48 15.94
CA GLY A 42 20.78 14.27 15.92
C GLY A 42 20.63 13.49 14.62
N ALA A 43 20.00 12.33 14.71
CA ALA A 43 19.94 11.39 13.59
C ALA A 43 18.56 11.36 12.95
N LEU A 44 17.75 12.38 13.23
CA LEU A 44 16.41 12.42 12.70
C LEU A 44 15.92 13.86 12.66
N LEU A 45 14.66 14.03 12.27
CA LEU A 45 14.02 15.33 12.30
C LEU A 45 12.96 15.33 13.39
N VAL A 46 12.99 16.33 14.25
CA VAL A 46 12.03 16.39 15.34
C VAL A 46 11.29 17.70 15.26
N CYS A 47 10.01 17.63 15.48
CA CYS A 47 9.17 18.80 15.34
C CYS A 47 8.67 19.25 16.69
N PRO A 48 9.25 20.35 17.23
CA PRO A 48 8.79 20.97 18.47
C PRO A 48 7.45 21.65 18.23
N GLU A 49 7.11 21.72 16.96
CA GLU A 49 5.89 22.34 16.48
C GLU A 49 4.67 21.48 16.86
N CYS A 50 4.75 20.15 16.68
CA CYS A 50 3.70 19.26 17.18
C CYS A 50 4.23 18.26 18.21
N ALA A 51 5.44 18.49 18.76
CA ALA A 51 6.00 17.61 19.79
C ALA A 51 6.09 16.16 19.31
N HIS A 52 6.48 15.97 18.06
CA HIS A 52 6.58 14.64 17.48
C HIS A 52 7.79 14.53 16.56
N GLU A 53 8.60 13.51 16.81
CA GLU A 53 9.80 13.26 16.04
C GLU A 53 9.50 12.32 14.87
N TRP A 54 10.31 12.36 13.82
CA TRP A 54 10.11 11.49 12.67
C TRP A 54 11.40 11.36 11.87
N SER A 55 11.46 10.34 11.03
CA SER A 55 12.61 10.12 10.18
C SER A 55 12.24 10.40 8.73
N PRO A 56 13.05 11.20 8.01
CA PRO A 56 12.71 11.67 6.66
C PRO A 56 12.49 10.55 5.65
N ASN A 57 13.23 9.46 5.79
CA ASN A 57 13.10 8.34 4.86
C ASN A 57 12.68 7.07 5.58
N GLU A 58 13.29 6.83 6.74
CA GLU A 58 13.09 5.60 7.50
C GLU A 58 11.63 5.46 7.97
N ALA A 59 10.89 6.57 7.98
CA ALA A 59 9.49 6.55 8.40
C ALA A 59 8.66 5.60 7.53
N ALA A 60 9.13 5.35 6.32
CA ALA A 60 8.47 4.43 5.40
C ALA A 60 8.45 3.02 5.99
N THR A 61 9.49 2.71 6.77
CA THR A 61 9.62 1.41 7.43
C THR A 61 9.90 0.30 6.40
N ALA A 62 10.37 -0.84 6.88
CA ALA A 62 10.68 -1.97 6.02
C ALA A 62 9.40 -2.63 5.52
N SER A 63 9.55 -3.67 4.72
CA SER A 63 8.40 -4.36 4.16
C SER A 63 7.97 -5.51 5.07
N ASP A 64 6.97 -6.25 4.66
CA ASP A 64 6.48 -7.39 5.44
C ASP A 64 5.89 -8.45 4.51
N ASP A 65 5.86 -9.70 4.97
CA ASP A 65 5.37 -10.80 4.15
C ASP A 65 3.87 -10.71 3.92
N GLY A 66 3.16 -10.11 4.87
CA GLY A 66 1.73 -9.99 4.74
C GLY A 66 1.07 -9.46 5.99
N LYS A 67 0.85 -8.15 6.02
CA LYS A 67 0.12 -7.52 7.12
C LYS A 67 -1.35 -7.47 6.77
N VAL A 68 -1.63 -6.92 5.61
CA VAL A 68 -2.98 -6.77 5.11
C VAL A 68 -2.98 -7.02 3.60
N ILE A 69 -4.05 -7.59 3.08
CA ILE A 69 -4.09 -8.00 1.68
C ILE A 69 -4.51 -6.83 0.79
N LYS A 70 -3.85 -6.70 -0.36
CA LYS A 70 -4.16 -5.63 -1.30
C LYS A 70 -4.83 -6.17 -2.55
N ASP A 71 -5.59 -5.31 -3.22
CA ASP A 71 -6.25 -5.66 -4.45
C ASP A 71 -5.42 -5.15 -5.64
N SER A 72 -5.76 -5.61 -6.84
CA SER A 72 -5.01 -5.23 -8.04
C SER A 72 -5.37 -3.82 -8.49
N VAL A 73 -6.42 -3.31 -7.87
CA VAL A 73 -6.93 -1.98 -8.18
C VAL A 73 -6.15 -0.94 -7.37
N GLY A 74 -5.19 -1.43 -6.59
CA GLY A 74 -4.31 -0.57 -5.86
C GLY A 74 -4.82 -0.20 -4.48
N ASN A 75 -5.93 -0.80 -4.07
CA ASN A 75 -6.46 -0.52 -2.75
C ASN A 75 -6.26 -1.68 -1.79
N VAL A 76 -6.50 -1.38 -0.53
CA VAL A 76 -6.29 -2.33 0.55
C VAL A 76 -7.61 -2.72 1.18
N LEU A 77 -7.77 -3.97 1.58
CA LEU A 77 -9.00 -4.45 2.15
C LEU A 77 -8.95 -4.43 3.67
N GLN A 78 -10.07 -4.77 4.27
CA GLN A 78 -10.17 -4.96 5.70
C GLN A 78 -10.89 -6.27 5.94
N ASP A 79 -10.65 -6.89 7.09
CA ASP A 79 -11.29 -8.15 7.42
C ASP A 79 -12.79 -7.94 7.63
N GLY A 80 -13.57 -8.20 6.59
CA GLY A 80 -14.99 -7.95 6.64
C GLY A 80 -15.46 -7.10 5.48
N ASP A 81 -14.52 -6.60 4.69
CA ASP A 81 -14.83 -5.78 3.53
C ASP A 81 -15.46 -6.61 2.42
N THR A 82 -16.05 -5.91 1.46
CA THR A 82 -16.62 -6.55 0.30
C THR A 82 -15.66 -6.46 -0.88
N ILE A 83 -15.48 -7.54 -1.60
CA ILE A 83 -14.53 -7.56 -2.71
C ILE A 83 -15.25 -7.89 -4.00
N THR A 84 -14.58 -7.66 -5.11
CA THR A 84 -15.10 -8.02 -6.40
C THR A 84 -13.95 -8.33 -7.35
N VAL A 85 -13.91 -9.56 -7.85
CA VAL A 85 -12.93 -9.97 -8.83
C VAL A 85 -13.10 -9.10 -10.08
N ILE A 86 -12.03 -8.49 -10.52
CA ILE A 86 -12.11 -7.64 -11.70
C ILE A 86 -11.61 -8.33 -12.95
N LYS A 87 -11.54 -9.66 -12.96
CA LYS A 87 -11.10 -10.38 -14.14
C LYS A 87 -11.91 -11.68 -14.28
N ASP A 88 -11.81 -12.30 -15.43
CA ASP A 88 -12.39 -13.63 -15.61
C ASP A 88 -11.43 -14.72 -15.12
N LEU A 89 -11.86 -15.40 -14.07
CA LEU A 89 -11.14 -16.55 -13.51
C LEU A 89 -12.08 -17.74 -13.43
N LYS A 90 -11.60 -18.92 -13.71
CA LYS A 90 -12.41 -20.12 -13.53
C LYS A 90 -12.24 -20.65 -12.11
N VAL A 91 -13.05 -21.63 -11.74
CA VAL A 91 -12.96 -22.28 -10.42
C VAL A 91 -12.69 -23.76 -10.66
N LYS A 92 -11.74 -24.34 -9.94
CA LYS A 92 -11.34 -25.71 -10.18
C LYS A 92 -12.33 -26.72 -9.57
N GLY A 93 -12.54 -26.62 -8.28
CA GLY A 93 -13.35 -27.59 -7.57
C GLY A 93 -14.84 -27.40 -7.80
N SER A 94 -15.22 -26.22 -8.25
CA SER A 94 -16.61 -25.90 -8.50
C SER A 94 -16.87 -25.67 -9.98
N SER A 95 -18.11 -25.89 -10.41
CA SER A 95 -18.49 -25.67 -11.80
C SER A 95 -18.74 -24.18 -12.07
N LEU A 96 -18.58 -23.37 -11.03
CA LEU A 96 -18.78 -21.94 -11.15
C LEU A 96 -17.58 -21.27 -11.79
N VAL A 97 -17.83 -20.22 -12.54
CA VAL A 97 -16.80 -19.37 -13.07
C VAL A 97 -16.79 -18.02 -12.34
N VAL A 98 -15.60 -17.59 -11.96
CA VAL A 98 -15.41 -16.31 -11.30
C VAL A 98 -15.31 -15.18 -12.33
N LYS A 99 -16.38 -14.42 -12.47
CA LYS A 99 -16.45 -13.40 -13.51
C LYS A 99 -16.26 -12.01 -12.92
N VAL A 100 -15.70 -11.12 -13.72
CA VAL A 100 -15.46 -9.73 -13.33
C VAL A 100 -16.74 -9.09 -12.76
N GLY A 101 -16.84 -9.10 -11.44
CA GLY A 101 -18.02 -8.58 -10.77
C GLY A 101 -18.49 -9.56 -9.69
N THR A 102 -17.71 -10.62 -9.50
CA THR A 102 -17.99 -11.60 -8.46
C THR A 102 -17.93 -10.94 -7.09
N LYS A 103 -19.09 -10.70 -6.53
CA LYS A 103 -19.16 -9.95 -5.28
C LYS A 103 -19.15 -10.89 -4.09
N VAL A 104 -18.16 -10.70 -3.23
CA VAL A 104 -18.03 -11.49 -2.01
C VAL A 104 -17.74 -10.57 -0.83
N LYS A 105 -18.65 -10.54 0.12
CA LYS A 105 -18.56 -9.64 1.27
C LYS A 105 -18.06 -10.38 2.49
N ASN A 106 -17.52 -9.60 3.44
CA ASN A 106 -17.07 -10.11 4.73
C ASN A 106 -15.93 -11.09 4.59
N ILE A 107 -14.92 -10.75 3.79
CA ILE A 107 -13.73 -11.59 3.63
C ILE A 107 -12.91 -11.73 4.91
N ARG A 108 -11.85 -12.52 4.79
CA ARG A 108 -10.89 -12.75 5.86
C ARG A 108 -9.49 -12.53 5.32
N LEU A 109 -8.72 -11.65 5.96
CA LEU A 109 -7.36 -11.40 5.53
C LEU A 109 -6.46 -12.52 6.03
N VAL A 110 -5.89 -13.26 5.10
CA VAL A 110 -5.06 -14.40 5.45
C VAL A 110 -3.65 -13.96 5.81
N ASP A 111 -2.89 -14.84 6.47
CA ASP A 111 -1.53 -14.53 6.85
C ASP A 111 -0.63 -14.63 5.64
N GLY A 112 -0.48 -13.53 4.96
CA GLY A 112 0.30 -13.48 3.75
C GLY A 112 -0.34 -12.56 2.74
N ASP A 113 0.42 -11.59 2.24
CA ASP A 113 -0.10 -10.50 1.42
C ASP A 113 -0.78 -11.01 0.14
N HIS A 114 -0.57 -12.27 -0.17
CA HIS A 114 -1.03 -12.87 -1.42
C HIS A 114 -2.21 -13.82 -1.21
N ASP A 115 -3.27 -13.37 -0.52
CA ASP A 115 -4.32 -14.33 -0.14
C ASP A 115 -5.53 -13.70 0.52
N ILE A 116 -6.70 -14.24 0.20
CA ILE A 116 -7.97 -13.74 0.71
C ILE A 116 -8.94 -14.87 0.97
N ASP A 117 -9.38 -15.00 2.18
CA ASP A 117 -10.32 -16.04 2.52
C ASP A 117 -11.73 -15.49 2.48
N CYS A 118 -12.63 -16.25 1.89
CA CYS A 118 -14.01 -15.84 1.79
C CYS A 118 -14.90 -17.07 1.68
N LYS A 119 -16.18 -16.89 1.92
CA LYS A 119 -17.11 -17.99 1.79
C LYS A 119 -18.23 -17.62 0.84
N ILE A 120 -18.72 -18.61 0.13
CA ILE A 120 -19.84 -18.44 -0.76
C ILE A 120 -20.94 -19.37 -0.30
N ASP A 121 -21.96 -18.80 0.32
CA ASP A 121 -23.07 -19.57 0.88
C ASP A 121 -23.77 -20.36 -0.21
N GLY A 122 -23.50 -21.65 -0.24
CA GLY A 122 -24.02 -22.51 -1.27
C GLY A 122 -23.03 -23.58 -1.65
N ILE A 123 -21.96 -23.18 -2.31
CA ILE A 123 -20.90 -24.11 -2.68
C ILE A 123 -19.91 -24.32 -1.54
N GLY A 124 -19.47 -23.23 -0.92
CA GLY A 124 -18.54 -23.33 0.19
C GLY A 124 -17.60 -22.14 0.23
N ALA A 125 -16.50 -22.29 0.96
CA ALA A 125 -15.51 -21.22 1.08
C ALA A 125 -14.50 -21.29 -0.06
N MET A 126 -13.97 -20.16 -0.45
CA MET A 126 -13.03 -20.10 -1.56
C MET A 126 -11.90 -19.11 -1.27
N LYS A 127 -10.78 -19.31 -1.94
CA LYS A 127 -9.60 -18.49 -1.72
C LYS A 127 -9.31 -17.67 -2.98
N LEU A 128 -8.93 -16.42 -2.80
CA LEU A 128 -8.81 -15.50 -3.91
C LEU A 128 -7.41 -14.91 -4.01
N LYS A 129 -6.97 -14.75 -5.23
CA LYS A 129 -5.69 -14.14 -5.50
C LYS A 129 -5.83 -12.64 -5.55
N SER A 130 -5.11 -11.98 -4.66
CA SER A 130 -5.15 -10.54 -4.48
C SER A 130 -5.04 -9.81 -5.82
N GLU A 131 -4.18 -10.33 -6.68
CA GLU A 131 -3.91 -9.74 -7.98
C GLU A 131 -5.13 -9.75 -8.89
N PHE A 132 -6.17 -10.48 -8.51
CA PHE A 132 -7.35 -10.56 -9.34
C PHE A 132 -8.57 -9.89 -8.70
N VAL A 133 -8.40 -9.31 -7.52
CA VAL A 133 -9.55 -8.81 -6.77
C VAL A 133 -9.54 -7.29 -6.64
N ARG A 134 -10.66 -6.76 -6.17
CA ARG A 134 -10.81 -5.32 -5.96
C ARG A 134 -11.87 -5.04 -4.89
N LYS A 135 -11.52 -4.21 -3.93
CA LYS A 135 -12.51 -3.73 -2.97
C LYS A 135 -13.62 -2.98 -3.69
N VAL A 136 -14.85 -3.42 -3.50
CA VAL A 136 -16.01 -2.74 -4.07
C VAL A 136 -16.11 -1.31 -3.55
N GLY A 137 -15.91 -1.17 -2.25
CA GLY A 137 -16.07 0.12 -1.61
C GLY A 137 -16.77 -0.01 -0.28
N SER A 138 -17.48 -1.11 -0.11
CA SER A 138 -18.14 -1.40 1.14
C SER A 138 -17.22 -2.25 2.02
N MET A 23 4.74 25.70 3.99
CA MET A 23 4.49 24.24 3.94
C MET A 23 5.61 23.52 3.19
N VAL A 24 6.76 24.18 3.07
CA VAL A 24 7.88 23.63 2.33
C VAL A 24 8.51 22.45 3.07
N SER A 25 8.20 22.37 4.35
CA SER A 25 8.66 21.28 5.18
C SER A 25 7.52 20.30 5.42
N THR A 26 7.48 19.24 4.62
CA THR A 26 6.47 18.21 4.76
C THR A 26 7.11 16.84 4.91
N LEU A 27 8.34 16.85 5.40
CA LEU A 27 9.12 15.64 5.57
C LEU A 27 8.68 14.89 6.83
N PRO A 28 8.94 13.59 6.90
CA PRO A 28 8.64 12.80 8.09
C PRO A 28 9.60 13.15 9.23
N PRO A 29 9.20 12.93 10.47
CA PRO A 29 10.06 13.17 11.63
C PRO A 29 11.23 12.20 11.68
N CYS A 30 12.01 12.28 12.74
CA CYS A 30 13.13 11.40 12.94
C CYS A 30 12.71 10.27 13.86
N PRO A 31 12.84 9.01 13.42
CA PRO A 31 12.46 7.83 14.22
C PRO A 31 13.38 7.64 15.43
N GLN A 32 14.20 8.66 15.67
CA GLN A 32 15.13 8.65 16.77
C GLN A 32 14.83 9.79 17.72
N CYS A 33 14.49 10.98 17.20
CA CYS A 33 14.18 12.13 18.04
C CYS A 33 12.68 12.45 17.96
N ASN A 34 12.19 12.55 16.72
CA ASN A 34 10.80 12.90 16.40
C ASN A 34 10.50 14.38 16.71
N SER A 35 11.51 15.10 17.15
CA SER A 35 11.37 16.51 17.53
C SER A 35 10.87 17.36 16.36
N GLU A 36 11.76 17.72 15.41
CA GLU A 36 11.37 18.56 14.27
C GLU A 36 12.55 18.94 13.37
N TYR A 37 13.77 18.82 13.88
CA TYR A 37 14.94 19.35 13.19
C TYR A 37 15.41 18.45 12.05
N THR A 38 14.45 17.76 11.44
CA THR A 38 14.73 16.89 10.32
C THR A 38 14.52 17.65 9.00
N TYR A 39 15.44 17.48 8.06
CA TYR A 39 15.41 18.23 6.82
C TYR A 39 15.78 17.29 5.67
N GLU A 40 15.60 17.73 4.43
CA GLU A 40 15.91 16.87 3.30
C GLU A 40 17.19 17.35 2.60
N ASP A 41 18.16 16.46 2.52
CA ASP A 41 19.35 16.71 1.74
C ASP A 41 19.37 15.79 0.53
N GLY A 42 18.50 16.06 -0.42
CA GLY A 42 18.44 15.25 -1.63
C GLY A 42 17.34 14.21 -1.60
N ALA A 43 17.74 12.95 -1.46
CA ALA A 43 16.81 11.83 -1.59
C ALA A 43 16.55 11.13 -0.26
N LEU A 44 16.82 11.83 0.83
CA LEU A 44 16.61 11.28 2.15
C LEU A 44 16.41 12.39 3.16
N LEU A 45 16.21 12.02 4.42
CA LEU A 45 16.13 12.99 5.50
C LEU A 45 17.38 12.86 6.36
N VAL A 46 17.99 13.98 6.69
CA VAL A 46 19.17 14.01 7.52
C VAL A 46 18.82 14.72 8.83
N CYS A 47 19.10 14.10 9.95
CA CYS A 47 18.80 14.72 11.22
C CYS A 47 20.08 15.26 11.84
N PRO A 48 20.28 16.58 11.80
CA PRO A 48 21.43 17.23 12.43
C PRO A 48 21.28 17.22 13.94
N GLU A 49 20.10 16.81 14.37
CA GLU A 49 19.77 16.73 15.79
C GLU A 49 20.56 15.61 16.44
N CYS A 50 20.35 14.36 16.02
CA CYS A 50 21.08 13.23 16.59
C CYS A 50 22.27 12.81 15.72
N ALA A 51 22.61 13.59 14.70
CA ALA A 51 23.75 13.28 13.83
C ALA A 51 23.59 11.94 13.14
N HIS A 52 22.41 11.69 12.59
CA HIS A 52 22.15 10.44 11.90
C HIS A 52 21.11 10.67 10.80
N GLU A 53 21.35 10.11 9.62
CA GLU A 53 20.46 10.30 8.48
C GLU A 53 19.81 8.97 8.08
N TRP A 54 18.73 9.06 7.30
CA TRP A 54 17.98 7.88 6.87
C TRP A 54 17.10 8.26 5.69
N SER A 55 16.63 7.27 4.96
CA SER A 55 15.70 7.53 3.85
C SER A 55 14.33 6.96 4.21
N PRO A 56 13.23 7.68 3.88
CA PRO A 56 11.89 7.29 4.30
C PRO A 56 11.50 5.90 3.81
N ASN A 57 11.72 5.63 2.54
CA ASN A 57 11.36 4.35 1.95
C ASN A 57 12.58 3.45 1.79
N GLU A 58 13.72 4.04 1.43
CA GLU A 58 14.92 3.26 1.13
C GLU A 58 15.52 2.59 2.36
N ALA A 59 15.05 2.99 3.54
CA ALA A 59 15.47 2.33 4.77
C ALA A 59 14.88 0.92 4.82
N ALA A 60 13.67 0.78 4.29
CA ALA A 60 13.00 -0.51 4.23
C ALA A 60 13.39 -1.30 2.99
N THR A 61 13.41 -0.62 1.85
CA THR A 61 13.66 -1.27 0.57
C THR A 61 15.14 -1.60 0.36
N ALA A 62 16.02 -0.71 0.86
CA ALA A 62 17.46 -0.84 0.69
C ALA A 62 17.87 -0.58 -0.76
N SER A 63 18.57 0.52 -0.97
CA SER A 63 19.00 0.93 -2.30
C SER A 63 19.92 -0.12 -2.93
N ASP A 64 19.41 -0.77 -3.97
CA ASP A 64 20.18 -1.79 -4.69
C ASP A 64 19.73 -1.78 -6.15
N ASP A 65 19.86 -2.90 -6.85
CA ASP A 65 19.47 -2.99 -8.26
C ASP A 65 17.99 -2.68 -8.43
N GLY A 66 17.19 -3.17 -7.50
CA GLY A 66 15.76 -2.87 -7.54
C GLY A 66 14.94 -4.08 -7.93
N LYS A 67 15.25 -5.22 -7.33
CA LYS A 67 14.47 -6.43 -7.57
C LYS A 67 13.15 -6.37 -6.80
N VAL A 68 12.12 -5.91 -7.48
CA VAL A 68 10.79 -5.79 -6.92
C VAL A 68 9.79 -6.42 -7.87
N ILE A 69 8.65 -6.85 -7.36
CA ILE A 69 7.66 -7.50 -8.20
C ILE A 69 6.75 -6.46 -8.84
N LYS A 70 6.48 -6.64 -10.13
CA LYS A 70 5.63 -5.72 -10.87
C LYS A 70 4.26 -6.29 -11.12
N ASP A 71 3.42 -5.49 -11.75
CA ASP A 71 2.10 -5.92 -12.18
C ASP A 71 2.02 -5.91 -13.70
N SER A 72 0.95 -6.47 -14.25
CA SER A 72 0.74 -6.48 -15.71
C SER A 72 0.43 -5.08 -16.22
N VAL A 73 0.28 -4.19 -15.27
CA VAL A 73 -0.08 -2.80 -15.54
C VAL A 73 1.18 -2.00 -15.82
N GLY A 74 2.30 -2.62 -15.49
CA GLY A 74 3.60 -1.98 -15.69
C GLY A 74 4.06 -1.24 -14.47
N ASN A 75 3.29 -1.35 -13.39
CA ASN A 75 3.67 -0.69 -12.14
C ASN A 75 4.39 -1.65 -11.21
N VAL A 76 4.96 -1.05 -10.18
CA VAL A 76 5.75 -1.78 -9.20
C VAL A 76 5.05 -1.75 -7.84
N LEU A 77 5.16 -2.83 -7.08
CA LEU A 77 4.43 -2.96 -5.83
C LEU A 77 5.32 -2.67 -4.62
N GLN A 78 4.70 -2.64 -3.46
CA GLN A 78 5.40 -2.41 -2.21
C GLN A 78 5.07 -3.56 -1.27
N ASP A 79 6.01 -3.96 -0.44
CA ASP A 79 5.78 -5.05 0.50
C ASP A 79 4.83 -4.59 1.60
N GLY A 80 3.56 -4.92 1.43
CA GLY A 80 2.54 -4.48 2.36
C GLY A 80 1.45 -3.72 1.63
N ASP A 81 1.69 -3.48 0.34
CA ASP A 81 0.74 -2.80 -0.52
C ASP A 81 -0.48 -3.68 -0.78
N THR A 82 -1.53 -3.09 -1.31
CA THR A 82 -2.72 -3.82 -1.67
C THR A 82 -2.75 -3.98 -3.17
N ILE A 83 -3.09 -5.16 -3.64
CA ILE A 83 -3.08 -5.43 -5.07
C ILE A 83 -4.45 -5.93 -5.51
N THR A 84 -4.63 -6.05 -6.82
CA THR A 84 -5.86 -6.60 -7.37
C THR A 84 -5.60 -7.31 -8.70
N VAL A 85 -5.98 -8.58 -8.75
CA VAL A 85 -5.88 -9.38 -9.98
C VAL A 85 -6.84 -8.80 -11.02
N ILE A 86 -6.31 -8.51 -12.18
CA ILE A 86 -7.14 -7.96 -13.24
C ILE A 86 -7.62 -8.99 -14.24
N LYS A 87 -7.51 -10.29 -13.94
CA LYS A 87 -7.88 -11.31 -14.90
C LYS A 87 -8.53 -12.49 -14.17
N ASP A 88 -9.19 -13.34 -14.93
CA ASP A 88 -9.80 -14.55 -14.36
C ASP A 88 -8.81 -15.72 -14.27
N LEU A 89 -8.57 -16.14 -13.04
CA LEU A 89 -7.79 -17.34 -12.73
C LEU A 89 -8.51 -18.15 -11.65
N LYS A 90 -8.35 -19.45 -11.65
CA LYS A 90 -8.85 -20.25 -10.53
C LYS A 90 -7.79 -20.46 -9.46
N VAL A 91 -8.17 -21.14 -8.39
CA VAL A 91 -7.25 -21.43 -7.28
C VAL A 91 -7.12 -22.94 -7.13
N LYS A 92 -5.89 -23.45 -7.09
CA LYS A 92 -5.62 -24.89 -7.13
C LYS A 92 -6.33 -25.66 -6.02
N GLY A 93 -7.36 -26.42 -6.41
CA GLY A 93 -8.02 -27.33 -5.49
C GLY A 93 -8.78 -26.65 -4.38
N SER A 94 -8.83 -25.33 -4.41
CA SER A 94 -9.46 -24.57 -3.35
C SER A 94 -10.87 -24.11 -3.77
N SER A 95 -11.64 -23.66 -2.81
CA SER A 95 -12.98 -23.15 -3.07
C SER A 95 -12.94 -21.69 -3.49
N LEU A 96 -11.74 -21.12 -3.47
CA LEU A 96 -11.55 -19.73 -3.87
C LEU A 96 -11.45 -19.65 -5.40
N VAL A 97 -11.44 -18.43 -5.92
CA VAL A 97 -11.58 -18.17 -7.34
C VAL A 97 -11.00 -16.78 -7.60
N VAL A 98 -10.00 -16.70 -8.44
CA VAL A 98 -9.30 -15.45 -8.66
C VAL A 98 -9.96 -14.64 -9.79
N LYS A 99 -10.80 -13.72 -9.41
CA LYS A 99 -11.56 -12.93 -10.38
C LYS A 99 -11.05 -11.51 -10.46
N VAL A 100 -11.09 -10.92 -11.65
CA VAL A 100 -10.67 -9.54 -11.87
C VAL A 100 -11.30 -8.60 -10.83
N GLY A 101 -10.52 -8.29 -9.80
CA GLY A 101 -10.98 -7.46 -8.71
C GLY A 101 -10.69 -8.09 -7.35
N THR A 102 -10.01 -9.23 -7.40
CA THR A 102 -9.60 -9.94 -6.19
C THR A 102 -8.65 -9.06 -5.38
N LYS A 103 -9.18 -8.52 -4.30
CA LYS A 103 -8.40 -7.58 -3.51
C LYS A 103 -7.62 -8.31 -2.43
N VAL A 104 -6.30 -8.16 -2.48
CA VAL A 104 -5.43 -8.76 -1.49
C VAL A 104 -4.44 -7.71 -0.98
N LYS A 105 -4.58 -7.36 0.28
CA LYS A 105 -3.77 -6.29 0.85
C LYS A 105 -2.62 -6.83 1.66
N ASN A 106 -1.57 -6.02 1.76
CA ASN A 106 -0.37 -6.35 2.50
C ASN A 106 0.32 -7.56 1.89
N ILE A 107 0.60 -7.51 0.59
CA ILE A 107 1.38 -8.55 -0.07
C ILE A 107 2.81 -8.61 0.45
N ARG A 108 3.53 -9.60 -0.03
CA ARG A 108 4.91 -9.84 0.32
C ARG A 108 5.73 -10.00 -0.95
N LEU A 109 6.75 -9.18 -1.13
CA LEU A 109 7.61 -9.29 -2.29
C LEU A 109 8.57 -10.44 -2.11
N VAL A 110 8.42 -11.48 -2.92
CA VAL A 110 9.28 -12.65 -2.80
C VAL A 110 10.50 -12.50 -3.69
N ASP A 111 11.41 -13.46 -3.63
CA ASP A 111 12.67 -13.35 -4.33
C ASP A 111 12.55 -13.81 -5.76
N GLY A 112 12.15 -12.88 -6.57
CA GLY A 112 12.06 -13.08 -8.00
C GLY A 112 11.43 -11.86 -8.64
N ASP A 113 11.13 -11.92 -9.93
CA ASP A 113 10.37 -10.85 -10.58
C ASP A 113 8.91 -11.28 -10.77
N HIS A 114 8.71 -12.58 -10.73
CA HIS A 114 7.40 -13.21 -10.98
C HIS A 114 6.80 -13.74 -9.68
N ASP A 115 6.76 -12.90 -8.65
CA ASP A 115 6.61 -13.42 -7.29
C ASP A 115 5.89 -12.48 -6.34
N ILE A 116 4.58 -12.57 -6.28
CA ILE A 116 3.83 -11.85 -5.25
C ILE A 116 3.27 -12.81 -4.25
N ASP A 117 3.75 -12.76 -3.05
CA ASP A 117 3.24 -13.64 -2.02
C ASP A 117 2.18 -12.89 -1.25
N CYS A 118 1.11 -13.57 -0.93
CA CYS A 118 -0.02 -12.91 -0.32
C CYS A 118 -0.74 -13.82 0.66
N LYS A 119 -1.44 -13.22 1.60
CA LYS A 119 -2.19 -13.98 2.58
C LYS A 119 -3.67 -13.68 2.43
N ILE A 120 -4.47 -14.72 2.35
CA ILE A 120 -5.91 -14.57 2.20
C ILE A 120 -6.60 -15.23 3.37
N ASP A 121 -7.18 -14.42 4.24
CA ASP A 121 -7.82 -14.95 5.44
C ASP A 121 -9.10 -15.67 5.06
N GLY A 122 -9.00 -16.99 4.94
CA GLY A 122 -10.12 -17.79 4.53
C GLY A 122 -9.65 -19.13 4.03
N ILE A 123 -8.56 -19.12 3.28
CA ILE A 123 -7.95 -20.36 2.82
C ILE A 123 -6.49 -20.43 3.28
N GLY A 124 -5.82 -19.29 3.28
CA GLY A 124 -4.44 -19.22 3.69
C GLY A 124 -3.64 -18.32 2.78
N ALA A 125 -2.36 -18.61 2.65
CA ALA A 125 -1.48 -17.80 1.81
C ALA A 125 -1.44 -18.36 0.38
N MET A 126 -1.25 -17.47 -0.59
CA MET A 126 -1.20 -17.86 -1.98
C MET A 126 -0.12 -17.07 -2.72
N LYS A 127 0.33 -17.58 -3.85
CA LYS A 127 1.31 -16.88 -4.67
C LYS A 127 0.68 -16.54 -6.02
N LEU A 128 1.05 -15.38 -6.55
CA LEU A 128 0.37 -14.83 -7.71
C LEU A 128 1.36 -14.49 -8.83
N LYS A 129 0.88 -14.65 -10.06
CA LYS A 129 1.64 -14.26 -11.23
C LYS A 129 1.64 -12.75 -11.40
N SER A 130 2.83 -12.20 -11.56
CA SER A 130 3.02 -10.78 -11.80
C SER A 130 2.18 -10.33 -13.00
N GLU A 131 2.16 -11.18 -14.01
CA GLU A 131 1.46 -10.89 -15.25
C GLU A 131 -0.06 -10.84 -15.07
N PHE A 132 -0.58 -11.30 -13.94
CA PHE A 132 -2.02 -11.29 -13.76
C PHE A 132 -2.48 -10.30 -12.70
N VAL A 133 -1.56 -9.50 -12.15
CA VAL A 133 -1.93 -8.63 -11.04
C VAL A 133 -1.84 -7.16 -11.40
N ARG A 134 -2.36 -6.34 -10.49
CA ARG A 134 -2.32 -4.89 -10.62
C ARG A 134 -2.23 -4.24 -9.26
N LYS A 135 -1.47 -3.15 -9.19
CA LYS A 135 -1.39 -2.35 -8.00
C LYS A 135 -2.71 -1.66 -7.67
N VAL A 136 -3.02 -1.61 -6.39
CA VAL A 136 -4.14 -0.82 -5.87
C VAL A 136 -3.61 0.40 -5.13
N GLY A 137 -2.81 0.15 -4.10
CA GLY A 137 -2.24 1.23 -3.33
C GLY A 137 -3.07 1.58 -2.10
N SER A 138 -4.21 0.92 -1.95
CA SER A 138 -5.09 1.18 -0.83
C SER A 138 -5.61 -0.13 -0.24
N MET A 23 17.00 30.49 0.25
CA MET A 23 16.84 29.67 1.47
C MET A 23 16.78 28.19 1.12
N VAL A 24 17.63 27.39 1.76
CA VAL A 24 17.61 25.96 1.59
C VAL A 24 16.89 25.30 2.75
N SER A 25 16.71 26.07 3.81
CA SER A 25 16.07 25.58 5.02
C SER A 25 14.56 25.68 4.92
N THR A 26 13.95 24.68 4.29
CA THR A 26 12.51 24.63 4.15
C THR A 26 11.93 23.54 5.06
N LEU A 27 12.81 22.69 5.56
CA LEU A 27 12.41 21.63 6.47
C LEU A 27 12.93 21.93 7.86
N PRO A 28 12.30 21.36 8.90
CA PRO A 28 12.75 21.52 10.28
C PRO A 28 14.07 20.78 10.52
N PRO A 29 14.83 21.17 11.54
CA PRO A 29 16.09 20.52 11.87
C PRO A 29 15.89 19.13 12.45
N CYS A 30 16.98 18.57 12.93
CA CYS A 30 16.98 17.24 13.51
C CYS A 30 16.93 17.36 15.02
N PRO A 31 15.92 16.77 15.66
CA PRO A 31 15.74 16.85 17.12
C PRO A 31 16.84 16.10 17.87
N GLN A 32 17.84 15.64 17.14
CA GLN A 32 18.93 14.93 17.72
C GLN A 32 20.23 15.71 17.60
N CYS A 33 20.47 16.38 16.46
CA CYS A 33 21.70 17.14 16.28
C CYS A 33 21.42 18.59 15.88
N ASN A 34 20.36 18.81 15.08
CA ASN A 34 19.91 20.16 14.69
C ASN A 34 20.86 20.80 13.67
N SER A 35 21.89 20.06 13.29
CA SER A 35 22.95 20.57 12.42
C SER A 35 22.41 21.19 11.12
N GLU A 36 22.06 20.33 10.16
CA GLU A 36 21.59 20.76 8.84
C GLU A 36 21.48 19.54 7.93
N TYR A 37 21.07 18.45 8.53
CA TYR A 37 21.09 17.18 7.85
C TYR A 37 19.70 16.60 7.73
N THR A 38 18.70 17.45 7.75
CA THR A 38 17.35 16.98 7.48
C THR A 38 17.00 17.15 6.00
N TYR A 39 16.44 16.09 5.42
CA TYR A 39 15.96 16.11 4.04
C TYR A 39 14.72 15.24 3.95
N GLU A 40 14.04 15.27 2.83
CA GLU A 40 12.86 14.45 2.65
C GLU A 40 13.20 13.21 1.83
N ASP A 41 13.03 12.04 2.43
CA ASP A 41 13.14 10.81 1.68
C ASP A 41 11.79 10.10 1.70
N GLY A 42 10.83 10.68 0.99
CA GLY A 42 9.52 10.09 0.93
C GLY A 42 8.51 10.80 1.80
N ALA A 43 8.03 10.11 2.83
CA ALA A 43 6.95 10.62 3.67
C ALA A 43 7.44 11.07 5.03
N LEU A 44 8.74 11.30 5.14
CA LEU A 44 9.32 11.73 6.40
C LEU A 44 10.60 12.50 6.15
N LEU A 45 11.29 12.85 7.22
CA LEU A 45 12.58 13.51 7.15
C LEU A 45 13.66 12.58 7.70
N VAL A 46 14.79 12.49 7.03
CA VAL A 46 15.85 11.59 7.44
C VAL A 46 17.13 12.39 7.72
N CYS A 47 17.82 12.06 8.81
CA CYS A 47 19.11 12.67 9.07
C CYS A 47 20.24 11.70 8.73
N PRO A 48 20.93 11.92 7.60
CA PRO A 48 22.08 11.11 7.20
C PRO A 48 23.20 11.17 8.23
N GLU A 49 23.25 12.27 8.98
CA GLU A 49 24.28 12.45 9.99
C GLU A 49 24.09 11.47 11.14
N CYS A 50 22.95 11.51 11.82
CA CYS A 50 22.70 10.63 12.95
C CYS A 50 22.38 9.21 12.51
N ALA A 51 22.16 8.98 11.21
CA ALA A 51 21.70 7.68 10.72
C ALA A 51 20.36 7.30 11.34
N HIS A 52 19.49 8.29 11.49
CA HIS A 52 18.18 8.06 12.09
C HIS A 52 17.17 9.04 11.49
N GLU A 53 15.99 8.54 11.17
CA GLU A 53 14.95 9.35 10.57
C GLU A 53 13.88 9.72 11.59
N TRP A 54 12.94 10.57 11.16
CA TRP A 54 11.85 11.02 12.03
C TRP A 54 10.78 11.69 11.19
N SER A 55 9.59 11.81 11.72
CA SER A 55 8.53 12.53 11.05
C SER A 55 8.31 13.89 11.72
N PRO A 56 8.18 14.95 10.93
CA PRO A 56 8.10 16.32 11.45
C PRO A 56 6.94 16.53 12.42
N ASN A 57 5.74 16.15 11.99
CA ASN A 57 4.55 16.34 12.82
C ASN A 57 3.83 15.03 13.11
N GLU A 58 4.08 14.03 12.28
CA GLU A 58 3.37 12.76 12.41
C GLU A 58 3.99 11.89 13.50
N ALA A 59 5.19 12.25 13.94
CA ALA A 59 5.91 11.47 14.95
C ALA A 59 5.11 11.34 16.23
N ALA A 60 4.70 12.48 16.79
CA ALA A 60 3.98 12.50 18.05
C ALA A 60 2.60 11.88 17.89
N THR A 61 1.80 12.43 16.97
CA THR A 61 0.48 11.91 16.71
C THR A 61 0.15 11.96 15.22
N ALA A 62 -0.14 10.80 14.66
CA ALA A 62 -0.56 10.67 13.27
C ALA A 62 -1.71 9.69 13.17
N SER A 63 -2.53 9.66 14.21
CA SER A 63 -3.60 8.69 14.30
C SER A 63 -4.72 8.99 13.30
N ASP A 64 -4.75 8.20 12.25
CA ASP A 64 -5.79 8.30 11.22
C ASP A 64 -6.52 6.97 11.12
N ASP A 65 -6.12 6.07 12.02
CA ASP A 65 -6.59 4.69 12.03
C ASP A 65 -6.11 3.98 10.77
N GLY A 66 -4.98 3.32 10.87
CA GLY A 66 -4.42 2.63 9.72
C GLY A 66 -4.74 1.15 9.74
N LYS A 67 -5.35 0.69 10.82
CA LYS A 67 -5.65 -0.73 10.98
C LYS A 67 -6.81 -1.16 10.10
N VAL A 68 -7.63 -0.22 9.67
CA VAL A 68 -8.70 -0.51 8.74
C VAL A 68 -8.18 -0.46 7.31
N ILE A 69 -8.34 -1.57 6.61
CA ILE A 69 -7.76 -1.73 5.27
C ILE A 69 -8.64 -1.05 4.21
N LYS A 70 -8.01 -0.40 3.25
CA LYS A 70 -8.71 0.32 2.19
C LYS A 70 -8.46 -0.33 0.82
N ASP A 71 -9.13 0.20 -0.22
CA ASP A 71 -8.93 -0.29 -1.58
C ASP A 71 -8.25 0.75 -2.47
N SER A 72 -7.89 0.34 -3.69
CA SER A 72 -7.27 1.26 -4.66
C SER A 72 -8.33 2.20 -5.25
N VAL A 73 -9.57 1.90 -4.90
CA VAL A 73 -10.72 2.61 -5.45
C VAL A 73 -11.06 3.81 -4.58
N GLY A 74 -10.42 3.85 -3.43
CA GLY A 74 -10.65 4.93 -2.49
C GLY A 74 -11.67 4.56 -1.44
N ASN A 75 -12.23 3.37 -1.58
CA ASN A 75 -13.23 2.90 -0.63
C ASN A 75 -12.60 2.12 0.50
N VAL A 76 -13.41 1.92 1.52
CA VAL A 76 -12.99 1.24 2.73
C VAL A 76 -13.79 -0.04 2.90
N LEU A 77 -13.14 -1.09 3.33
CA LEU A 77 -13.77 -2.39 3.42
C LEU A 77 -14.32 -2.63 4.81
N GLN A 78 -15.03 -3.71 4.95
CA GLN A 78 -15.56 -4.11 6.23
C GLN A 78 -15.20 -5.56 6.48
N ASP A 79 -15.03 -5.94 7.73
CA ASP A 79 -14.66 -7.30 8.06
C ASP A 79 -15.82 -8.25 7.75
N GLY A 80 -15.77 -8.85 6.58
CA GLY A 80 -16.83 -9.74 6.15
C GLY A 80 -17.40 -9.32 4.81
N ASP A 81 -16.99 -8.15 4.32
CA ASP A 81 -17.45 -7.64 3.03
C ASP A 81 -16.85 -8.42 1.88
N THR A 82 -17.28 -8.10 0.66
CA THR A 82 -16.80 -8.76 -0.52
C THR A 82 -15.82 -7.86 -1.27
N ILE A 83 -14.73 -8.42 -1.76
CA ILE A 83 -13.72 -7.62 -2.46
C ILE A 83 -13.49 -8.19 -3.85
N THR A 84 -12.86 -7.41 -4.71
CA THR A 84 -12.48 -7.88 -6.03
C THR A 84 -11.20 -7.19 -6.50
N VAL A 85 -10.21 -7.99 -6.86
CA VAL A 85 -8.97 -7.48 -7.39
C VAL A 85 -9.23 -6.85 -8.76
N ILE A 86 -8.85 -5.61 -8.91
CA ILE A 86 -9.04 -4.91 -10.17
C ILE A 86 -7.81 -4.94 -11.08
N LYS A 87 -6.86 -5.82 -10.83
CA LYS A 87 -5.67 -5.88 -11.67
C LYS A 87 -5.23 -7.33 -11.84
N ASP A 88 -4.38 -7.58 -12.83
CA ASP A 88 -3.79 -8.91 -12.99
C ASP A 88 -2.57 -9.11 -12.10
N LEU A 89 -2.71 -10.04 -11.17
CA LEU A 89 -1.63 -10.48 -10.30
C LEU A 89 -1.55 -11.99 -10.36
N LYS A 90 -0.37 -12.55 -10.31
CA LYS A 90 -0.24 -14.00 -10.21
C LYS A 90 -0.16 -14.43 -8.75
N VAL A 91 -0.07 -15.74 -8.52
CA VAL A 91 0.04 -16.27 -7.18
C VAL A 91 1.23 -17.23 -7.14
N LYS A 92 2.12 -17.06 -6.17
CA LYS A 92 3.36 -17.81 -6.15
C LYS A 92 3.15 -19.24 -5.65
N GLY A 93 2.68 -19.38 -4.42
CA GLY A 93 2.51 -20.70 -3.83
C GLY A 93 1.15 -21.30 -4.10
N SER A 94 0.64 -21.06 -5.30
CA SER A 94 -0.67 -21.54 -5.68
C SER A 94 -0.68 -21.92 -7.15
N SER A 95 -1.70 -22.63 -7.58
CA SER A 95 -1.95 -22.81 -9.00
C SER A 95 -2.96 -21.76 -9.46
N LEU A 96 -3.32 -20.90 -8.51
CA LEU A 96 -4.27 -19.83 -8.74
C LEU A 96 -3.62 -18.65 -9.46
N VAL A 97 -4.44 -17.67 -9.79
CA VAL A 97 -4.08 -16.58 -10.68
C VAL A 97 -5.05 -15.45 -10.37
N VAL A 98 -4.53 -14.33 -9.90
CA VAL A 98 -5.37 -13.25 -9.44
C VAL A 98 -5.75 -12.32 -10.61
N LYS A 99 -6.94 -12.53 -11.14
CA LYS A 99 -7.37 -11.77 -12.31
C LYS A 99 -8.41 -10.72 -11.94
N VAL A 100 -8.36 -9.58 -12.63
CA VAL A 100 -9.31 -8.49 -12.42
C VAL A 100 -10.77 -9.01 -12.41
N GLY A 101 -11.29 -9.20 -11.21
CA GLY A 101 -12.63 -9.76 -11.05
C GLY A 101 -12.61 -10.92 -10.08
N THR A 102 -11.45 -11.14 -9.48
CA THR A 102 -11.30 -12.17 -8.46
C THR A 102 -12.18 -11.84 -7.26
N LYS A 103 -13.27 -12.56 -7.15
CA LYS A 103 -14.25 -12.25 -6.13
C LYS A 103 -14.04 -13.07 -4.89
N VAL A 104 -13.69 -12.38 -3.82
CA VAL A 104 -13.46 -13.00 -2.54
C VAL A 104 -14.20 -12.24 -1.45
N LYS A 105 -15.14 -12.90 -0.80
CA LYS A 105 -15.94 -12.26 0.21
C LYS A 105 -15.60 -12.72 1.61
N ASN A 106 -16.17 -11.99 2.55
CA ASN A 106 -16.08 -12.31 3.97
C ASN A 106 -14.67 -12.08 4.48
N ILE A 107 -14.00 -11.06 3.97
CA ILE A 107 -12.61 -10.78 4.31
C ILE A 107 -12.38 -10.50 5.80
N ARG A 108 -11.11 -10.34 6.12
CA ARG A 108 -10.64 -10.06 7.46
C ARG A 108 -9.68 -8.89 7.42
N LEU A 109 -9.99 -7.85 8.18
CA LEU A 109 -9.12 -6.70 8.26
C LEU A 109 -7.91 -7.04 9.14
N VAL A 110 -6.75 -7.16 8.51
CA VAL A 110 -5.56 -7.70 9.18
C VAL A 110 -4.96 -6.68 10.15
N ASP A 111 -4.15 -7.20 11.07
CA ASP A 111 -3.43 -6.38 12.04
C ASP A 111 -2.22 -5.72 11.40
N GLY A 112 -2.39 -5.37 10.15
CA GLY A 112 -1.38 -4.71 9.37
C GLY A 112 -2.02 -3.61 8.57
N ASP A 113 -1.43 -2.44 8.60
CA ASP A 113 -2.07 -1.24 8.07
C ASP A 113 -2.27 -1.30 6.55
N HIS A 114 -1.73 -2.34 5.91
CA HIS A 114 -1.85 -2.48 4.47
C HIS A 114 -2.78 -3.60 4.02
N ASP A 115 -2.68 -4.79 4.61
CA ASP A 115 -3.16 -6.02 3.97
C ASP A 115 -4.58 -6.41 4.30
N ILE A 116 -5.17 -7.13 3.35
CA ILE A 116 -6.48 -7.72 3.48
C ILE A 116 -6.37 -9.23 3.58
N ASP A 117 -7.01 -9.80 4.56
CA ASP A 117 -7.06 -11.24 4.66
C ASP A 117 -8.37 -11.69 4.04
N CYS A 118 -8.32 -12.67 3.20
CA CYS A 118 -9.48 -13.00 2.39
C CYS A 118 -9.70 -14.51 2.30
N LYS A 119 -10.97 -14.90 2.25
CA LYS A 119 -11.34 -16.30 2.20
C LYS A 119 -11.51 -16.76 0.78
N ILE A 120 -10.57 -17.55 0.31
CA ILE A 120 -10.62 -18.07 -1.04
C ILE A 120 -11.02 -19.53 -0.98
N ASP A 121 -11.61 -20.04 -2.04
CA ASP A 121 -12.33 -21.29 -1.93
C ASP A 121 -11.45 -22.39 -2.45
N GLY A 122 -11.33 -23.44 -1.68
CA GLY A 122 -10.50 -24.53 -2.10
C GLY A 122 -9.17 -24.56 -1.38
N ILE A 123 -8.48 -23.42 -1.40
CA ILE A 123 -7.17 -23.33 -0.78
C ILE A 123 -7.26 -22.76 0.64
N GLY A 124 -8.11 -21.76 0.83
CA GLY A 124 -8.19 -21.13 2.14
C GLY A 124 -8.02 -19.62 2.04
N ALA A 125 -7.28 -19.05 2.97
CA ALA A 125 -7.17 -17.60 3.06
C ALA A 125 -5.87 -17.10 2.44
N MET A 126 -5.84 -15.82 2.09
CA MET A 126 -4.66 -15.21 1.49
C MET A 126 -4.64 -13.71 1.78
N LYS A 127 -3.50 -13.07 1.55
CA LYS A 127 -3.32 -11.66 1.85
C LYS A 127 -3.12 -10.86 0.56
N LEU A 128 -3.93 -9.83 0.38
CA LEU A 128 -3.95 -9.05 -0.84
C LEU A 128 -3.47 -7.63 -0.59
N LYS A 129 -2.82 -7.07 -1.59
CA LYS A 129 -2.32 -5.71 -1.49
C LYS A 129 -3.48 -4.73 -1.69
N SER A 130 -3.63 -3.84 -0.71
CA SER A 130 -4.68 -2.83 -0.69
C SER A 130 -4.78 -2.09 -2.02
N GLU A 131 -3.64 -1.83 -2.64
CA GLU A 131 -3.60 -1.04 -3.86
C GLU A 131 -4.08 -1.84 -5.07
N PHE A 132 -4.35 -3.13 -4.90
CA PHE A 132 -4.79 -3.94 -6.02
C PHE A 132 -6.23 -4.42 -5.86
N VAL A 133 -6.94 -3.95 -4.84
CA VAL A 133 -8.28 -4.48 -4.57
C VAL A 133 -9.37 -3.42 -4.72
N ARG A 134 -10.62 -3.89 -4.65
CA ARG A 134 -11.80 -3.05 -4.77
C ARG A 134 -12.97 -3.63 -3.97
N LYS A 135 -13.64 -2.77 -3.22
CA LYS A 135 -14.83 -3.17 -2.49
C LYS A 135 -15.99 -3.40 -3.45
N VAL A 136 -16.51 -4.62 -3.43
CA VAL A 136 -17.67 -4.97 -4.24
C VAL A 136 -18.95 -4.81 -3.44
N GLY A 137 -19.13 -5.70 -2.47
CA GLY A 137 -20.35 -5.72 -1.69
C GLY A 137 -21.00 -7.09 -1.70
N SER A 138 -21.02 -7.73 -2.86
CA SER A 138 -21.62 -9.04 -3.02
C SER A 138 -20.98 -9.78 -4.19
N MET A 23 13.24 23.49 12.91
CA MET A 23 13.19 22.17 13.59
C MET A 23 11.80 21.55 13.48
N VAL A 24 10.89 22.25 12.85
CA VAL A 24 9.53 21.78 12.69
C VAL A 24 8.86 22.44 11.47
N SER A 25 7.89 21.75 10.88
CA SER A 25 7.10 22.29 9.77
C SER A 25 7.94 22.42 8.50
N THR A 26 8.75 21.42 8.23
CA THR A 26 9.58 21.39 7.04
C THR A 26 9.85 19.95 6.63
N LEU A 27 9.77 19.68 5.33
CA LEU A 27 9.98 18.33 4.84
C LEU A 27 11.28 18.25 4.04
N PRO A 28 11.93 17.08 4.07
CA PRO A 28 13.15 16.83 3.32
C PRO A 28 12.87 16.66 1.83
N PRO A 29 13.89 16.78 0.98
CA PRO A 29 13.75 16.60 -0.46
C PRO A 29 13.57 15.13 -0.85
N CYS A 30 13.65 14.87 -2.14
CA CYS A 30 13.51 13.52 -2.65
C CYS A 30 14.88 12.93 -2.91
N PRO A 31 15.14 11.70 -2.42
CA PRO A 31 16.43 11.03 -2.61
C PRO A 31 16.65 10.57 -4.04
N GLN A 32 15.77 11.00 -4.93
CA GLN A 32 15.88 10.67 -6.34
C GLN A 32 15.94 11.92 -7.20
N CYS A 33 15.18 12.96 -6.84
CA CYS A 33 15.14 14.19 -7.63
C CYS A 33 15.90 15.29 -6.91
N ASN A 34 15.62 15.40 -5.60
CA ASN A 34 16.23 16.42 -4.73
C ASN A 34 15.70 17.83 -5.03
N SER A 35 14.96 17.96 -6.12
CA SER A 35 14.38 19.24 -6.55
C SER A 35 13.76 20.01 -5.37
N GLU A 36 12.57 19.56 -4.93
CA GLU A 36 11.83 20.16 -3.81
C GLU A 36 10.34 19.81 -3.85
N TYR A 37 9.92 19.09 -4.89
CA TYR A 37 8.51 18.75 -5.09
C TYR A 37 8.07 17.62 -4.17
N THR A 38 8.63 17.58 -2.98
CA THR A 38 8.29 16.56 -2.01
C THR A 38 7.31 17.11 -0.97
N TYR A 39 6.36 16.28 -0.57
CA TYR A 39 5.30 16.70 0.33
C TYR A 39 4.82 15.49 1.13
N GLU A 40 3.89 15.67 2.05
CA GLU A 40 3.39 14.55 2.83
C GLU A 40 1.95 14.21 2.47
N ASP A 41 1.73 12.96 2.10
CA ASP A 41 0.40 12.45 1.83
C ASP A 41 0.02 11.43 2.90
N GLY A 42 -0.21 11.93 4.10
CA GLY A 42 -0.63 11.06 5.19
C GLY A 42 0.49 10.75 6.16
N ALA A 43 0.97 9.51 6.12
CA ALA A 43 1.91 9.01 7.12
C ALA A 43 3.31 8.86 6.55
N LEU A 44 3.58 9.52 5.44
CA LEU A 44 4.87 9.45 4.79
C LEU A 44 5.07 10.63 3.87
N LEU A 45 6.16 10.61 3.14
CA LEU A 45 6.43 11.62 2.13
C LEU A 45 6.37 10.99 0.74
N VAL A 46 5.70 11.64 -0.18
CA VAL A 46 5.60 11.13 -1.53
C VAL A 46 6.09 12.18 -2.51
N CYS A 47 6.80 11.75 -3.53
CA CYS A 47 7.29 12.65 -4.54
C CYS A 47 6.46 12.50 -5.81
N PRO A 48 5.59 13.46 -6.08
CA PRO A 48 4.75 13.47 -7.28
C PRO A 48 5.60 13.63 -8.53
N GLU A 49 6.86 14.02 -8.33
CA GLU A 49 7.77 14.26 -9.42
C GLU A 49 8.18 12.95 -10.08
N CYS A 50 8.77 12.02 -9.33
CA CYS A 50 9.19 10.75 -9.91
C CYS A 50 8.23 9.60 -9.58
N ALA A 51 7.06 9.89 -9.01
CA ALA A 51 6.06 8.86 -8.73
C ALA A 51 6.58 7.77 -7.80
N HIS A 52 7.24 8.17 -6.72
CA HIS A 52 7.68 7.22 -5.71
C HIS A 52 7.55 7.81 -4.32
N GLU A 53 6.89 7.07 -3.44
CA GLU A 53 6.72 7.46 -2.06
C GLU A 53 7.86 6.88 -1.21
N TRP A 54 8.13 7.51 -0.06
CA TRP A 54 9.21 7.06 0.81
C TRP A 54 8.98 7.58 2.23
N SER A 55 9.64 6.97 3.20
CA SER A 55 9.54 7.43 4.57
C SER A 55 10.91 7.93 5.03
N PRO A 56 10.97 9.16 5.57
CA PRO A 56 12.23 9.79 5.97
C PRO A 56 12.99 9.00 7.04
N ASN A 57 12.29 8.60 8.10
CA ASN A 57 12.94 7.93 9.22
C ASN A 57 12.47 6.49 9.39
N GLU A 58 11.20 6.24 9.11
CA GLU A 58 10.61 4.92 9.31
C GLU A 58 11.21 3.89 8.34
N ALA A 59 11.67 4.36 7.18
CA ALA A 59 12.32 3.48 6.22
C ALA A 59 13.64 2.96 6.79
N ALA A 60 14.27 3.76 7.62
CA ALA A 60 15.49 3.37 8.30
C ALA A 60 15.18 2.60 9.57
N THR A 61 14.50 3.26 10.50
CA THR A 61 14.12 2.65 11.76
C THR A 61 12.68 2.19 11.72
N ALA A 62 12.47 0.89 11.75
CA ALA A 62 11.14 0.33 11.69
C ALA A 62 11.01 -0.86 12.63
N SER A 63 9.80 -1.38 12.74
CA SER A 63 9.56 -2.56 13.55
C SER A 63 9.51 -3.78 12.66
N ASP A 64 10.36 -4.75 12.94
CA ASP A 64 10.46 -5.92 12.10
C ASP A 64 9.56 -7.04 12.58
N ASP A 65 8.74 -7.50 11.66
CA ASP A 65 7.77 -8.57 11.91
C ASP A 65 6.99 -8.81 10.62
N GLY A 66 7.42 -9.80 9.86
CA GLY A 66 6.86 -10.00 8.54
C GLY A 66 5.59 -10.83 8.54
N LYS A 67 4.74 -10.62 9.53
CA LYS A 67 3.46 -11.31 9.58
C LYS A 67 2.36 -10.40 9.07
N VAL A 68 2.47 -9.11 9.37
CA VAL A 68 1.48 -8.14 8.95
C VAL A 68 2.05 -7.27 7.83
N ILE A 69 1.33 -7.21 6.72
CA ILE A 69 1.83 -6.59 5.49
C ILE A 69 1.44 -5.13 5.45
N LYS A 70 2.41 -4.27 5.16
CA LYS A 70 2.18 -2.83 5.10
C LYS A 70 1.82 -2.37 3.69
N ASP A 71 1.53 -1.09 3.56
CA ASP A 71 1.18 -0.47 2.29
C ASP A 71 2.23 0.58 1.91
N SER A 72 2.05 1.20 0.74
CA SER A 72 2.94 2.26 0.27
C SER A 72 2.64 3.57 1.01
N VAL A 73 1.60 3.50 1.80
CA VAL A 73 1.11 4.65 2.56
C VAL A 73 1.77 4.70 3.93
N GLY A 74 2.48 3.65 4.23
CA GLY A 74 3.17 3.53 5.51
C GLY A 74 2.32 2.83 6.53
N ASN A 75 1.07 2.56 6.17
CA ASN A 75 0.16 1.88 7.07
C ASN A 75 0.24 0.38 6.89
N VAL A 76 -0.30 -0.31 7.86
CA VAL A 76 -0.32 -1.75 7.84
C VAL A 76 -1.76 -2.28 7.84
N LEU A 77 -1.96 -3.41 7.19
CA LEU A 77 -3.27 -3.95 6.90
C LEU A 77 -3.70 -4.98 7.93
N GLN A 78 -4.90 -5.49 7.76
CA GLN A 78 -5.42 -6.58 8.56
C GLN A 78 -5.92 -7.68 7.64
N ASP A 79 -5.81 -8.93 8.06
CA ASP A 79 -6.29 -10.03 7.24
C ASP A 79 -7.81 -10.00 7.16
N GLY A 80 -8.31 -9.47 6.06
CA GLY A 80 -9.74 -9.36 5.87
C GLY A 80 -10.14 -7.92 5.61
N ASP A 81 -9.18 -7.02 5.74
CA ASP A 81 -9.41 -5.60 5.51
C ASP A 81 -9.57 -5.30 4.04
N THR A 82 -9.88 -4.06 3.72
CA THR A 82 -10.04 -3.64 2.36
C THR A 82 -8.81 -2.86 1.91
N ILE A 83 -8.34 -3.11 0.70
CA ILE A 83 -7.16 -2.41 0.21
C ILE A 83 -7.50 -1.67 -1.07
N THR A 84 -6.63 -0.76 -1.46
CA THR A 84 -6.78 -0.04 -2.69
C THR A 84 -5.40 0.33 -3.26
N VAL A 85 -5.10 -0.19 -4.44
CA VAL A 85 -3.86 0.13 -5.13
C VAL A 85 -3.84 1.61 -5.46
N ILE A 86 -2.78 2.29 -5.12
CA ILE A 86 -2.69 3.70 -5.40
C ILE A 86 -1.80 4.00 -6.61
N LYS A 87 -1.49 3.02 -7.45
CA LYS A 87 -0.63 3.25 -8.61
C LYS A 87 -1.18 2.44 -9.80
N ASP A 88 -0.72 2.78 -11.00
CA ASP A 88 -1.08 2.02 -12.19
C ASP A 88 -0.21 0.77 -12.38
N LEU A 89 -0.88 -0.37 -12.35
CA LEU A 89 -0.28 -1.67 -12.66
C LEU A 89 -1.23 -2.45 -13.57
N LYS A 90 -0.71 -3.18 -14.52
CA LYS A 90 -1.55 -4.06 -15.33
C LYS A 90 -1.62 -5.47 -14.73
N VAL A 91 -2.39 -6.35 -15.37
CA VAL A 91 -2.53 -7.73 -14.91
C VAL A 91 -2.24 -8.66 -16.06
N LYS A 92 -1.40 -9.67 -15.83
CA LYS A 92 -0.99 -10.56 -16.90
C LYS A 92 -1.91 -11.78 -16.97
N GLY A 93 -2.39 -12.08 -18.17
CA GLY A 93 -3.23 -13.24 -18.37
C GLY A 93 -4.70 -12.91 -18.31
N SER A 94 -5.02 -11.85 -17.58
CA SER A 94 -6.39 -11.43 -17.40
C SER A 94 -6.62 -10.06 -18.02
N SER A 95 -7.87 -9.77 -18.38
CA SER A 95 -8.22 -8.48 -18.94
C SER A 95 -8.48 -7.46 -17.82
N LEU A 96 -7.98 -7.79 -16.65
CA LEU A 96 -8.06 -6.91 -15.50
C LEU A 96 -6.97 -5.85 -15.62
N VAL A 97 -7.02 -4.88 -14.74
CA VAL A 97 -6.20 -3.68 -14.85
C VAL A 97 -6.14 -3.07 -13.46
N VAL A 98 -4.96 -2.98 -12.90
CA VAL A 98 -4.81 -2.49 -11.54
C VAL A 98 -4.58 -0.98 -11.55
N LYS A 99 -5.65 -0.26 -11.39
CA LYS A 99 -5.61 1.19 -11.45
C LYS A 99 -5.81 1.81 -10.08
N VAL A 100 -5.15 2.94 -9.87
CA VAL A 100 -5.22 3.67 -8.60
C VAL A 100 -6.68 3.80 -8.12
N GLY A 101 -7.07 2.89 -7.24
CA GLY A 101 -8.43 2.86 -6.71
C GLY A 101 -9.03 1.46 -6.80
N THR A 102 -8.21 0.52 -7.28
CA THR A 102 -8.64 -0.87 -7.39
C THR A 102 -8.96 -1.43 -6.00
N LYS A 103 -10.24 -1.55 -5.73
CA LYS A 103 -10.68 -1.91 -4.40
C LYS A 103 -10.81 -3.42 -4.27
N VAL A 104 -9.99 -3.98 -3.40
CA VAL A 104 -9.98 -5.40 -3.15
C VAL A 104 -9.99 -5.64 -1.65
N LYS A 105 -11.07 -6.21 -1.16
CA LYS A 105 -11.23 -6.42 0.26
C LYS A 105 -11.10 -7.87 0.65
N ASN A 106 -10.91 -8.06 1.95
CA ASN A 106 -10.78 -9.38 2.54
C ASN A 106 -9.46 -10.02 2.16
N ILE A 107 -8.36 -9.26 2.15
CA ILE A 107 -7.05 -9.80 1.83
C ILE A 107 -6.56 -10.80 2.85
N ARG A 108 -5.42 -11.37 2.53
CA ARG A 108 -4.72 -12.31 3.39
C ARG A 108 -3.30 -11.82 3.58
N LEU A 109 -2.86 -11.68 4.82
CA LEU A 109 -1.50 -11.27 5.08
C LEU A 109 -0.60 -12.48 4.96
N VAL A 110 0.32 -12.45 4.02
CA VAL A 110 1.19 -13.60 3.78
C VAL A 110 2.39 -13.54 4.72
N ASP A 111 3.25 -14.54 4.67
CA ASP A 111 4.43 -14.54 5.50
C ASP A 111 5.58 -13.87 4.80
N GLY A 112 5.58 -12.58 4.93
CA GLY A 112 6.55 -11.72 4.30
C GLY A 112 6.03 -10.30 4.22
N ASP A 113 6.89 -9.32 4.43
CA ASP A 113 6.44 -7.92 4.54
C ASP A 113 6.03 -7.37 3.17
N HIS A 114 6.51 -8.02 2.12
CA HIS A 114 6.19 -7.63 0.74
C HIS A 114 5.21 -8.62 0.12
N ASP A 115 4.11 -8.89 0.82
CA ASP A 115 3.30 -10.05 0.51
C ASP A 115 1.83 -9.84 0.84
N ILE A 116 1.06 -9.41 -0.14
CA ILE A 116 -0.37 -9.27 0.04
C ILE A 116 -1.12 -10.23 -0.84
N ASP A 117 -1.81 -11.16 -0.23
CA ASP A 117 -2.64 -12.07 -0.97
C ASP A 117 -4.06 -11.52 -0.94
N CYS A 118 -4.70 -11.52 -2.08
CA CYS A 118 -6.03 -10.95 -2.15
C CYS A 118 -6.99 -11.90 -2.83
N LYS A 119 -8.16 -12.04 -2.22
CA LYS A 119 -9.18 -12.93 -2.72
C LYS A 119 -10.22 -12.10 -3.46
N ILE A 120 -10.28 -12.28 -4.77
CA ILE A 120 -11.11 -11.42 -5.60
C ILE A 120 -12.24 -12.21 -6.23
N ASP A 121 -13.44 -11.97 -5.75
CA ASP A 121 -14.62 -12.63 -6.29
C ASP A 121 -14.90 -12.15 -7.70
N GLY A 122 -14.52 -12.96 -8.67
CA GLY A 122 -14.65 -12.58 -10.05
C GLY A 122 -13.61 -13.26 -10.92
N ILE A 123 -12.41 -13.36 -10.39
CA ILE A 123 -11.32 -14.02 -11.11
C ILE A 123 -10.63 -15.04 -10.20
N GLY A 124 -10.47 -14.67 -8.94
CA GLY A 124 -9.78 -15.53 -8.00
C GLY A 124 -8.82 -14.75 -7.13
N ALA A 125 -7.74 -15.37 -6.71
CA ALA A 125 -6.76 -14.71 -5.87
C ALA A 125 -5.67 -14.06 -6.72
N MET A 126 -5.14 -12.94 -6.22
CA MET A 126 -4.06 -12.23 -6.90
C MET A 126 -2.98 -11.82 -5.92
N LYS A 127 -1.77 -11.59 -6.41
CA LYS A 127 -0.68 -11.10 -5.59
C LYS A 127 -0.50 -9.60 -5.77
N LEU A 128 -0.18 -8.90 -4.69
CA LEU A 128 -0.06 -7.45 -4.70
C LEU A 128 1.22 -6.99 -4.01
N LYS A 129 1.86 -6.02 -4.62
CA LYS A 129 3.05 -5.41 -4.05
C LYS A 129 2.67 -4.37 -3.02
N SER A 130 3.21 -4.53 -1.82
CA SER A 130 3.01 -3.60 -0.72
C SER A 130 3.23 -2.16 -1.19
N GLU A 131 4.28 -1.98 -1.97
CA GLU A 131 4.68 -0.66 -2.43
C GLU A 131 3.67 -0.02 -3.35
N PHE A 132 2.65 -0.74 -3.76
CA PHE A 132 1.64 -0.15 -4.63
C PHE A 132 0.26 -0.09 -3.98
N VAL A 133 0.13 -0.51 -2.73
CA VAL A 133 -1.21 -0.63 -2.15
C VAL A 133 -1.46 0.36 -1.01
N ARG A 134 -2.73 0.43 -0.59
CA ARG A 134 -3.16 1.31 0.49
C ARG A 134 -4.35 0.72 1.22
N LYS A 135 -4.30 0.68 2.54
CA LYS A 135 -5.42 0.21 3.33
C LYS A 135 -6.52 1.27 3.37
N VAL A 136 -7.71 0.87 2.94
CA VAL A 136 -8.87 1.74 2.98
C VAL A 136 -9.42 1.85 4.39
N GLY A 137 -9.45 0.72 5.10
CA GLY A 137 -10.00 0.70 6.44
C GLY A 137 -11.50 0.55 6.43
N SER A 138 -12.06 0.24 5.26
CA SER A 138 -13.50 0.06 5.12
C SER A 138 -13.78 -0.89 3.96
N MET A 23 26.73 14.54 4.89
CA MET A 23 25.27 14.31 4.90
C MET A 23 24.74 14.22 3.49
N VAL A 24 24.17 13.07 3.16
CA VAL A 24 23.59 12.86 1.84
C VAL A 24 22.42 13.83 1.60
N SER A 25 22.48 14.54 0.49
CA SER A 25 21.46 15.51 0.16
C SER A 25 20.39 14.91 -0.75
N THR A 26 19.73 13.87 -0.26
CA THR A 26 18.68 13.21 -1.00
C THR A 26 17.32 13.52 -0.41
N LEU A 27 17.31 14.29 0.67
CA LEU A 27 16.08 14.70 1.31
C LEU A 27 15.83 16.17 1.05
N PRO A 28 14.56 16.58 0.96
CA PRO A 28 14.19 17.97 0.70
C PRO A 28 14.47 18.86 1.91
N PRO A 29 14.55 20.18 1.70
CA PRO A 29 14.76 21.12 2.79
C PRO A 29 13.57 21.17 3.74
N CYS A 30 13.61 22.10 4.67
CA CYS A 30 12.50 22.29 5.58
C CYS A 30 11.64 23.42 5.08
N PRO A 31 10.32 23.18 4.91
CA PRO A 31 9.40 24.22 4.42
C PRO A 31 9.18 25.31 5.45
N GLN A 32 10.02 25.30 6.48
CA GLN A 32 9.93 26.26 7.55
C GLN A 32 11.27 26.96 7.77
N CYS A 33 12.39 26.29 7.49
CA CYS A 33 13.72 26.89 7.67
C CYS A 33 14.43 27.00 6.32
N ASN A 34 14.29 25.96 5.50
CA ASN A 34 14.83 25.88 4.13
C ASN A 34 16.35 25.62 4.11
N SER A 35 17.03 26.03 5.16
CA SER A 35 18.50 25.91 5.25
C SER A 35 19.02 24.54 4.80
N GLU A 36 18.90 23.53 5.68
CA GLU A 36 19.35 22.16 5.39
C GLU A 36 19.21 21.29 6.63
N TYR A 37 18.21 21.62 7.43
CA TYR A 37 18.03 20.99 8.73
C TYR A 37 17.02 19.84 8.67
N THR A 38 16.89 19.22 7.53
CA THR A 38 16.04 18.05 7.41
C THR A 38 16.86 16.76 7.41
N TYR A 39 16.35 15.73 8.07
CA TYR A 39 16.93 14.41 8.05
C TYR A 39 15.80 13.41 8.18
N GLU A 40 16.06 12.12 8.10
CA GLU A 40 15.01 11.14 8.25
C GLU A 40 15.16 10.35 9.55
N ASP A 41 14.13 10.41 10.39
CA ASP A 41 14.09 9.61 11.60
C ASP A 41 12.96 8.59 11.50
N GLY A 42 13.18 7.55 10.71
CA GLY A 42 12.20 6.50 10.58
C GLY A 42 11.36 6.63 9.33
N ALA A 43 10.10 6.99 9.51
CA ALA A 43 9.13 6.98 8.42
C ALA A 43 8.74 8.38 7.99
N LEU A 44 9.56 9.36 8.31
CA LEU A 44 9.30 10.74 7.92
C LEU A 44 10.57 11.55 7.98
N LEU A 45 10.44 12.85 7.75
CA LEU A 45 11.56 13.78 7.89
C LEU A 45 11.36 14.66 9.13
N VAL A 46 12.41 14.86 9.90
CA VAL A 46 12.33 15.64 11.11
C VAL A 46 13.32 16.81 11.06
N CYS A 47 12.87 18.00 11.37
CA CYS A 47 13.76 19.14 11.41
C CYS A 47 14.12 19.46 12.85
N PRO A 48 15.38 19.18 13.25
CA PRO A 48 15.86 19.43 14.60
C PRO A 48 16.02 20.92 14.86
N GLU A 49 15.88 21.71 13.80
CA GLU A 49 15.98 23.14 13.92
C GLU A 49 14.71 23.71 14.54
N CYS A 50 13.59 23.69 13.82
CA CYS A 50 12.39 24.33 14.33
C CYS A 50 11.52 23.38 15.13
N ALA A 51 12.04 22.20 15.47
CA ALA A 51 11.33 21.24 16.32
C ALA A 51 9.98 20.85 15.73
N HIS A 52 9.96 20.63 14.43
CA HIS A 52 8.74 20.22 13.76
C HIS A 52 9.05 19.15 12.72
N GLU A 53 8.33 18.05 12.79
CA GLU A 53 8.50 16.96 11.84
C GLU A 53 7.55 17.16 10.66
N TRP A 54 7.84 16.49 9.55
CA TRP A 54 6.99 16.60 8.36
C TRP A 54 7.32 15.49 7.38
N SER A 55 6.42 15.25 6.45
CA SER A 55 6.64 14.25 5.42
C SER A 55 6.68 14.95 4.07
N PRO A 56 7.63 14.54 3.19
CA PRO A 56 7.87 15.20 1.90
C PRO A 56 6.62 15.26 1.02
N ASN A 57 5.78 14.26 1.11
CA ASN A 57 4.56 14.21 0.31
C ASN A 57 3.36 13.77 1.13
N GLU A 58 3.55 12.71 1.91
CA GLU A 58 2.48 12.15 2.74
C GLU A 58 1.81 13.22 3.60
N ALA A 59 2.60 14.15 4.14
CA ALA A 59 2.09 15.18 5.03
C ALA A 59 1.14 16.14 4.31
N ALA A 60 1.30 16.25 3.00
CA ALA A 60 0.49 17.15 2.21
C ALA A 60 -0.86 16.52 1.89
N THR A 61 -0.99 15.24 2.18
CA THR A 61 -2.21 14.51 1.91
C THR A 61 -2.86 14.03 3.22
N ALA A 62 -2.17 13.11 3.89
CA ALA A 62 -2.67 12.52 5.13
C ALA A 62 -1.63 11.59 5.72
N SER A 63 -1.26 11.82 6.97
CA SER A 63 -0.31 10.96 7.66
C SER A 63 -0.96 9.62 8.00
N ASP A 64 -0.72 8.64 7.14
CA ASP A 64 -1.29 7.31 7.32
C ASP A 64 -0.33 6.25 6.79
N ASP A 65 -0.66 5.00 7.00
CA ASP A 65 0.14 3.88 6.50
C ASP A 65 -0.04 3.74 5.00
N GLY A 66 -1.17 4.24 4.51
CA GLY A 66 -1.54 4.04 3.14
C GLY A 66 -2.35 2.78 2.98
N LYS A 67 -3.00 2.41 4.07
CA LYS A 67 -3.73 1.15 4.15
C LYS A 67 -5.13 1.27 3.56
N VAL A 68 -5.39 2.42 2.97
CA VAL A 68 -6.67 2.65 2.32
C VAL A 68 -6.54 2.38 0.84
N ILE A 69 -7.03 1.22 0.44
CA ILE A 69 -6.80 0.67 -0.90
C ILE A 69 -7.64 1.39 -1.96
N LYS A 70 -7.01 1.66 -3.09
CA LYS A 70 -7.68 2.28 -4.23
C LYS A 70 -7.64 1.38 -5.47
N ASP A 71 -8.59 1.60 -6.37
CA ASP A 71 -8.73 0.77 -7.56
C ASP A 71 -8.05 1.41 -8.76
N SER A 72 -8.16 0.74 -9.90
CA SER A 72 -7.63 1.28 -11.16
C SER A 72 -8.65 2.28 -11.74
N VAL A 73 -9.79 2.33 -11.08
CA VAL A 73 -10.88 3.22 -11.46
C VAL A 73 -10.74 4.54 -10.74
N GLY A 74 -9.95 4.51 -9.70
CA GLY A 74 -9.71 5.69 -8.91
C GLY A 74 -10.56 5.73 -7.67
N ASN A 75 -11.33 4.68 -7.44
CA ASN A 75 -12.16 4.62 -6.25
C ASN A 75 -11.39 4.12 -5.07
N VAL A 76 -12.01 4.29 -3.94
CA VAL A 76 -11.49 3.82 -2.67
C VAL A 76 -12.46 2.80 -2.12
N LEU A 77 -11.96 1.72 -1.54
CA LEU A 77 -12.84 0.66 -1.09
C LEU A 77 -13.12 0.79 0.39
N GLN A 78 -14.00 -0.07 0.87
CA GLN A 78 -14.34 -0.14 2.27
C GLN A 78 -14.12 -1.56 2.74
N ASP A 79 -13.70 -1.75 3.97
CA ASP A 79 -13.45 -3.08 4.48
C ASP A 79 -14.76 -3.83 4.62
N GLY A 80 -15.04 -4.68 3.65
CA GLY A 80 -16.29 -5.40 3.62
C GLY A 80 -17.06 -5.13 2.34
N ASP A 81 -16.55 -4.19 1.55
CA ASP A 81 -17.18 -3.80 0.28
C ASP A 81 -17.01 -4.90 -0.75
N THR A 82 -17.63 -4.71 -1.90
CA THR A 82 -17.54 -5.65 -3.00
C THR A 82 -16.65 -5.08 -4.09
N ILE A 83 -15.74 -5.88 -4.63
CA ILE A 83 -14.82 -5.39 -5.65
C ILE A 83 -14.93 -6.26 -6.90
N THR A 84 -14.36 -5.79 -7.99
CA THR A 84 -14.39 -6.54 -9.24
C THR A 84 -13.16 -6.23 -10.10
N VAL A 85 -12.37 -7.27 -10.37
CA VAL A 85 -11.20 -7.14 -11.22
C VAL A 85 -11.65 -6.75 -12.63
N ILE A 86 -11.08 -5.70 -13.16
CA ILE A 86 -11.45 -5.25 -14.49
C ILE A 86 -10.44 -5.66 -15.57
N LYS A 87 -9.63 -6.68 -15.33
CA LYS A 87 -8.69 -7.16 -16.35
C LYS A 87 -8.60 -8.68 -16.27
N ASP A 88 -8.16 -9.30 -17.34
CA ASP A 88 -7.95 -10.75 -17.35
C ASP A 88 -6.59 -11.16 -16.78
N LEU A 89 -6.62 -11.59 -15.53
CA LEU A 89 -5.46 -12.15 -14.84
C LEU A 89 -5.65 -13.65 -14.61
N LYS A 90 -4.56 -14.37 -14.51
CA LYS A 90 -4.61 -15.78 -14.10
C LYS A 90 -4.28 -15.94 -12.62
N VAL A 91 -4.30 -17.19 -12.14
CA VAL A 91 -3.96 -17.50 -10.77
C VAL A 91 -2.77 -18.46 -10.77
N LYS A 92 -1.90 -18.38 -9.77
CA LYS A 92 -0.80 -19.34 -9.66
C LYS A 92 -1.26 -20.68 -9.07
N GLY A 93 -1.47 -20.75 -7.77
CA GLY A 93 -1.76 -22.01 -7.11
C GLY A 93 -3.25 -22.31 -7.02
N SER A 94 -3.93 -22.14 -8.14
CA SER A 94 -5.36 -22.36 -8.18
C SER A 94 -5.78 -22.95 -9.52
N SER A 95 -7.06 -23.25 -9.65
CA SER A 95 -7.65 -23.63 -10.93
C SER A 95 -8.46 -22.45 -11.45
N LEU A 96 -8.32 -21.37 -10.70
CA LEU A 96 -9.04 -20.13 -10.93
C LEU A 96 -8.47 -19.32 -12.08
N VAL A 97 -9.13 -18.22 -12.37
CA VAL A 97 -8.81 -17.36 -13.48
C VAL A 97 -9.45 -16.03 -13.16
N VAL A 98 -8.65 -15.03 -12.93
CA VAL A 98 -9.16 -13.75 -12.47
C VAL A 98 -9.60 -12.92 -13.66
N LYS A 99 -10.86 -13.00 -14.00
CA LYS A 99 -11.35 -12.40 -15.24
C LYS A 99 -12.15 -11.15 -14.96
N VAL A 100 -12.09 -10.19 -15.89
CA VAL A 100 -12.80 -8.92 -15.77
C VAL A 100 -14.27 -9.14 -15.37
N GLY A 101 -14.52 -8.99 -14.08
CA GLY A 101 -15.86 -9.20 -13.54
C GLY A 101 -15.82 -10.12 -12.34
N THR A 102 -14.61 -10.45 -11.90
CA THR A 102 -14.42 -11.28 -10.71
C THR A 102 -14.97 -10.55 -9.49
N LYS A 103 -16.12 -10.99 -9.07
CA LYS A 103 -16.81 -10.32 -7.99
C LYS A 103 -16.47 -10.94 -6.66
N VAL A 104 -15.73 -10.20 -5.85
CA VAL A 104 -15.37 -10.65 -4.52
C VAL A 104 -15.78 -9.61 -3.49
N LYS A 105 -16.67 -9.98 -2.60
CA LYS A 105 -17.16 -9.07 -1.59
C LYS A 105 -16.57 -9.36 -0.22
N ASN A 106 -16.70 -8.36 0.64
CA ASN A 106 -16.31 -8.45 2.03
C ASN A 106 -14.80 -8.57 2.17
N ILE A 107 -14.06 -7.78 1.40
CA ILE A 107 -12.59 -7.76 1.44
C ILE A 107 -12.02 -7.25 2.76
N ARG A 108 -10.70 -7.13 2.78
CA ARG A 108 -9.94 -6.60 3.89
C ARG A 108 -8.88 -5.63 3.36
N LEU A 109 -8.91 -4.39 3.84
CA LEU A 109 -7.94 -3.38 3.43
C LEU A 109 -6.61 -3.65 4.13
N VAL A 110 -5.57 -3.91 3.36
CA VAL A 110 -4.27 -4.24 3.92
C VAL A 110 -3.43 -2.98 4.14
N ASP A 111 -2.26 -3.14 4.76
CA ASP A 111 -1.39 -2.00 5.09
C ASP A 111 -0.94 -1.26 3.84
N GLY A 112 -0.55 -2.01 2.82
CA GLY A 112 -0.14 -1.40 1.57
C GLY A 112 -1.32 -1.16 0.65
N ASP A 113 -1.38 0.05 0.08
CA ASP A 113 -2.43 0.40 -0.91
C ASP A 113 -2.40 -0.55 -2.09
N HIS A 114 -1.21 -1.03 -2.41
CA HIS A 114 -1.01 -2.01 -3.47
C HIS A 114 -1.31 -3.42 -2.98
N ASP A 115 -2.50 -3.59 -2.40
CA ASP A 115 -2.82 -4.83 -1.70
C ASP A 115 -4.31 -4.93 -1.39
N ILE A 116 -4.85 -6.12 -1.59
CA ILE A 116 -6.23 -6.40 -1.24
C ILE A 116 -6.32 -7.81 -0.71
N ASP A 117 -6.89 -7.98 0.47
CA ASP A 117 -7.13 -9.30 0.97
C ASP A 117 -8.61 -9.59 0.85
N CYS A 118 -8.96 -10.79 0.45
CA CYS A 118 -10.35 -11.15 0.24
C CYS A 118 -10.53 -12.65 0.38
N LYS A 119 -11.76 -13.09 0.52
CA LYS A 119 -12.03 -14.51 0.60
C LYS A 119 -12.77 -14.95 -0.64
N ILE A 120 -12.36 -16.08 -1.20
CA ILE A 120 -13.08 -16.69 -2.29
C ILE A 120 -13.89 -17.83 -1.73
N ASP A 121 -15.17 -17.56 -1.50
CA ASP A 121 -16.09 -18.57 -0.99
C ASP A 121 -16.04 -19.83 -1.85
N GLY A 122 -15.41 -20.87 -1.33
CA GLY A 122 -15.25 -22.09 -2.07
C GLY A 122 -13.83 -22.63 -2.00
N ILE A 123 -12.87 -21.84 -2.44
CA ILE A 123 -11.48 -22.27 -2.46
C ILE A 123 -10.70 -21.81 -1.23
N GLY A 124 -10.92 -20.58 -0.83
CA GLY A 124 -10.16 -19.99 0.27
C GLY A 124 -9.91 -18.52 0.04
N ALA A 125 -9.00 -17.92 0.80
CA ALA A 125 -8.76 -16.49 0.69
C ALA A 125 -7.71 -16.20 -0.38
N MET A 126 -7.83 -15.05 -1.04
CA MET A 126 -6.92 -14.67 -2.11
C MET A 126 -6.59 -13.18 -2.03
N LYS A 127 -5.48 -12.80 -2.63
CA LYS A 127 -5.02 -11.41 -2.60
C LYS A 127 -4.99 -10.84 -4.02
N LEU A 128 -5.44 -9.59 -4.15
CA LEU A 128 -5.64 -8.97 -5.44
C LEU A 128 -4.86 -7.66 -5.56
N LYS A 129 -4.41 -7.36 -6.77
CA LYS A 129 -3.72 -6.13 -7.03
C LYS A 129 -4.72 -5.02 -7.30
N SER A 130 -4.63 -3.98 -6.49
CA SER A 130 -5.53 -2.83 -6.56
C SER A 130 -5.65 -2.28 -7.97
N GLU A 131 -4.52 -2.25 -8.67
CA GLU A 131 -4.45 -1.71 -10.02
C GLU A 131 -5.24 -2.55 -11.02
N PHE A 132 -5.72 -3.71 -10.60
CA PHE A 132 -6.50 -4.54 -11.47
C PHE A 132 -7.96 -4.62 -11.05
N VAL A 133 -8.33 -3.94 -9.95
CA VAL A 133 -9.69 -4.08 -9.42
C VAL A 133 -10.52 -2.80 -9.56
N ARG A 134 -11.81 -2.95 -9.27
CA ARG A 134 -12.77 -1.85 -9.32
C ARG A 134 -13.82 -2.00 -8.23
N LYS A 135 -14.17 -0.90 -7.59
CA LYS A 135 -15.25 -0.90 -6.63
C LYS A 135 -16.59 -1.12 -7.32
N VAL A 136 -17.26 -2.20 -6.95
CA VAL A 136 -18.58 -2.49 -7.48
C VAL A 136 -19.60 -1.55 -6.87
N GLY A 137 -19.55 -1.40 -5.56
CA GLY A 137 -20.54 -0.60 -4.87
C GLY A 137 -21.87 -1.32 -4.84
N SER A 138 -21.84 -2.58 -4.44
CA SER A 138 -23.03 -3.40 -4.39
C SER A 138 -22.94 -4.33 -3.18
N MET A 23 24.78 8.96 12.64
CA MET A 23 23.91 10.15 12.89
C MET A 23 23.41 10.75 11.59
N VAL A 24 23.87 10.20 10.48
CA VAL A 24 23.44 10.65 9.18
C VAL A 24 22.21 9.88 8.71
N SER A 25 21.19 10.61 8.27
CA SER A 25 19.97 10.02 7.72
C SER A 25 19.27 9.09 8.72
N THR A 26 19.40 9.41 10.00
CA THR A 26 18.78 8.61 11.04
C THR A 26 17.34 9.05 11.25
N LEU A 27 17.11 10.34 11.21
CA LEU A 27 15.77 10.89 11.28
C LEU A 27 15.23 11.06 9.87
N PRO A 28 13.93 10.96 9.68
CA PRO A 28 13.31 11.19 8.39
C PRO A 28 13.29 12.67 8.03
N PRO A 29 13.20 12.98 6.73
CA PRO A 29 13.20 14.37 6.25
C PRO A 29 11.90 15.09 6.56
N CYS A 30 11.68 16.19 5.88
CA CYS A 30 10.50 17.01 6.06
C CYS A 30 9.47 16.68 4.99
N PRO A 31 8.21 16.43 5.39
CA PRO A 31 7.14 16.08 4.44
C PRO A 31 6.71 17.25 3.57
N GLN A 32 7.40 18.37 3.69
CA GLN A 32 7.11 19.53 2.90
C GLN A 32 8.31 19.94 2.06
N CYS A 33 9.53 19.79 2.58
CA CYS A 33 10.72 20.17 1.82
C CYS A 33 11.41 18.91 1.30
N ASN A 34 11.58 17.94 2.21
CA ASN A 34 12.30 16.69 1.94
C ASN A 34 13.80 16.95 1.72
N SER A 35 14.16 18.24 1.77
CA SER A 35 15.53 18.70 1.58
C SER A 35 16.55 17.92 2.43
N GLU A 36 16.63 18.24 3.73
CA GLU A 36 17.65 17.67 4.61
C GLU A 36 17.68 18.37 5.97
N TYR A 37 17.15 19.59 6.02
CA TYR A 37 17.25 20.45 7.20
C TYR A 37 16.30 20.05 8.31
N THR A 38 16.13 18.75 8.49
CA THR A 38 15.27 18.23 9.53
C THR A 38 16.10 17.73 10.72
N TYR A 39 15.59 17.92 11.92
CA TYR A 39 16.31 17.56 13.14
C TYR A 39 15.30 17.30 14.25
N GLU A 40 15.76 16.88 15.42
CA GLU A 40 14.87 16.58 16.52
C GLU A 40 14.91 17.66 17.59
N ASP A 41 13.76 18.24 17.90
CA ASP A 41 13.62 19.18 19.00
C ASP A 41 12.59 18.66 19.99
N GLY A 42 13.05 17.84 20.92
CA GLY A 42 12.16 17.34 21.96
C GLY A 42 11.53 16.01 21.59
N ALA A 43 10.20 16.02 21.47
CA ALA A 43 9.44 14.79 21.29
C ALA A 43 8.92 14.65 19.86
N LEU A 44 9.53 15.39 18.95
CA LEU A 44 9.12 15.35 17.55
C LEU A 44 10.27 15.79 16.68
N LEU A 45 10.02 15.94 15.40
CA LEU A 45 11.00 16.49 14.48
C LEU A 45 10.50 17.84 13.97
N VAL A 46 11.39 18.81 13.88
CA VAL A 46 10.99 20.13 13.40
C VAL A 46 11.90 20.55 12.25
N CYS A 47 11.32 21.22 11.28
CA CYS A 47 12.06 21.72 10.15
C CYS A 47 12.25 23.22 10.28
N PRO A 48 13.47 23.66 10.64
CA PRO A 48 13.80 25.07 10.79
C PRO A 48 13.71 25.81 9.46
N GLU A 49 13.70 25.04 8.38
CA GLU A 49 13.65 25.59 7.04
C GLU A 49 12.29 26.20 6.75
N CYS A 50 11.22 25.39 6.79
CA CYS A 50 9.89 25.91 6.47
C CYS A 50 9.08 26.24 7.72
N ALA A 51 9.71 26.27 8.90
CA ALA A 51 9.06 26.72 10.13
C ALA A 51 7.87 25.83 10.54
N HIS A 52 7.91 24.55 10.20
CA HIS A 52 6.83 23.65 10.61
C HIS A 52 7.39 22.33 11.12
N GLU A 53 6.86 21.90 12.25
CA GLU A 53 7.26 20.65 12.88
C GLU A 53 6.32 19.51 12.47
N TRP A 54 6.67 18.28 12.85
CA TRP A 54 5.87 17.12 12.52
C TRP A 54 6.31 15.91 13.35
N SER A 55 5.46 14.92 13.43
CA SER A 55 5.79 13.66 14.09
C SER A 55 5.78 12.56 13.05
N PRO A 56 6.95 11.96 12.76
CA PRO A 56 7.13 11.06 11.62
C PRO A 56 6.11 9.93 11.57
N ASN A 57 6.04 9.16 12.65
CA ASN A 57 5.21 7.97 12.65
C ASN A 57 3.77 8.29 13.04
N GLU A 58 3.60 9.35 13.83
CA GLU A 58 2.26 9.72 14.30
C GLU A 58 1.48 10.40 13.18
N ALA A 59 2.19 11.12 12.32
CA ALA A 59 1.59 11.73 11.15
C ALA A 59 1.06 10.65 10.20
N ALA A 60 1.73 9.51 10.20
CA ALA A 60 1.28 8.35 9.42
C ALA A 60 0.13 7.65 10.13
N THR A 61 0.17 7.69 11.46
CA THR A 61 -0.90 7.17 12.30
C THR A 61 -1.03 5.64 12.20
N ALA A 62 -1.76 5.17 11.18
CA ALA A 62 -1.99 3.74 11.03
C ALA A 62 -1.92 3.35 9.56
N SER A 63 -1.36 4.23 8.75
CA SER A 63 -1.20 3.98 7.32
C SER A 63 0.21 3.52 7.00
N ASP A 64 0.97 3.19 8.05
CA ASP A 64 2.37 2.77 7.92
C ASP A 64 3.19 3.90 7.29
N ASP A 65 4.42 3.62 6.94
CA ASP A 65 5.28 4.62 6.32
C ASP A 65 6.17 3.98 5.29
N GLY A 66 5.68 3.93 4.07
CA GLY A 66 6.46 3.41 2.97
C GLY A 66 5.68 2.45 2.11
N LYS A 67 5.21 1.37 2.71
CA LYS A 67 4.55 0.31 1.95
C LYS A 67 3.03 0.39 2.08
N VAL A 68 2.38 0.73 0.99
CA VAL A 68 0.93 0.70 0.89
C VAL A 68 0.56 0.23 -0.52
N ILE A 69 -0.50 -0.54 -0.64
CA ILE A 69 -0.82 -1.18 -1.91
C ILE A 69 -1.73 -0.29 -2.75
N LYS A 70 -1.41 -0.18 -4.04
CA LYS A 70 -2.18 0.62 -4.98
C LYS A 70 -2.83 -0.26 -6.03
N ASP A 71 -4.01 0.13 -6.48
CA ASP A 71 -4.80 -0.70 -7.37
C ASP A 71 -4.77 -0.17 -8.80
N SER A 72 -5.45 -0.86 -9.71
CA SER A 72 -5.42 -0.52 -11.13
C SER A 72 -6.26 0.74 -11.39
N VAL A 73 -6.97 1.15 -10.36
CA VAL A 73 -7.80 2.34 -10.42
C VAL A 73 -6.97 3.57 -10.11
N GLY A 74 -5.82 3.31 -9.49
CA GLY A 74 -4.97 4.38 -9.05
C GLY A 74 -5.30 4.81 -7.64
N ASN A 75 -6.10 4.00 -6.96
CA ASN A 75 -6.45 4.28 -5.58
C ASN A 75 -5.61 3.47 -4.62
N VAL A 76 -5.45 4.02 -3.43
CA VAL A 76 -4.60 3.45 -2.40
C VAL A 76 -5.45 2.89 -1.28
N LEU A 77 -5.16 1.68 -0.84
CA LEU A 77 -6.06 0.94 0.04
C LEU A 77 -5.66 1.10 1.51
N GLN A 78 -6.49 0.53 2.37
CA GLN A 78 -6.26 0.55 3.81
C GLN A 78 -6.28 -0.87 4.34
N ASP A 79 -5.47 -1.15 5.36
CA ASP A 79 -5.44 -2.49 5.95
C ASP A 79 -6.72 -2.77 6.71
N GLY A 80 -7.61 -3.55 6.10
CA GLY A 80 -8.87 -3.87 6.71
C GLY A 80 -10.02 -3.39 5.86
N ASP A 81 -9.68 -2.70 4.79
CA ASP A 81 -10.66 -2.19 3.84
C ASP A 81 -11.28 -3.32 3.02
N THR A 82 -12.29 -2.98 2.25
CA THR A 82 -12.90 -3.93 1.34
C THR A 82 -12.47 -3.59 -0.07
N ILE A 83 -12.14 -4.61 -0.85
CA ILE A 83 -11.68 -4.40 -2.21
C ILE A 83 -12.60 -5.11 -3.17
N THR A 84 -12.46 -4.82 -4.45
CA THR A 84 -13.22 -5.52 -5.48
C THR A 84 -12.43 -5.61 -6.78
N VAL A 85 -12.15 -6.85 -7.20
CA VAL A 85 -11.41 -7.12 -8.43
C VAL A 85 -12.18 -6.58 -9.63
N ILE A 86 -11.53 -5.81 -10.48
CA ILE A 86 -12.19 -5.27 -11.65
C ILE A 86 -12.00 -6.10 -12.90
N LYS A 87 -11.45 -7.30 -12.81
CA LYS A 87 -11.21 -8.07 -14.02
C LYS A 87 -11.58 -9.52 -13.81
N ASP A 88 -11.57 -10.24 -14.90
CA ASP A 88 -11.77 -11.69 -14.86
C ASP A 88 -10.46 -12.46 -14.66
N LEU A 89 -10.36 -13.08 -13.49
CA LEU A 89 -9.26 -13.99 -13.17
C LEU A 89 -9.85 -15.28 -12.61
N LYS A 90 -9.25 -16.41 -12.92
CA LYS A 90 -9.65 -17.66 -12.31
C LYS A 90 -8.84 -17.92 -11.05
N VAL A 91 -9.14 -19.03 -10.37
CA VAL A 91 -8.39 -19.40 -9.18
C VAL A 91 -7.81 -20.78 -9.43
N LYS A 92 -6.49 -20.89 -9.47
CA LYS A 92 -5.82 -22.07 -9.97
C LYS A 92 -5.82 -23.18 -8.92
N GLY A 93 -6.46 -24.29 -9.25
CA GLY A 93 -6.49 -25.42 -8.35
C GLY A 93 -7.80 -25.51 -7.59
N SER A 94 -8.49 -24.39 -7.51
CA SER A 94 -9.75 -24.31 -6.76
C SER A 94 -10.94 -24.14 -7.70
N SER A 95 -12.14 -24.20 -7.12
CA SER A 95 -13.37 -24.03 -7.88
C SER A 95 -13.87 -22.60 -7.72
N LEU A 96 -13.02 -21.77 -7.12
CA LEU A 96 -13.32 -20.36 -6.94
C LEU A 96 -13.06 -19.63 -8.26
N VAL A 97 -13.45 -18.37 -8.35
CA VAL A 97 -13.49 -17.65 -9.62
C VAL A 97 -13.44 -16.16 -9.31
N VAL A 98 -12.41 -15.49 -9.75
CA VAL A 98 -12.25 -14.08 -9.45
C VAL A 98 -12.84 -13.23 -10.57
N LYS A 99 -14.06 -12.81 -10.38
CA LYS A 99 -14.77 -12.04 -11.40
C LYS A 99 -14.97 -10.59 -10.99
N VAL A 100 -15.04 -9.70 -11.98
CA VAL A 100 -15.16 -8.26 -11.73
C VAL A 100 -16.33 -7.97 -10.78
N GLY A 101 -15.99 -7.79 -9.51
CA GLY A 101 -16.98 -7.56 -8.48
C GLY A 101 -16.72 -8.43 -7.26
N THR A 102 -15.61 -9.16 -7.30
CA THR A 102 -15.21 -10.02 -6.19
C THR A 102 -14.97 -9.19 -4.94
N LYS A 103 -15.91 -9.26 -4.04
CA LYS A 103 -15.87 -8.44 -2.84
C LYS A 103 -15.12 -9.14 -1.72
N VAL A 104 -13.96 -8.61 -1.36
CA VAL A 104 -13.20 -9.16 -0.26
C VAL A 104 -12.93 -8.07 0.77
N LYS A 105 -13.51 -8.23 1.96
CA LYS A 105 -13.41 -7.22 2.99
C LYS A 105 -12.43 -7.61 4.07
N ASN A 106 -11.84 -6.58 4.69
CA ASN A 106 -10.89 -6.75 5.79
C ASN A 106 -9.59 -7.36 5.32
N ILE A 107 -9.04 -6.86 4.23
CA ILE A 107 -7.75 -7.32 3.72
C ILE A 107 -6.58 -7.01 4.66
N ARG A 108 -5.41 -7.41 4.20
CA ARG A 108 -4.15 -7.12 4.87
C ARG A 108 -3.19 -6.53 3.86
N LEU A 109 -2.68 -5.34 4.11
CA LEU A 109 -1.70 -4.74 3.20
C LEU A 109 -0.33 -5.28 3.53
N VAL A 110 0.28 -5.93 2.57
CA VAL A 110 1.58 -6.56 2.81
C VAL A 110 2.69 -5.63 2.38
N ASP A 111 3.92 -5.96 2.74
CA ASP A 111 5.06 -5.10 2.39
C ASP A 111 5.42 -5.23 0.93
N GLY A 112 4.84 -4.35 0.16
CA GLY A 112 5.10 -4.27 -1.26
C GLY A 112 4.14 -3.30 -1.91
N ASP A 113 4.18 -3.21 -3.23
CA ASP A 113 3.21 -2.38 -3.95
C ASP A 113 2.15 -3.28 -4.60
N HIS A 114 2.53 -4.52 -4.86
CA HIS A 114 1.69 -5.50 -5.54
C HIS A 114 1.22 -6.58 -4.56
N ASP A 115 0.67 -6.16 -3.43
CA ASP A 115 0.58 -7.06 -2.29
C ASP A 115 -0.69 -6.90 -1.47
N ILE A 116 -1.73 -7.63 -1.82
CA ILE A 116 -2.94 -7.63 -1.01
C ILE A 116 -3.26 -9.00 -0.48
N ASP A 117 -3.18 -9.16 0.82
CA ASP A 117 -3.47 -10.43 1.42
C ASP A 117 -4.92 -10.45 1.90
N CYS A 118 -5.57 -11.57 1.71
CA CYS A 118 -6.95 -11.71 2.09
C CYS A 118 -7.24 -13.15 2.47
N LYS A 119 -8.30 -13.37 3.22
CA LYS A 119 -8.70 -14.70 3.61
C LYS A 119 -10.01 -15.07 2.93
N ILE A 120 -10.08 -16.28 2.39
CA ILE A 120 -11.26 -16.74 1.68
C ILE A 120 -11.88 -17.88 2.45
N ASP A 121 -13.04 -17.62 3.05
CA ASP A 121 -13.78 -18.67 3.75
C ASP A 121 -14.15 -19.79 2.79
N GLY A 122 -13.39 -20.87 2.86
CA GLY A 122 -13.61 -21.99 1.97
C GLY A 122 -12.30 -22.60 1.50
N ILE A 123 -11.55 -21.83 0.73
CA ILE A 123 -10.28 -22.31 0.20
C ILE A 123 -9.15 -22.04 1.20
N GLY A 124 -9.09 -20.81 1.69
CA GLY A 124 -8.04 -20.40 2.58
C GLY A 124 -7.62 -18.98 2.28
N ALA A 125 -6.42 -18.59 2.66
CA ALA A 125 -5.93 -17.25 2.37
C ALA A 125 -5.50 -17.14 0.91
N MET A 126 -5.75 -15.99 0.30
CA MET A 126 -5.41 -15.79 -1.10
C MET A 126 -4.70 -14.45 -1.28
N LYS A 127 -3.85 -14.37 -2.30
CA LYS A 127 -3.12 -13.16 -2.59
C LYS A 127 -3.62 -12.56 -3.90
N LEU A 128 -3.72 -11.25 -3.93
CA LEU A 128 -4.34 -10.56 -5.04
C LEU A 128 -3.37 -9.58 -5.70
N LYS A 129 -3.44 -9.55 -7.01
CA LYS A 129 -2.64 -8.65 -7.81
C LYS A 129 -3.30 -7.29 -7.81
N SER A 130 -2.61 -6.32 -7.24
CA SER A 130 -3.14 -4.99 -7.11
C SER A 130 -3.61 -4.41 -8.46
N GLU A 131 -2.90 -4.78 -9.52
CA GLU A 131 -3.25 -4.31 -10.86
C GLU A 131 -4.56 -4.89 -11.36
N PHE A 132 -5.11 -5.88 -10.66
CA PHE A 132 -6.37 -6.46 -11.06
C PHE A 132 -7.51 -6.08 -10.11
N VAL A 133 -7.19 -5.39 -9.04
CA VAL A 133 -8.20 -5.09 -8.02
C VAL A 133 -8.51 -3.61 -7.93
N ARG A 134 -9.51 -3.30 -7.13
CA ARG A 134 -9.96 -1.93 -6.94
C ARG A 134 -10.46 -1.72 -5.53
N LYS A 135 -10.02 -0.62 -4.93
CA LYS A 135 -10.47 -0.24 -3.62
C LYS A 135 -11.95 0.12 -3.64
N VAL A 136 -12.66 -0.35 -2.63
CA VAL A 136 -14.08 -0.06 -2.49
C VAL A 136 -14.28 1.11 -1.53
N GLY A 137 -13.78 0.97 -0.32
CA GLY A 137 -14.05 1.94 0.71
C GLY A 137 -15.47 1.80 1.23
N SER A 138 -15.83 0.57 1.58
CA SER A 138 -17.16 0.25 2.07
C SER A 138 -17.52 1.05 3.31
N MET A 23 23.04 5.09 2.68
CA MET A 23 23.40 3.66 2.79
C MET A 23 22.64 2.99 3.92
N VAL A 24 21.89 3.79 4.65
CA VAL A 24 21.10 3.28 5.77
C VAL A 24 19.61 3.48 5.52
N SER A 25 18.80 2.64 6.13
CA SER A 25 17.35 2.77 6.00
C SER A 25 16.67 2.27 7.27
N THR A 26 16.24 3.21 8.11
CA THR A 26 15.53 2.89 9.33
C THR A 26 14.20 3.63 9.36
N LEU A 27 14.27 4.95 9.22
CA LEU A 27 13.08 5.77 9.09
C LEU A 27 12.56 5.67 7.66
N PRO A 28 11.26 5.90 7.45
CA PRO A 28 10.68 5.88 6.10
C PRO A 28 11.12 7.10 5.29
N PRO A 29 11.08 7.00 3.96
CA PRO A 29 11.51 8.08 3.08
C PRO A 29 10.50 9.23 3.03
N CYS A 30 10.64 10.06 2.02
CA CYS A 30 9.74 11.19 1.81
C CYS A 30 8.70 10.81 0.78
N PRO A 31 7.40 10.92 1.12
CA PRO A 31 6.30 10.58 0.23
C PRO A 31 6.16 11.60 -0.91
N GLN A 32 7.16 12.44 -1.03
CA GLN A 32 7.18 13.49 -2.02
C GLN A 32 8.40 13.34 -2.92
N CYS A 33 9.54 12.93 -2.36
CA CYS A 33 10.75 12.74 -3.16
C CYS A 33 11.05 11.25 -3.27
N ASN A 34 11.05 10.57 -2.11
CA ASN A 34 11.39 9.14 -1.99
C ASN A 34 12.88 8.90 -2.24
N SER A 35 13.64 9.99 -2.37
CA SER A 35 15.08 9.93 -2.59
C SER A 35 15.79 9.09 -1.51
N GLU A 36 15.97 9.67 -0.31
CA GLU A 36 16.65 8.99 0.80
C GLU A 36 17.03 9.96 1.92
N TYR A 37 17.01 11.25 1.62
CA TYR A 37 17.56 12.28 2.52
C TYR A 37 16.62 12.61 3.67
N THR A 38 15.90 11.61 4.14
CA THR A 38 14.95 11.82 5.21
C THR A 38 15.58 11.45 6.56
N TYR A 39 15.29 12.25 7.58
CA TYR A 39 15.87 12.05 8.90
C TYR A 39 14.87 12.49 9.95
N GLU A 40 15.17 12.36 11.23
CA GLU A 40 14.26 12.82 12.25
C GLU A 40 14.84 14.04 12.99
N ASP A 41 14.09 15.12 12.95
CA ASP A 41 14.43 16.33 13.68
C ASP A 41 13.35 16.65 14.69
N GLY A 42 13.48 16.11 15.90
CA GLY A 42 12.53 16.40 16.94
C GLY A 42 11.40 15.40 17.03
N ALA A 43 10.22 15.81 16.59
CA ALA A 43 9.01 15.01 16.81
C ALA A 43 8.41 14.49 15.51
N LEU A 44 9.20 14.49 14.44
CA LEU A 44 8.71 14.05 13.14
C LEU A 44 9.87 13.77 12.21
N LEU A 45 9.57 13.46 10.96
CA LEU A 45 10.59 13.30 9.95
C LEU A 45 10.66 14.55 9.08
N VAL A 46 11.86 15.02 8.80
CA VAL A 46 12.06 16.21 8.01
C VAL A 46 12.81 15.88 6.74
N CYS A 47 12.30 16.33 5.60
CA CYS A 47 13.02 16.17 4.35
C CYS A 47 13.68 17.49 4.00
N PRO A 48 15.00 17.60 4.20
CA PRO A 48 15.73 18.81 3.92
C PRO A 48 15.75 19.11 2.43
N GLU A 49 15.45 18.07 1.64
CA GLU A 49 15.48 18.18 0.20
C GLU A 49 14.35 19.08 -0.31
N CYS A 50 13.09 18.72 -0.07
CA CYS A 50 11.98 19.53 -0.57
C CYS A 50 11.48 20.52 0.48
N ALA A 51 12.22 20.68 1.60
CA ALA A 51 11.89 21.69 2.61
C ALA A 51 10.53 21.46 3.26
N HIS A 52 10.07 20.23 3.29
CA HIS A 52 8.79 19.92 3.93
C HIS A 52 8.97 18.81 4.97
N GLU A 53 8.36 19.01 6.13
CA GLU A 53 8.39 18.01 7.19
C GLU A 53 7.12 17.17 7.12
N TRP A 54 7.16 15.97 7.67
CA TRP A 54 6.00 15.11 7.68
C TRP A 54 6.12 14.06 8.79
N SER A 55 5.00 13.48 9.15
CA SER A 55 4.99 12.40 10.11
C SER A 55 4.39 11.15 9.46
N PRO A 56 5.12 10.01 9.57
CA PRO A 56 4.79 8.78 8.84
C PRO A 56 3.34 8.34 9.03
N ASN A 57 2.89 8.34 10.26
CA ASN A 57 1.52 7.93 10.57
C ASN A 57 0.78 9.00 11.35
N GLU A 58 1.55 9.79 12.09
CA GLU A 58 1.01 10.81 12.97
C GLU A 58 0.37 11.95 12.20
N ALA A 59 0.68 12.05 10.91
CA ALA A 59 0.09 13.07 10.06
C ALA A 59 -1.38 12.75 9.79
N ALA A 60 -1.65 11.47 9.54
CA ALA A 60 -3.00 11.03 9.24
C ALA A 60 -3.80 10.78 10.51
N THR A 61 -3.14 10.23 11.52
CA THR A 61 -3.79 9.96 12.80
C THR A 61 -2.84 10.25 13.94
N ALA A 62 -3.34 10.88 14.98
CA ALA A 62 -2.53 11.24 16.13
C ALA A 62 -3.01 10.52 17.37
N SER A 63 -3.92 9.58 17.17
CA SER A 63 -4.45 8.78 18.25
C SER A 63 -3.49 7.63 18.57
N ASP A 64 -2.94 7.67 19.78
CA ASP A 64 -1.96 6.69 20.23
C ASP A 64 -0.73 6.75 19.32
N ASP A 65 -0.05 5.63 19.16
CA ASP A 65 1.12 5.56 18.28
C ASP A 65 0.72 5.74 16.81
N GLY A 66 -0.50 5.35 16.50
CA GLY A 66 -0.96 5.39 15.12
C GLY A 66 -0.60 4.14 14.37
N LYS A 67 -0.63 3.02 15.07
CA LYS A 67 -0.20 1.72 14.53
C LYS A 67 -1.10 1.27 13.39
N VAL A 68 -2.34 1.72 13.41
CA VAL A 68 -3.35 1.25 12.47
C VAL A 68 -2.95 1.57 11.03
N ILE A 69 -3.19 0.62 10.12
CA ILE A 69 -2.71 0.71 8.75
C ILE A 69 -3.52 1.75 7.97
N LYS A 70 -2.83 2.53 7.14
CA LYS A 70 -3.44 3.59 6.35
C LYS A 70 -3.11 3.44 4.88
N ASP A 71 -3.97 3.99 4.02
CA ASP A 71 -3.84 3.81 2.58
C ASP A 71 -3.21 5.04 1.92
N SER A 72 -3.06 4.97 0.61
CA SER A 72 -2.46 6.06 -0.18
C SER A 72 -3.52 7.11 -0.48
N VAL A 73 -4.76 6.74 -0.25
CA VAL A 73 -5.89 7.61 -0.51
C VAL A 73 -6.18 8.44 0.74
N GLY A 74 -5.36 8.19 1.77
CA GLY A 74 -5.39 9.01 2.96
C GLY A 74 -6.35 8.51 4.01
N ASN A 75 -6.95 7.34 3.77
CA ASN A 75 -7.90 6.81 4.74
C ASN A 75 -7.35 5.61 5.50
N VAL A 76 -8.12 5.18 6.47
CA VAL A 76 -7.73 4.11 7.39
C VAL A 76 -8.65 2.91 7.21
N LEU A 77 -8.09 1.70 7.29
CA LEU A 77 -8.88 0.50 7.09
C LEU A 77 -9.28 -0.10 8.43
N GLN A 78 -9.96 -1.22 8.37
CA GLN A 78 -10.29 -1.98 9.55
C GLN A 78 -10.05 -3.45 9.28
N ASP A 79 -9.97 -4.26 10.32
CA ASP A 79 -9.89 -5.70 10.15
C ASP A 79 -11.19 -6.18 9.53
N GLY A 80 -11.06 -6.97 8.48
CA GLY A 80 -12.23 -7.49 7.81
C GLY A 80 -12.74 -6.56 6.73
N ASP A 81 -12.15 -5.37 6.66
CA ASP A 81 -12.55 -4.37 5.67
C ASP A 81 -12.16 -4.85 4.28
N THR A 82 -12.71 -4.22 3.28
CA THR A 82 -12.37 -4.55 1.91
C THR A 82 -11.44 -3.48 1.37
N ILE A 83 -10.41 -3.89 0.65
CA ILE A 83 -9.45 -2.95 0.13
C ILE A 83 -9.44 -2.99 -1.37
N THR A 84 -8.85 -1.99 -2.00
CA THR A 84 -8.71 -1.97 -3.44
C THR A 84 -7.45 -1.19 -3.82
N VAL A 85 -6.48 -1.92 -4.35
CA VAL A 85 -5.22 -1.33 -4.78
C VAL A 85 -5.48 -0.29 -5.86
N ILE A 86 -4.93 0.89 -5.68
CA ILE A 86 -5.14 1.94 -6.66
C ILE A 86 -3.95 2.08 -7.61
N LYS A 87 -3.06 1.10 -7.68
CA LYS A 87 -1.91 1.19 -8.56
C LYS A 87 -1.75 -0.14 -9.29
N ASP A 88 -1.08 -0.12 -10.42
CA ASP A 88 -0.75 -1.37 -11.11
C ASP A 88 0.59 -1.94 -10.66
N LEU A 89 0.51 -3.04 -9.92
CA LEU A 89 1.66 -3.79 -9.43
C LEU A 89 1.53 -5.25 -9.89
N LYS A 90 2.65 -5.93 -10.04
CA LYS A 90 2.63 -7.36 -10.33
C LYS A 90 2.78 -8.18 -9.05
N VAL A 91 2.75 -9.50 -9.20
CA VAL A 91 2.88 -10.41 -8.07
C VAL A 91 4.04 -11.37 -8.35
N LYS A 92 4.94 -11.54 -7.39
CA LYS A 92 6.15 -12.31 -7.63
C LYS A 92 5.87 -13.81 -7.64
N GLY A 93 6.34 -14.46 -8.69
CA GLY A 93 6.26 -15.92 -8.77
C GLY A 93 4.86 -16.44 -9.02
N SER A 94 3.86 -15.58 -8.89
CA SER A 94 2.49 -15.98 -9.07
C SER A 94 1.92 -15.41 -10.36
N SER A 95 0.91 -16.08 -10.89
CA SER A 95 0.24 -15.62 -12.11
C SER A 95 -0.77 -14.53 -11.80
N LEU A 96 -0.76 -14.08 -10.55
CA LEU A 96 -1.62 -13.00 -10.11
C LEU A 96 -1.05 -11.67 -10.58
N VAL A 97 -1.83 -10.61 -10.42
CA VAL A 97 -1.54 -9.32 -11.02
C VAL A 97 -2.34 -8.29 -10.24
N VAL A 98 -1.66 -7.38 -9.59
CA VAL A 98 -2.33 -6.41 -8.73
C VAL A 98 -2.62 -5.13 -9.51
N LYS A 99 -3.82 -5.03 -10.03
CA LYS A 99 -4.18 -3.90 -10.86
C LYS A 99 -5.12 -2.96 -10.14
N VAL A 100 -5.04 -1.68 -10.47
CA VAL A 100 -5.88 -0.66 -9.85
C VAL A 100 -7.37 -1.08 -9.86
N GLY A 101 -7.80 -1.64 -8.74
CA GLY A 101 -9.16 -2.14 -8.62
C GLY A 101 -9.19 -3.56 -8.07
N THR A 102 -8.01 -4.06 -7.71
CA THR A 102 -7.90 -5.37 -7.08
C THR A 102 -8.65 -5.39 -5.75
N LYS A 103 -9.78 -6.05 -5.76
CA LYS A 103 -10.63 -6.07 -4.58
C LYS A 103 -10.27 -7.23 -3.69
N VAL A 104 -9.73 -6.91 -2.52
CA VAL A 104 -9.40 -7.93 -1.54
C VAL A 104 -10.09 -7.60 -0.23
N LYS A 105 -11.03 -8.45 0.16
CA LYS A 105 -11.85 -8.19 1.31
C LYS A 105 -11.31 -8.89 2.54
N ASN A 106 -11.86 -8.50 3.68
CA ASN A 106 -11.67 -9.15 4.97
C ASN A 106 -10.19 -9.17 5.38
N ILE A 107 -9.47 -8.06 5.14
CA ILE A 107 -8.05 -7.96 5.48
C ILE A 107 -7.76 -8.04 6.98
N ARG A 108 -6.48 -7.96 7.28
CA ARG A 108 -5.96 -7.91 8.63
C ARG A 108 -5.02 -6.74 8.75
N LEU A 109 -5.24 -5.87 9.74
CA LEU A 109 -4.30 -4.80 10.01
C LEU A 109 -3.17 -5.38 10.84
N VAL A 110 -1.95 -5.30 10.32
CA VAL A 110 -0.83 -5.96 10.94
C VAL A 110 -0.37 -5.20 12.19
N ASP A 111 -0.13 -5.95 13.25
CA ASP A 111 0.16 -5.38 14.57
C ASP A 111 1.39 -4.50 14.56
N GLY A 112 2.53 -5.06 14.18
CA GLY A 112 3.77 -4.31 14.24
C GLY A 112 4.11 -3.66 12.92
N ASP A 113 3.99 -4.43 11.85
CA ASP A 113 4.23 -3.91 10.52
C ASP A 113 3.03 -3.06 10.10
N HIS A 114 3.29 -1.88 9.57
CA HIS A 114 2.23 -1.00 9.10
C HIS A 114 1.77 -1.43 7.72
N ASP A 115 1.53 -2.72 7.58
CA ASP A 115 1.16 -3.33 6.31
C ASP A 115 -0.19 -4.01 6.40
N ILE A 116 -0.62 -4.57 5.28
CA ILE A 116 -1.91 -5.23 5.21
C ILE A 116 -1.77 -6.70 4.92
N ASP A 117 -2.30 -7.50 5.80
CA ASP A 117 -2.34 -8.91 5.59
C ASP A 117 -3.68 -9.30 5.01
N CYS A 118 -3.67 -10.09 3.97
CA CYS A 118 -4.91 -10.42 3.28
C CYS A 118 -5.00 -11.91 2.99
N LYS A 119 -6.21 -12.43 3.11
CA LYS A 119 -6.46 -13.83 2.86
C LYS A 119 -7.16 -13.97 1.52
N ILE A 120 -6.51 -14.64 0.58
CA ILE A 120 -7.00 -14.68 -0.78
C ILE A 120 -7.37 -16.09 -1.20
N ASP A 121 -8.65 -16.32 -1.43
CA ASP A 121 -9.14 -17.61 -1.90
C ASP A 121 -8.52 -17.91 -3.24
N GLY A 122 -7.64 -18.88 -3.28
CA GLY A 122 -7.02 -19.24 -4.51
C GLY A 122 -5.57 -19.65 -4.31
N ILE A 123 -4.77 -18.71 -3.83
CA ILE A 123 -3.35 -18.96 -3.62
C ILE A 123 -3.01 -19.01 -2.13
N GLY A 124 -3.69 -18.19 -1.34
CA GLY A 124 -3.46 -18.16 0.08
C GLY A 124 -3.39 -16.74 0.61
N ALA A 125 -2.59 -16.53 1.64
CA ALA A 125 -2.45 -15.21 2.23
C ALA A 125 -1.31 -14.43 1.57
N MET A 126 -1.47 -13.12 1.47
CA MET A 126 -0.48 -12.25 0.85
C MET A 126 -0.41 -10.91 1.58
N LYS A 127 0.63 -10.14 1.32
CA LYS A 127 0.78 -8.82 1.92
C LYS A 127 0.63 -7.75 0.84
N LEU A 128 0.09 -6.61 1.24
CA LEU A 128 -0.19 -5.52 0.34
C LEU A 128 0.38 -4.22 0.89
N LYS A 129 0.93 -3.43 0.01
CA LYS A 129 1.54 -2.18 0.40
C LYS A 129 0.48 -1.14 0.62
N SER A 130 0.36 -0.71 1.86
CA SER A 130 -0.61 0.27 2.28
C SER A 130 -0.56 1.50 1.37
N GLU A 131 0.64 1.90 1.00
CA GLU A 131 0.85 3.07 0.16
C GLU A 131 0.38 2.86 -1.27
N PHE A 132 0.05 1.64 -1.60
CA PHE A 132 -0.46 1.35 -2.94
C PHE A 132 -1.92 0.94 -2.92
N VAL A 133 -2.54 0.89 -1.76
CA VAL A 133 -3.91 0.40 -1.67
C VAL A 133 -4.87 1.49 -1.21
N ARG A 134 -6.15 1.15 -1.22
CA ARG A 134 -7.19 2.04 -0.80
C ARG A 134 -8.30 1.31 -0.06
N LYS A 135 -8.67 1.85 1.08
CA LYS A 135 -9.77 1.35 1.86
C LYS A 135 -11.09 1.65 1.16
N VAL A 136 -11.82 0.60 0.85
CA VAL A 136 -13.11 0.71 0.17
C VAL A 136 -14.21 1.11 1.15
N GLY A 137 -14.26 0.40 2.27
CA GLY A 137 -15.29 0.65 3.25
C GLY A 137 -16.53 -0.16 2.98
N SER A 138 -16.34 -1.43 2.66
CA SER A 138 -17.45 -2.34 2.44
C SER A 138 -17.13 -3.72 2.97
N MET A 23 16.83 18.21 17.98
CA MET A 23 18.18 17.86 18.50
C MET A 23 18.23 16.43 18.97
N VAL A 24 17.15 16.02 19.61
CA VAL A 24 16.97 14.64 20.00
C VAL A 24 16.32 13.93 18.84
N SER A 25 17.03 13.92 17.73
CA SER A 25 16.47 13.48 16.49
C SER A 25 17.33 12.43 15.83
N THR A 26 16.68 11.47 15.21
CA THR A 26 17.35 10.41 14.48
C THR A 26 16.66 10.26 13.12
N LEU A 27 16.12 11.37 12.65
CA LEU A 27 15.32 11.41 11.44
C LEU A 27 16.19 11.25 10.20
N PRO A 28 15.58 10.88 9.06
CA PRO A 28 16.30 10.74 7.79
C PRO A 28 16.88 12.06 7.32
N PRO A 29 17.86 12.01 6.41
CA PRO A 29 18.50 13.20 5.85
C PRO A 29 17.57 13.99 4.95
N CYS A 30 18.15 14.96 4.27
CA CYS A 30 17.42 15.76 3.30
C CYS A 30 17.73 15.21 1.91
N PRO A 31 16.70 14.82 1.14
CA PRO A 31 16.89 14.25 -0.20
C PRO A 31 17.39 15.31 -1.19
N GLN A 32 17.75 16.46 -0.66
CA GLN A 32 18.22 17.58 -1.45
C GLN A 32 19.63 17.96 -1.07
N CYS A 33 19.97 17.88 0.21
CA CYS A 33 21.32 18.20 0.67
C CYS A 33 22.03 16.93 1.13
N ASN A 34 21.30 16.15 1.93
CA ASN A 34 21.82 14.93 2.57
C ASN A 34 22.79 15.27 3.71
N SER A 35 22.89 16.57 3.99
CA SER A 35 23.73 17.07 5.07
C SER A 35 23.29 16.54 6.45
N GLU A 36 22.00 16.21 6.55
CA GLU A 36 21.43 15.58 7.74
C GLU A 36 21.21 16.55 8.89
N TYR A 37 21.28 17.83 8.59
CA TYR A 37 20.88 18.84 9.58
C TYR A 37 19.38 18.97 9.56
N THR A 38 18.72 17.84 9.59
CA THR A 38 17.28 17.77 9.52
C THR A 38 16.68 17.61 10.92
N TYR A 39 15.50 18.16 11.14
CA TYR A 39 14.85 18.07 12.43
C TYR A 39 13.34 18.06 12.25
N GLU A 40 12.61 17.86 13.32
CA GLU A 40 11.16 17.81 13.26
C GLU A 40 10.57 19.15 13.72
N ASP A 41 9.90 19.85 12.83
CA ASP A 41 9.23 21.11 13.17
C ASP A 41 7.76 20.84 13.46
N GLY A 42 7.47 19.64 13.92
CA GLY A 42 6.11 19.27 14.26
C GLY A 42 5.70 17.94 13.66
N ALA A 43 4.98 17.98 12.56
CA ALA A 43 4.42 16.77 11.96
C ALA A 43 5.15 16.37 10.69
N LEU A 44 6.35 16.91 10.52
CA LEU A 44 7.15 16.61 9.35
C LEU A 44 8.61 16.93 9.62
N LEU A 45 9.44 16.77 8.61
CA LEU A 45 10.85 17.09 8.73
C LEU A 45 11.15 18.32 7.90
N VAL A 46 11.90 19.26 8.45
CA VAL A 46 12.27 20.45 7.70
C VAL A 46 13.78 20.60 7.71
N CYS A 47 14.33 21.01 6.58
CA CYS A 47 15.76 21.23 6.45
C CYS A 47 16.05 22.71 6.51
N PRO A 48 16.61 23.18 7.63
CA PRO A 48 16.93 24.59 7.83
C PRO A 48 18.02 25.06 6.86
N GLU A 49 18.68 24.08 6.24
CA GLU A 49 19.77 24.36 5.34
C GLU A 49 19.26 24.90 4.01
N CYS A 50 18.41 24.14 3.30
CA CYS A 50 17.91 24.61 2.01
C CYS A 50 16.51 25.20 2.10
N ALA A 51 15.99 25.44 3.32
CA ALA A 51 14.69 26.09 3.50
C ALA A 51 13.55 25.32 2.83
N HIS A 52 13.59 23.99 2.93
CA HIS A 52 12.53 23.17 2.36
C HIS A 52 12.18 22.02 3.29
N GLU A 53 10.90 21.90 3.61
CA GLU A 53 10.41 20.82 4.45
C GLU A 53 9.78 19.72 3.61
N TRP A 54 9.58 18.56 4.21
CA TRP A 54 9.03 17.41 3.48
C TRP A 54 8.53 16.35 4.43
N SER A 55 7.70 15.46 3.92
CA SER A 55 7.29 14.28 4.66
C SER A 55 8.02 13.07 4.09
N PRO A 56 8.76 12.34 4.94
CA PRO A 56 9.65 11.27 4.50
C PRO A 56 8.95 10.20 3.68
N ASN A 57 7.72 9.89 4.05
CA ASN A 57 6.97 8.83 3.39
C ASN A 57 5.92 9.40 2.45
N GLU A 58 5.20 10.42 2.92
CA GLU A 58 4.08 10.97 2.17
C GLU A 58 4.55 11.61 0.86
N ALA A 59 5.80 12.07 0.83
CA ALA A 59 6.37 12.65 -0.37
C ALA A 59 6.51 11.59 -1.46
N ALA A 60 6.90 10.40 -1.04
CA ALA A 60 7.07 9.28 -1.97
C ALA A 60 5.71 8.77 -2.42
N THR A 61 4.85 8.46 -1.46
CA THR A 61 3.50 8.00 -1.75
C THR A 61 2.58 8.35 -0.59
N ALA A 62 1.33 8.64 -0.92
CA ALA A 62 0.31 8.91 0.10
C ALA A 62 -0.96 8.16 -0.27
N SER A 63 -0.86 7.33 -1.28
CA SER A 63 -1.97 6.55 -1.77
C SER A 63 -1.89 5.12 -1.24
N ASP A 64 -0.88 4.88 -0.43
CA ASP A 64 -0.64 3.56 0.14
C ASP A 64 -1.04 3.56 1.60
N ASP A 65 -1.17 2.37 2.17
CA ASP A 65 -1.46 2.24 3.59
C ASP A 65 -0.27 1.61 4.29
N GLY A 66 0.22 0.54 3.72
CA GLY A 66 1.40 -0.12 4.23
C GLY A 66 1.07 -1.28 5.14
N LYS A 67 0.13 -1.08 6.05
CA LYS A 67 -0.21 -2.10 7.03
C LYS A 67 -1.46 -2.87 6.62
N VAL A 68 -2.35 -2.21 5.88
CA VAL A 68 -3.57 -2.85 5.40
C VAL A 68 -3.63 -2.80 3.87
N ILE A 69 -4.32 -3.75 3.26
CA ILE A 69 -4.38 -3.82 1.81
C ILE A 69 -5.59 -3.02 1.31
N LYS A 70 -5.38 -2.22 0.27
CA LYS A 70 -6.39 -1.31 -0.24
C LYS A 70 -6.73 -1.61 -1.70
N ASP A 71 -7.94 -1.24 -2.12
CA ASP A 71 -8.42 -1.55 -3.46
C ASP A 71 -8.13 -0.44 -4.44
N SER A 72 -8.49 -0.68 -5.70
CA SER A 72 -8.39 0.34 -6.74
C SER A 72 -9.57 1.30 -6.64
N VAL A 73 -10.48 0.95 -5.76
CA VAL A 73 -11.68 1.74 -5.50
C VAL A 73 -11.41 2.71 -4.38
N GLY A 74 -10.32 2.44 -3.68
CA GLY A 74 -9.92 3.27 -2.57
C GLY A 74 -10.39 2.72 -1.24
N ASN A 75 -11.07 1.58 -1.26
CA ASN A 75 -11.54 0.97 -0.02
C ASN A 75 -10.44 0.16 0.61
N VAL A 76 -10.65 -0.12 1.87
CA VAL A 76 -9.71 -0.89 2.66
C VAL A 76 -10.40 -2.14 3.15
N LEU A 77 -9.77 -3.30 2.98
CA LEU A 77 -10.44 -4.55 3.24
C LEU A 77 -10.17 -5.01 4.67
N GLN A 78 -10.86 -6.07 5.05
CA GLN A 78 -10.68 -6.67 6.36
C GLN A 78 -10.38 -8.15 6.18
N ASP A 79 -9.64 -8.73 7.10
CA ASP A 79 -9.34 -10.16 7.04
C ASP A 79 -10.61 -10.96 7.28
N GLY A 80 -11.21 -11.42 6.19
CA GLY A 80 -12.46 -12.15 6.28
C GLY A 80 -13.54 -11.49 5.47
N ASP A 81 -13.24 -10.29 4.97
CA ASP A 81 -14.19 -9.52 4.18
C ASP A 81 -14.44 -10.19 2.83
N THR A 82 -15.45 -9.73 2.13
CA THR A 82 -15.76 -10.23 0.80
C THR A 82 -15.35 -9.19 -0.23
N ILE A 83 -14.64 -9.60 -1.26
CA ILE A 83 -14.12 -8.66 -2.24
C ILE A 83 -14.51 -9.07 -3.65
N THR A 84 -14.29 -8.20 -4.61
CA THR A 84 -14.61 -8.48 -6.00
C THR A 84 -13.67 -7.72 -6.95
N VAL A 85 -12.98 -8.47 -7.80
CA VAL A 85 -12.09 -7.91 -8.81
C VAL A 85 -12.90 -7.05 -9.79
N ILE A 86 -12.45 -5.84 -10.07
CA ILE A 86 -13.16 -4.98 -11.00
C ILE A 86 -12.64 -5.02 -12.41
N LYS A 87 -11.76 -5.95 -12.75
CA LYS A 87 -11.21 -5.95 -14.09
C LYS A 87 -11.11 -7.37 -14.60
N ASP A 88 -10.86 -7.46 -15.89
CA ASP A 88 -10.64 -8.75 -16.51
C ASP A 88 -9.17 -9.16 -16.49
N LEU A 89 -8.89 -10.17 -15.68
CA LEU A 89 -7.58 -10.81 -15.60
C LEU A 89 -7.76 -12.31 -15.86
N LYS A 90 -6.87 -12.91 -16.62
CA LYS A 90 -6.95 -14.35 -16.84
C LYS A 90 -6.02 -15.07 -15.88
N VAL A 91 -6.01 -16.40 -15.91
CA VAL A 91 -5.18 -17.18 -15.03
C VAL A 91 -4.40 -18.17 -15.89
N LYS A 92 -3.07 -18.10 -15.84
CA LYS A 92 -2.26 -18.81 -16.81
C LYS A 92 -2.01 -20.27 -16.43
N GLY A 93 -1.92 -20.55 -15.14
CA GLY A 93 -1.68 -21.91 -14.71
C GLY A 93 -2.97 -22.70 -14.58
N SER A 94 -4.04 -21.98 -14.32
CA SER A 94 -5.33 -22.62 -14.07
C SER A 94 -6.33 -22.36 -15.21
N SER A 95 -7.39 -23.17 -15.22
CA SER A 95 -8.50 -22.96 -16.15
C SER A 95 -9.44 -21.89 -15.60
N LEU A 96 -8.99 -21.25 -14.53
CA LEU A 96 -9.74 -20.17 -13.89
C LEU A 96 -9.63 -18.90 -14.71
N VAL A 97 -10.38 -17.89 -14.31
CA VAL A 97 -10.61 -16.71 -15.13
C VAL A 97 -11.07 -15.61 -14.18
N VAL A 98 -10.27 -14.59 -14.02
CA VAL A 98 -10.59 -13.52 -13.08
C VAL A 98 -11.38 -12.41 -13.78
N LYS A 99 -12.69 -12.47 -13.64
CA LYS A 99 -13.57 -11.55 -14.34
C LYS A 99 -14.13 -10.52 -13.38
N VAL A 100 -14.39 -9.31 -13.89
CA VAL A 100 -14.97 -8.23 -13.09
C VAL A 100 -16.26 -8.72 -12.39
N GLY A 101 -16.11 -9.12 -11.14
CA GLY A 101 -17.20 -9.66 -10.38
C GLY A 101 -16.81 -10.95 -9.66
N THR A 102 -15.52 -11.29 -9.78
CA THR A 102 -14.96 -12.45 -9.11
C THR A 102 -15.05 -12.25 -7.59
N LYS A 103 -16.01 -12.92 -7.01
CA LYS A 103 -16.30 -12.73 -5.60
C LYS A 103 -15.55 -13.71 -4.73
N VAL A 104 -14.65 -13.17 -3.92
CA VAL A 104 -14.00 -13.98 -2.93
C VAL A 104 -14.27 -13.45 -1.55
N LYS A 105 -14.88 -14.29 -0.75
CA LYS A 105 -15.22 -13.94 0.60
C LYS A 105 -14.28 -14.58 1.59
N ASN A 106 -14.05 -13.90 2.70
CA ASN A 106 -13.21 -14.40 3.78
C ASN A 106 -11.75 -14.39 3.40
N ILE A 107 -11.28 -13.31 2.75
CA ILE A 107 -9.89 -13.17 2.36
C ILE A 107 -8.94 -13.11 3.55
N ARG A 108 -7.67 -12.96 3.22
CA ARG A 108 -6.60 -12.76 4.18
C ARG A 108 -5.78 -11.55 3.77
N LEU A 109 -5.62 -10.58 4.65
CA LEU A 109 -4.75 -9.44 4.36
C LEU A 109 -3.33 -9.82 4.67
N VAL A 110 -2.48 -9.83 3.66
CA VAL A 110 -1.12 -10.32 3.83
C VAL A 110 -0.21 -9.18 4.28
N ASP A 111 0.99 -9.55 4.71
CA ASP A 111 1.97 -8.57 5.16
C ASP A 111 2.66 -7.92 3.98
N GLY A 112 1.89 -7.12 3.31
CA GLY A 112 2.38 -6.38 2.17
C GLY A 112 1.46 -5.24 1.77
N ASP A 113 1.69 -4.67 0.59
CA ASP A 113 0.85 -3.59 0.06
C ASP A 113 -0.11 -4.13 -1.01
N HIS A 114 0.43 -4.99 -1.87
CA HIS A 114 -0.31 -5.58 -2.98
C HIS A 114 -0.66 -7.02 -2.66
N ASP A 115 -1.32 -7.22 -1.53
CA ASP A 115 -1.33 -8.54 -0.91
C ASP A 115 -2.70 -8.94 -0.39
N ILE A 116 -3.48 -9.56 -1.24
CA ILE A 116 -4.75 -10.12 -0.82
C ILE A 116 -4.79 -11.60 -1.08
N ASP A 117 -4.78 -12.37 -0.03
CA ASP A 117 -4.82 -13.79 -0.16
C ASP A 117 -6.25 -14.27 -0.06
N CYS A 118 -6.62 -15.15 -0.94
CA CYS A 118 -8.00 -15.61 -1.02
C CYS A 118 -8.04 -17.11 -1.14
N LYS A 119 -9.01 -17.73 -0.49
CA LYS A 119 -9.14 -19.17 -0.53
C LYS A 119 -10.30 -19.52 -1.45
N ILE A 120 -10.01 -20.26 -2.50
CA ILE A 120 -10.97 -20.53 -3.53
C ILE A 120 -11.22 -22.03 -3.64
N ASP A 121 -12.41 -22.45 -3.21
CA ASP A 121 -12.79 -23.86 -3.25
C ASP A 121 -12.64 -24.40 -4.66
N GLY A 122 -11.89 -25.47 -4.78
CA GLY A 122 -11.72 -26.09 -6.06
C GLY A 122 -10.26 -26.26 -6.40
N ILE A 123 -9.52 -25.15 -6.33
CA ILE A 123 -8.11 -25.15 -6.67
C ILE A 123 -7.25 -24.91 -5.43
N GLY A 124 -7.70 -24.01 -4.57
CA GLY A 124 -6.97 -23.70 -3.36
C GLY A 124 -6.91 -22.21 -3.14
N ALA A 125 -5.85 -21.74 -2.52
CA ALA A 125 -5.68 -20.31 -2.26
C ALA A 125 -4.98 -19.63 -3.43
N MET A 126 -5.21 -18.34 -3.58
CA MET A 126 -4.63 -17.57 -4.67
C MET A 126 -4.34 -16.13 -4.23
N LYS A 127 -3.49 -15.44 -4.97
CA LYS A 127 -3.10 -14.08 -4.63
C LYS A 127 -3.75 -13.09 -5.58
N LEU A 128 -4.06 -11.90 -5.09
CA LEU A 128 -4.74 -10.90 -5.88
C LEU A 128 -4.04 -9.54 -5.79
N LYS A 129 -4.02 -8.86 -6.92
CA LYS A 129 -3.48 -7.51 -7.00
C LYS A 129 -4.48 -6.54 -6.44
N SER A 130 -4.08 -5.83 -5.40
CA SER A 130 -4.94 -4.87 -4.74
C SER A 130 -5.46 -3.82 -5.72
N GLU A 131 -4.62 -3.46 -6.68
CA GLU A 131 -4.99 -2.49 -7.69
C GLU A 131 -6.05 -3.02 -8.66
N PHE A 132 -6.38 -4.31 -8.59
CA PHE A 132 -7.41 -4.87 -9.45
C PHE A 132 -8.66 -5.29 -8.68
N VAL A 133 -8.69 -5.05 -7.38
CA VAL A 133 -9.82 -5.53 -6.58
C VAL A 133 -10.71 -4.40 -6.08
N ARG A 134 -11.88 -4.79 -5.59
CA ARG A 134 -12.86 -3.87 -5.04
C ARG A 134 -13.53 -4.49 -3.82
N LYS A 135 -13.63 -3.71 -2.76
CA LYS A 135 -14.34 -4.15 -1.59
C LYS A 135 -15.83 -4.31 -1.88
N VAL A 136 -16.42 -5.36 -1.34
CA VAL A 136 -17.86 -5.57 -1.45
C VAL A 136 -18.52 -5.21 -0.13
N GLY A 137 -17.90 -5.63 0.96
CA GLY A 137 -18.42 -5.33 2.28
C GLY A 137 -19.56 -6.25 2.66
N SER A 138 -19.52 -7.47 2.14
CA SER A 138 -20.52 -8.46 2.49
C SER A 138 -20.09 -9.20 3.74
N MET A 23 16.93 10.07 17.74
CA MET A 23 18.08 10.16 16.81
C MET A 23 17.92 9.21 15.64
N VAL A 24 17.03 8.26 15.79
CA VAL A 24 16.87 7.18 14.82
C VAL A 24 16.14 7.66 13.57
N SER A 25 16.84 7.63 12.46
CA SER A 25 16.25 7.96 11.18
C SER A 25 16.97 7.21 10.06
N THR A 26 16.26 6.33 9.38
CA THR A 26 16.80 5.62 8.22
C THR A 26 16.77 6.53 7.00
N LEU A 27 15.71 7.31 6.93
CA LEU A 27 15.48 8.21 5.80
C LEU A 27 16.28 9.49 5.99
N PRO A 28 16.38 10.35 4.96
CA PRO A 28 17.04 11.64 5.10
C PRO A 28 16.22 12.57 5.99
N PRO A 29 16.88 13.53 6.65
CA PRO A 29 16.22 14.48 7.53
C PRO A 29 15.36 15.48 6.77
N CYS A 30 14.97 16.54 7.45
CA CYS A 30 14.19 17.60 6.86
C CYS A 30 15.11 18.74 6.47
N PRO A 31 15.11 19.13 5.19
CA PRO A 31 15.95 20.24 4.69
C PRO A 31 15.50 21.58 5.24
N GLN A 32 14.62 21.52 6.22
CA GLN A 32 14.07 22.70 6.86
C GLN A 32 14.35 22.69 8.35
N CYS A 33 14.28 21.52 8.99
CA CYS A 33 14.55 21.41 10.43
C CYS A 33 15.89 20.73 10.66
N ASN A 34 16.06 19.60 9.96
CA ASN A 34 17.26 18.76 10.07
C ASN A 34 17.35 18.04 11.42
N SER A 35 16.40 18.31 12.31
CA SER A 35 16.38 17.69 13.64
C SER A 35 16.41 16.16 13.54
N GLU A 36 15.26 15.55 13.19
CA GLU A 36 15.18 14.09 13.02
C GLU A 36 13.74 13.58 12.82
N TYR A 37 12.74 14.45 13.01
CA TYR A 37 11.35 14.02 13.04
C TYR A 37 10.80 13.79 11.64
N THR A 38 11.64 13.31 10.75
CA THR A 38 11.23 13.03 9.39
C THR A 38 10.90 11.55 9.24
N TYR A 39 9.79 11.26 8.57
CA TYR A 39 9.32 9.88 8.42
C TYR A 39 8.66 9.73 7.06
N GLU A 40 8.33 8.51 6.68
CA GLU A 40 7.70 8.26 5.38
C GLU A 40 6.22 8.00 5.54
N ASP A 41 5.41 8.80 4.86
CA ASP A 41 3.99 8.56 4.77
C ASP A 41 3.65 8.25 3.32
N GLY A 42 3.83 7.01 2.93
CA GLY A 42 3.48 6.61 1.59
C GLY A 42 4.65 6.72 0.62
N ALA A 43 4.50 7.63 -0.34
CA ALA A 43 5.43 7.73 -1.46
C ALA A 43 6.33 8.96 -1.35
N LEU A 44 6.47 9.48 -0.15
CA LEU A 44 7.32 10.63 0.08
C LEU A 44 7.69 10.73 1.55
N LEU A 45 8.38 11.80 1.90
CA LEU A 45 8.71 12.08 3.29
C LEU A 45 7.92 13.28 3.79
N VAL A 46 7.36 13.19 4.98
CA VAL A 46 6.65 14.32 5.56
C VAL A 46 7.22 14.61 6.93
N CYS A 47 7.34 15.87 7.25
CA CYS A 47 7.90 16.30 8.51
C CYS A 47 6.80 16.83 9.41
N PRO A 48 6.41 16.06 10.44
CA PRO A 48 5.43 16.50 11.42
C PRO A 48 5.99 17.62 12.30
N GLU A 49 7.30 17.78 12.22
CA GLU A 49 8.01 18.78 12.98
C GLU A 49 7.59 20.18 12.53
N CYS A 50 7.79 20.50 11.25
CA CYS A 50 7.39 21.81 10.73
C CYS A 50 6.12 21.75 9.90
N ALA A 51 5.42 20.61 9.87
CA ALA A 51 4.20 20.47 9.09
C ALA A 51 4.43 20.78 7.60
N HIS A 52 5.45 20.16 7.03
CA HIS A 52 5.71 20.29 5.60
C HIS A 52 6.32 19.02 5.06
N GLU A 53 5.73 18.49 3.99
CA GLU A 53 6.24 17.28 3.35
C GLU A 53 7.11 17.63 2.16
N TRP A 54 7.76 16.63 1.59
CA TRP A 54 8.69 16.82 0.49
C TRP A 54 9.05 15.48 -0.09
N SER A 55 9.57 15.46 -1.28
CA SER A 55 9.93 14.22 -1.92
C SER A 55 11.43 14.22 -2.23
N PRO A 56 12.19 13.31 -1.60
CA PRO A 56 13.66 13.31 -1.64
C PRO A 56 14.22 13.27 -3.06
N ASN A 57 13.56 12.53 -3.94
CA ASN A 57 14.04 12.39 -5.31
C ASN A 57 13.09 13.06 -6.28
N GLU A 58 11.80 12.93 -5.99
CA GLU A 58 10.74 13.34 -6.90
C GLU A 58 10.66 14.87 -7.01
N ALA A 59 11.31 15.56 -6.09
CA ALA A 59 11.35 17.01 -6.12
C ALA A 59 12.46 17.50 -7.04
N ALA A 60 13.65 16.94 -6.84
CA ALA A 60 14.83 17.35 -7.61
C ALA A 60 14.82 16.74 -9.00
N THR A 61 14.37 15.51 -9.09
CA THR A 61 14.33 14.78 -10.33
C THR A 61 12.91 14.74 -10.88
N ALA A 62 12.73 14.22 -12.08
CA ALA A 62 11.40 14.07 -12.66
C ALA A 62 10.53 13.19 -11.76
N SER A 63 9.25 13.53 -11.67
CA SER A 63 8.35 12.84 -10.76
C SER A 63 7.80 11.57 -11.40
N ASP A 64 8.32 11.22 -12.57
CA ASP A 64 7.89 10.01 -13.27
C ASP A 64 8.99 8.97 -13.26
N ASP A 65 8.60 7.71 -13.39
CA ASP A 65 9.54 6.58 -13.37
C ASP A 65 8.78 5.28 -13.52
N GLY A 66 7.61 5.23 -12.89
CA GLY A 66 6.79 4.02 -12.93
C GLY A 66 6.51 3.52 -11.53
N LYS A 67 6.11 4.43 -10.65
CA LYS A 67 5.89 4.08 -9.25
C LYS A 67 4.42 3.80 -8.98
N VAL A 68 3.57 4.08 -9.97
CA VAL A 68 2.13 3.95 -9.79
C VAL A 68 1.54 2.98 -10.81
N ILE A 69 0.64 2.13 -10.32
CA ILE A 69 0.10 1.03 -11.12
C ILE A 69 -1.33 1.35 -11.54
N LYS A 70 -1.69 0.98 -12.77
CA LYS A 70 -3.02 1.28 -13.31
C LYS A 70 -3.89 0.04 -13.33
N ASP A 71 -5.18 0.26 -13.52
CA ASP A 71 -6.16 -0.82 -13.58
C ASP A 71 -6.70 -0.99 -14.99
N SER A 72 -7.49 -2.04 -15.21
CA SER A 72 -8.09 -2.33 -16.53
C SER A 72 -9.28 -1.41 -16.79
N VAL A 73 -9.65 -0.68 -15.76
CA VAL A 73 -10.76 0.25 -15.85
C VAL A 73 -10.23 1.63 -16.23
N GLY A 74 -8.92 1.70 -16.41
CA GLY A 74 -8.31 2.90 -16.94
C GLY A 74 -7.88 3.88 -15.89
N ASN A 75 -8.04 3.52 -14.62
CA ASN A 75 -7.69 4.44 -13.56
C ASN A 75 -6.39 4.05 -12.87
N VAL A 76 -5.90 4.97 -12.08
CA VAL A 76 -4.62 4.84 -11.41
C VAL A 76 -4.81 4.73 -9.91
N LEU A 77 -4.08 3.82 -9.27
CA LEU A 77 -4.32 3.50 -7.86
C LEU A 77 -3.50 4.38 -6.93
N GLN A 78 -3.78 4.24 -5.65
CA GLN A 78 -3.02 4.88 -4.60
C GLN A 78 -2.46 3.82 -3.67
N ASP A 79 -1.25 4.00 -3.17
CA ASP A 79 -0.65 3.05 -2.25
C ASP A 79 -1.41 3.04 -0.93
N GLY A 80 -2.18 1.99 -0.72
CA GLY A 80 -2.96 1.88 0.48
C GLY A 80 -4.45 1.92 0.17
N ASP A 81 -4.76 2.06 -1.11
CA ASP A 81 -6.15 2.10 -1.55
C ASP A 81 -6.71 0.68 -1.64
N THR A 82 -7.99 0.59 -1.92
CA THR A 82 -8.65 -0.69 -2.07
C THR A 82 -8.85 -0.96 -3.56
N ILE A 83 -8.64 -2.20 -3.96
CA ILE A 83 -8.82 -2.58 -5.35
C ILE A 83 -9.89 -3.63 -5.46
N THR A 84 -10.38 -3.87 -6.65
CA THR A 84 -11.34 -4.92 -6.88
C THR A 84 -11.15 -5.50 -8.28
N VAL A 85 -10.82 -6.78 -8.35
CA VAL A 85 -10.66 -7.49 -9.60
C VAL A 85 -11.98 -7.48 -10.36
N ILE A 86 -11.95 -7.04 -11.60
CA ILE A 86 -13.16 -7.02 -12.40
C ILE A 86 -13.23 -8.19 -13.38
N LYS A 87 -12.48 -9.26 -13.15
CA LYS A 87 -12.58 -10.46 -13.97
C LYS A 87 -12.58 -11.68 -13.06
N ASP A 88 -12.99 -12.81 -13.59
CA ASP A 88 -12.82 -14.08 -12.89
C ASP A 88 -11.46 -14.71 -13.16
N LEU A 89 -10.65 -14.76 -12.11
CA LEU A 89 -9.33 -15.41 -12.13
C LEU A 89 -9.28 -16.44 -11.01
N LYS A 90 -8.55 -17.51 -11.20
CA LYS A 90 -8.30 -18.43 -10.09
C LYS A 90 -6.92 -18.16 -9.48
N VAL A 91 -6.60 -18.90 -8.42
CA VAL A 91 -5.33 -18.75 -7.72
C VAL A 91 -4.66 -20.12 -7.68
N LYS A 92 -3.39 -20.19 -8.04
CA LYS A 92 -2.71 -21.48 -8.14
C LYS A 92 -2.19 -21.98 -6.79
N GLY A 93 -1.68 -21.07 -5.98
CA GLY A 93 -1.11 -21.47 -4.70
C GLY A 93 -2.18 -21.71 -3.65
N SER A 94 -3.32 -21.07 -3.82
CA SER A 94 -4.40 -21.18 -2.87
C SER A 94 -5.62 -21.85 -3.47
N SER A 95 -6.60 -22.14 -2.62
CA SER A 95 -7.86 -22.70 -3.06
C SER A 95 -8.84 -21.57 -3.32
N LEU A 96 -8.37 -20.34 -3.14
CA LEU A 96 -9.21 -19.16 -3.32
C LEU A 96 -9.33 -18.83 -4.79
N VAL A 97 -10.53 -18.50 -5.20
CA VAL A 97 -10.79 -18.00 -6.53
C VAL A 97 -10.95 -16.48 -6.50
N VAL A 98 -10.29 -15.81 -7.41
CA VAL A 98 -10.36 -14.37 -7.53
C VAL A 98 -11.53 -13.97 -8.45
N LYS A 99 -12.63 -13.57 -7.84
CA LYS A 99 -13.84 -13.31 -8.61
C LYS A 99 -14.10 -11.81 -8.75
N VAL A 100 -14.75 -11.46 -9.85
CA VAL A 100 -15.08 -10.06 -10.13
C VAL A 100 -15.79 -9.42 -8.93
N GLY A 101 -15.00 -8.72 -8.11
CA GLY A 101 -15.51 -8.12 -6.90
C GLY A 101 -14.62 -8.44 -5.70
N THR A 102 -13.54 -9.17 -5.99
CA THR A 102 -12.55 -9.52 -4.97
C THR A 102 -11.93 -8.25 -4.39
N LYS A 103 -12.34 -7.93 -3.19
CA LYS A 103 -11.95 -6.68 -2.57
C LYS A 103 -10.68 -6.84 -1.76
N VAL A 104 -9.63 -6.19 -2.20
CA VAL A 104 -8.38 -6.18 -1.46
C VAL A 104 -7.95 -4.75 -1.16
N LYS A 105 -7.89 -4.43 0.12
CA LYS A 105 -7.65 -3.08 0.58
C LYS A 105 -6.20 -2.89 0.98
N ASN A 106 -5.75 -1.65 0.90
CA ASN A 106 -4.42 -1.26 1.34
C ASN A 106 -3.33 -1.94 0.53
N ILE A 107 -3.43 -1.87 -0.80
CA ILE A 107 -2.39 -2.39 -1.67
C ILE A 107 -1.08 -1.62 -1.55
N ARG A 108 -0.09 -2.09 -2.28
CA ARG A 108 1.20 -1.47 -2.38
C ARG A 108 1.57 -1.38 -3.86
N LEU A 109 1.90 -0.19 -4.33
CA LEU A 109 2.26 -0.02 -5.72
C LEU A 109 3.73 -0.36 -5.88
N VAL A 110 4.03 -1.35 -6.67
CA VAL A 110 5.40 -1.81 -6.81
C VAL A 110 6.02 -1.26 -8.08
N ASP A 111 7.28 -1.59 -8.33
CA ASP A 111 8.01 -0.97 -9.42
C ASP A 111 7.74 -1.64 -10.74
N GLY A 112 6.79 -1.08 -11.42
CA GLY A 112 6.43 -1.51 -12.76
C GLY A 112 5.04 -1.04 -13.11
N ASP A 113 4.52 -1.46 -14.26
CA ASP A 113 3.15 -1.11 -14.62
C ASP A 113 2.21 -2.29 -14.38
N HIS A 114 2.80 -3.48 -14.32
CA HIS A 114 2.06 -4.73 -14.12
C HIS A 114 2.29 -5.24 -12.70
N ASP A 115 2.16 -4.36 -11.73
CA ASP A 115 2.75 -4.62 -10.42
C ASP A 115 1.89 -4.15 -9.27
N ILE A 116 1.01 -5.01 -8.78
CA ILE A 116 0.22 -4.66 -7.62
C ILE A 116 0.44 -5.63 -6.49
N ASP A 117 0.96 -5.11 -5.41
CA ASP A 117 1.17 -5.92 -4.23
C ASP A 117 -0.01 -5.77 -3.31
N CYS A 118 -0.55 -6.89 -2.89
CA CYS A 118 -1.73 -6.88 -2.06
C CYS A 118 -1.51 -7.79 -0.86
N LYS A 119 -1.93 -7.33 0.30
CA LYS A 119 -1.76 -8.07 1.53
C LYS A 119 -3.10 -8.61 1.99
N ILE A 120 -3.20 -9.92 2.06
CA ILE A 120 -4.48 -10.58 2.30
C ILE A 120 -4.46 -11.35 3.61
N ASP A 121 -5.16 -10.82 4.60
CA ASP A 121 -5.22 -11.43 5.91
C ASP A 121 -5.89 -12.80 5.83
N GLY A 122 -5.07 -13.84 5.98
CA GLY A 122 -5.59 -15.19 5.91
C GLY A 122 -4.63 -16.13 5.22
N ILE A 123 -4.08 -15.69 4.10
CA ILE A 123 -3.15 -16.50 3.35
C ILE A 123 -1.80 -15.80 3.23
N GLY A 124 -1.83 -14.48 3.07
CA GLY A 124 -0.62 -13.70 3.02
C GLY A 124 -0.68 -12.66 1.93
N ALA A 125 0.47 -12.26 1.42
CA ALA A 125 0.52 -11.28 0.35
C ALA A 125 0.47 -11.97 -1.01
N MET A 126 -0.05 -11.27 -2.01
CA MET A 126 -0.20 -11.81 -3.34
C MET A 126 0.07 -10.71 -4.37
N LYS A 127 0.30 -11.09 -5.61
CA LYS A 127 0.51 -10.12 -6.68
C LYS A 127 -0.63 -10.18 -7.69
N LEU A 128 -0.95 -9.04 -8.28
CA LEU A 128 -2.12 -8.92 -9.13
C LEU A 128 -1.78 -8.28 -10.47
N LYS A 129 -2.46 -8.76 -11.50
CA LYS A 129 -2.33 -8.20 -12.83
C LYS A 129 -3.18 -6.97 -12.97
N SER A 130 -2.52 -5.86 -13.28
CA SER A 130 -3.17 -4.57 -13.43
C SER A 130 -4.35 -4.66 -14.39
N GLU A 131 -4.21 -5.48 -15.42
CA GLU A 131 -5.24 -5.63 -16.44
C GLU A 131 -6.46 -6.38 -15.94
N PHE A 132 -6.43 -6.88 -14.73
CA PHE A 132 -7.58 -7.57 -14.20
C PHE A 132 -8.22 -6.85 -13.02
N VAL A 133 -7.63 -5.75 -12.58
CA VAL A 133 -8.08 -5.10 -11.35
C VAL A 133 -8.71 -3.74 -11.60
N ARG A 134 -9.28 -3.16 -10.55
CA ARG A 134 -9.91 -1.86 -10.62
C ARG A 134 -9.86 -1.14 -9.28
N LYS A 135 -9.49 0.13 -9.33
CA LYS A 135 -9.51 0.99 -8.15
C LYS A 135 -10.93 1.21 -7.65
N VAL A 136 -11.16 0.87 -6.40
CA VAL A 136 -12.43 1.14 -5.75
C VAL A 136 -12.54 2.63 -5.44
N GLY A 137 -11.52 3.17 -4.78
CA GLY A 137 -11.51 4.57 -4.44
C GLY A 137 -12.35 4.87 -3.20
N SER A 138 -12.28 3.98 -2.22
CA SER A 138 -13.02 4.16 -0.99
C SER A 138 -12.13 3.86 0.21
N MET A 23 18.53 31.82 18.45
CA MET A 23 18.61 30.41 18.89
C MET A 23 17.38 29.61 18.47
N VAL A 24 16.58 30.20 17.61
CA VAL A 24 15.40 29.53 17.11
C VAL A 24 15.48 29.36 15.59
N SER A 25 15.63 28.12 15.14
CA SER A 25 15.76 27.83 13.73
C SER A 25 14.40 27.93 13.03
N THR A 26 14.42 28.45 11.81
CA THR A 26 13.21 28.70 11.06
C THR A 26 12.92 27.57 10.08
N LEU A 27 13.79 26.57 10.08
CA LEU A 27 13.62 25.41 9.22
C LEU A 27 13.27 24.19 10.06
N PRO A 28 12.67 23.17 9.45
CA PRO A 28 12.41 21.90 10.12
C PRO A 28 13.70 21.13 10.35
N PRO A 29 13.72 20.22 11.32
CA PRO A 29 14.92 19.44 11.65
C PRO A 29 15.31 18.47 10.53
N CYS A 30 16.31 17.68 10.84
CA CYS A 30 16.83 16.69 9.92
C CYS A 30 16.26 15.33 10.27
N PRO A 31 15.60 14.66 9.31
CA PRO A 31 15.04 13.33 9.55
C PRO A 31 16.12 12.27 9.70
N GLN A 32 17.37 12.72 9.73
CA GLN A 32 18.51 11.87 9.96
C GLN A 32 19.01 12.00 11.38
N CYS A 33 19.30 13.24 11.79
CA CYS A 33 19.88 13.48 13.12
C CYS A 33 18.96 14.32 14.00
N ASN A 34 18.14 15.18 13.37
CA ASN A 34 17.09 15.97 14.07
C ASN A 34 17.68 17.14 14.86
N SER A 35 18.91 16.98 15.30
CA SER A 35 19.65 17.94 16.12
C SER A 35 19.28 19.40 15.82
N GLU A 36 19.79 19.94 14.70
CA GLU A 36 19.50 21.32 14.28
C GLU A 36 20.41 21.79 13.12
N TYR A 37 21.38 20.97 12.73
CA TYR A 37 22.40 21.37 11.77
C TYR A 37 21.89 21.28 10.33
N THR A 38 20.66 21.71 10.13
CA THR A 38 20.07 21.76 8.82
C THR A 38 19.93 23.21 8.36
N TYR A 39 20.03 23.45 7.06
CA TYR A 39 19.97 24.80 6.53
C TYR A 39 19.39 24.77 5.12
N GLU A 40 19.17 25.93 4.55
CA GLU A 40 18.55 26.05 3.25
C GLU A 40 19.58 26.35 2.17
N ASP A 41 19.74 25.42 1.24
CA ASP A 41 20.60 25.64 0.09
C ASP A 41 19.80 25.45 -1.19
N GLY A 42 19.11 26.50 -1.60
CA GLY A 42 18.31 26.43 -2.80
C GLY A 42 16.86 26.10 -2.51
N ALA A 43 16.35 25.06 -3.15
CA ALA A 43 14.93 24.71 -3.05
C ALA A 43 14.73 23.52 -2.11
N LEU A 44 15.73 23.25 -1.29
CA LEU A 44 15.65 22.15 -0.35
C LEU A 44 16.41 22.50 0.91
N LEU A 45 16.52 21.53 1.80
CA LEU A 45 17.33 21.69 3.00
C LEU A 45 18.40 20.60 2.99
N VAL A 46 19.62 20.94 3.33
CA VAL A 46 20.67 19.93 3.33
C VAL A 46 21.34 19.89 4.69
N CYS A 47 21.72 18.72 5.13
CA CYS A 47 22.37 18.58 6.41
C CYS A 47 23.86 18.35 6.21
N PRO A 48 24.68 19.38 6.44
CA PRO A 48 26.13 19.30 6.30
C PRO A 48 26.70 18.28 7.27
N GLU A 49 25.96 18.00 8.33
CA GLU A 49 26.38 17.05 9.34
C GLU A 49 26.27 15.62 8.81
N CYS A 50 25.06 15.19 8.43
CA CYS A 50 24.86 13.83 7.96
C CYS A 50 25.40 13.62 6.55
N ALA A 51 25.79 14.70 5.87
CA ALA A 51 26.11 14.62 4.45
C ALA A 51 24.95 14.03 3.67
N HIS A 52 23.75 14.50 3.97
CA HIS A 52 22.53 14.03 3.32
C HIS A 52 21.53 15.16 3.15
N GLU A 53 21.12 15.39 1.91
CA GLU A 53 20.18 16.44 1.58
C GLU A 53 18.76 15.89 1.62
N TRP A 54 17.78 16.76 1.79
CA TRP A 54 16.39 16.34 1.82
C TRP A 54 15.48 17.52 1.50
N SER A 55 14.25 17.25 1.16
CA SER A 55 13.31 18.33 0.88
C SER A 55 12.08 18.16 1.75
N PRO A 56 11.72 19.20 2.54
CA PRO A 56 10.63 19.12 3.52
C PRO A 56 9.29 18.73 2.90
N ASN A 57 9.09 19.12 1.66
CA ASN A 57 7.84 18.87 0.96
C ASN A 57 8.01 17.86 -0.17
N GLU A 58 9.19 17.84 -0.76
CA GLU A 58 9.45 17.02 -1.94
C GLU A 58 9.96 15.63 -1.55
N ALA A 59 10.17 15.40 -0.25
CA ALA A 59 10.62 14.11 0.24
C ALA A 59 9.53 13.05 0.05
N ALA A 60 8.28 13.47 0.16
CA ALA A 60 7.14 12.56 0.02
C ALA A 60 7.14 11.93 -1.37
N THR A 61 7.23 12.76 -2.40
CA THR A 61 7.30 12.32 -3.78
C THR A 61 5.96 11.74 -4.24
N ALA A 62 5.64 10.55 -3.77
CA ALA A 62 4.39 9.88 -4.12
C ALA A 62 4.02 8.85 -3.06
N SER A 63 2.93 9.10 -2.35
CA SER A 63 2.47 8.17 -1.34
C SER A 63 1.65 7.07 -1.98
N ASP A 64 2.33 6.01 -2.35
CA ASP A 64 1.72 4.86 -3.00
C ASP A 64 0.83 4.12 -2.02
N ASP A 65 -0.21 3.49 -2.55
CA ASP A 65 -1.14 2.75 -1.72
C ASP A 65 -1.15 1.28 -2.10
N GLY A 66 -0.19 0.56 -1.58
CA GLY A 66 -0.18 -0.87 -1.70
C GLY A 66 -0.63 -1.50 -0.40
N LYS A 67 -1.67 -0.92 0.18
CA LYS A 67 -2.21 -1.41 1.43
C LYS A 67 -3.51 -2.18 1.21
N VAL A 68 -4.15 -1.93 0.08
CA VAL A 68 -5.38 -2.59 -0.27
C VAL A 68 -5.47 -2.83 -1.78
N ILE A 69 -5.99 -3.99 -2.17
CA ILE A 69 -6.01 -4.39 -3.57
C ILE A 69 -7.14 -3.70 -4.31
N LYS A 70 -6.78 -2.88 -5.29
CA LYS A 70 -7.77 -2.21 -6.14
C LYS A 70 -7.92 -2.92 -7.48
N ASP A 71 -9.12 -2.84 -8.04
CA ASP A 71 -9.44 -3.53 -9.29
C ASP A 71 -9.13 -2.65 -10.49
N SER A 72 -9.31 -3.20 -11.69
CA SER A 72 -9.02 -2.47 -12.91
C SER A 72 -10.13 -1.45 -13.21
N VAL A 73 -11.19 -1.53 -12.44
CA VAL A 73 -12.32 -0.65 -12.58
C VAL A 73 -12.20 0.50 -11.57
N GLY A 74 -11.15 0.42 -10.77
CA GLY A 74 -10.81 1.51 -9.88
C GLY A 74 -11.50 1.44 -8.54
N ASN A 75 -12.26 0.37 -8.28
CA ASN A 75 -12.90 0.24 -6.99
C ASN A 75 -12.04 -0.57 -6.03
N VAL A 76 -12.25 -0.33 -4.75
CA VAL A 76 -11.38 -0.90 -3.72
C VAL A 76 -11.96 -2.15 -3.09
N LEU A 77 -11.33 -3.26 -3.41
CA LEU A 77 -11.66 -4.55 -2.82
C LEU A 77 -11.54 -4.55 -1.31
N GLN A 78 -12.42 -5.30 -0.70
CA GLN A 78 -12.40 -5.51 0.74
C GLN A 78 -12.25 -6.99 0.99
N ASP A 79 -11.61 -7.36 2.08
CA ASP A 79 -11.47 -8.76 2.42
C ASP A 79 -12.84 -9.37 2.68
N GLY A 80 -13.14 -10.45 1.99
CA GLY A 80 -14.43 -11.07 2.12
C GLY A 80 -15.47 -10.51 1.17
N ASP A 81 -15.06 -9.57 0.33
CA ASP A 81 -15.95 -9.00 -0.67
C ASP A 81 -16.06 -9.91 -1.88
N THR A 82 -16.95 -9.56 -2.79
CA THR A 82 -17.17 -10.35 -3.98
C THR A 82 -16.48 -9.68 -5.15
N ILE A 83 -15.85 -10.48 -6.03
CA ILE A 83 -15.16 -9.91 -7.19
C ILE A 83 -15.70 -10.53 -8.47
N THR A 84 -15.38 -9.92 -9.59
CA THR A 84 -15.72 -10.44 -10.89
C THR A 84 -14.68 -10.01 -11.93
N VAL A 85 -13.98 -10.99 -12.50
CA VAL A 85 -13.01 -10.73 -13.55
C VAL A 85 -13.72 -10.07 -14.72
N ILE A 86 -13.17 -8.99 -15.21
CA ILE A 86 -13.74 -8.31 -16.35
C ILE A 86 -12.97 -8.60 -17.63
N LYS A 87 -12.16 -9.64 -17.63
CA LYS A 87 -11.34 -9.98 -18.79
C LYS A 87 -11.45 -11.48 -19.06
N ASP A 88 -11.09 -11.90 -20.26
CA ASP A 88 -10.94 -13.32 -20.54
C ASP A 88 -9.54 -13.80 -20.17
N LEU A 89 -9.48 -14.61 -19.13
CA LEU A 89 -8.25 -15.23 -18.67
C LEU A 89 -8.43 -16.74 -18.64
N LYS A 90 -7.48 -17.47 -19.16
CA LYS A 90 -7.53 -18.92 -19.06
C LYS A 90 -6.89 -19.40 -17.78
N VAL A 91 -7.00 -20.69 -17.49
CA VAL A 91 -6.36 -21.27 -16.32
C VAL A 91 -5.56 -22.47 -16.77
N LYS A 92 -4.26 -22.47 -16.53
CA LYS A 92 -3.39 -23.49 -17.11
C LYS A 92 -3.20 -24.65 -16.15
N GLY A 93 -3.78 -24.54 -14.96
CA GLY A 93 -3.71 -25.61 -13.99
C GLY A 93 -5.09 -26.06 -13.58
N SER A 94 -6.03 -25.86 -14.49
CA SER A 94 -7.42 -26.20 -14.23
C SER A 94 -8.08 -26.66 -15.52
N SER A 95 -9.36 -26.95 -15.45
CA SER A 95 -10.15 -27.11 -16.66
C SER A 95 -10.97 -25.84 -16.89
N LEU A 96 -10.98 -24.98 -15.88
CA LEU A 96 -11.78 -23.76 -15.91
C LEU A 96 -11.09 -22.68 -16.72
N VAL A 97 -11.90 -21.93 -17.44
CA VAL A 97 -11.47 -20.70 -18.06
C VAL A 97 -12.13 -19.52 -17.36
N VAL A 98 -11.31 -18.57 -16.92
CA VAL A 98 -11.78 -17.38 -16.23
C VAL A 98 -12.36 -16.37 -17.23
N LYS A 99 -13.67 -16.28 -17.27
CA LYS A 99 -14.34 -15.44 -18.26
C LYS A 99 -14.90 -14.17 -17.63
N VAL A 100 -14.96 -13.11 -18.44
CA VAL A 100 -15.47 -11.82 -17.98
C VAL A 100 -16.86 -11.98 -17.33
N GLY A 101 -16.85 -12.07 -16.00
CA GLY A 101 -18.08 -12.27 -15.24
C GLY A 101 -17.93 -13.39 -14.21
N THR A 102 -16.72 -13.92 -14.14
CA THR A 102 -16.39 -14.95 -13.16
C THR A 102 -16.53 -14.41 -11.74
N LYS A 103 -17.59 -14.80 -11.07
CA LYS A 103 -17.86 -14.27 -9.74
C LYS A 103 -17.23 -15.13 -8.66
N VAL A 104 -16.34 -14.50 -7.88
CA VAL A 104 -15.75 -15.15 -6.72
C VAL A 104 -15.88 -14.25 -5.51
N LYS A 105 -16.61 -14.72 -4.52
CA LYS A 105 -16.90 -13.92 -3.34
C LYS A 105 -16.06 -14.32 -2.15
N ASN A 106 -15.95 -13.40 -1.20
CA ASN A 106 -15.23 -13.62 0.04
C ASN A 106 -13.74 -13.82 -0.21
N ILE A 107 -13.13 -12.94 -1.00
CA ILE A 107 -11.70 -12.97 -1.25
C ILE A 107 -10.85 -12.64 -0.03
N ARG A 108 -9.54 -12.66 -0.26
CA ARG A 108 -8.53 -12.33 0.75
C ARG A 108 -7.48 -11.43 0.10
N LEU A 109 -7.24 -10.26 0.67
CA LEU A 109 -6.29 -9.32 0.07
C LEU A 109 -4.87 -9.72 0.42
N VAL A 110 -4.04 -9.88 -0.60
CA VAL A 110 -2.66 -10.32 -0.39
C VAL A 110 -1.68 -9.17 -0.56
N ASP A 111 -0.91 -8.91 0.49
CA ASP A 111 0.14 -7.89 0.47
C ASP A 111 -0.43 -6.47 0.39
N GLY A 112 -1.75 -6.40 0.34
CA GLY A 112 -2.44 -5.15 0.02
C GLY A 112 -2.03 -4.57 -1.32
N ASP A 113 -1.15 -5.27 -2.04
CA ASP A 113 -0.59 -4.73 -3.27
C ASP A 113 -1.19 -5.37 -4.53
N HIS A 114 -0.49 -6.35 -5.07
CA HIS A 114 -0.74 -6.86 -6.42
C HIS A 114 -1.34 -8.27 -6.41
N ASP A 115 -2.43 -8.51 -5.68
CA ASP A 115 -2.82 -9.90 -5.42
C ASP A 115 -4.16 -10.04 -4.72
N ILE A 116 -4.87 -11.09 -5.11
CA ILE A 116 -6.18 -11.40 -4.54
C ILE A 116 -6.31 -12.89 -4.35
N ASP A 117 -6.43 -13.29 -3.11
CA ASP A 117 -6.55 -14.70 -2.81
C ASP A 117 -8.00 -15.10 -2.73
N CYS A 118 -8.31 -16.19 -3.38
CA CYS A 118 -9.66 -16.70 -3.39
C CYS A 118 -9.63 -18.21 -3.33
N LYS A 119 -10.71 -18.79 -2.83
CA LYS A 119 -10.83 -20.22 -2.77
C LYS A 119 -12.12 -20.64 -3.44
N ILE A 120 -12.02 -21.62 -4.31
CA ILE A 120 -13.08 -21.95 -5.22
C ILE A 120 -13.50 -23.39 -5.03
N ASP A 121 -14.71 -23.57 -4.56
CA ASP A 121 -15.24 -24.89 -4.25
C ASP A 121 -15.42 -25.69 -5.53
N GLY A 122 -14.47 -26.57 -5.78
CA GLY A 122 -14.49 -27.36 -6.99
C GLY A 122 -13.10 -27.70 -7.47
N ILE A 123 -12.34 -26.66 -7.82
CA ILE A 123 -10.96 -26.84 -8.24
C ILE A 123 -10.01 -26.62 -7.08
N GLY A 124 -10.25 -25.55 -6.33
CA GLY A 124 -9.43 -25.25 -5.18
C GLY A 124 -9.16 -23.77 -5.04
N ALA A 125 -8.08 -23.41 -4.37
CA ALA A 125 -7.73 -22.01 -4.18
C ALA A 125 -7.01 -21.46 -5.41
N MET A 126 -7.26 -20.19 -5.73
CA MET A 126 -6.67 -19.57 -6.92
C MET A 126 -6.19 -18.16 -6.62
N LYS A 127 -5.28 -17.67 -7.44
CA LYS A 127 -4.75 -16.32 -7.31
C LYS A 127 -5.22 -15.46 -8.46
N LEU A 128 -5.61 -14.23 -8.17
CA LEU A 128 -6.25 -13.35 -9.14
C LEU A 128 -5.48 -12.04 -9.27
N LYS A 129 -5.42 -11.57 -10.50
CA LYS A 129 -4.75 -10.32 -10.78
C LYS A 129 -5.73 -9.16 -10.77
N SER A 130 -5.43 -8.22 -9.89
CA SER A 130 -6.28 -7.06 -9.62
C SER A 130 -6.64 -6.31 -10.90
N GLU A 131 -5.70 -6.25 -11.81
CA GLU A 131 -5.87 -5.51 -13.05
C GLU A 131 -6.83 -6.23 -13.99
N PHE A 132 -7.24 -7.45 -13.65
CA PHE A 132 -8.19 -8.16 -14.48
C PHE A 132 -9.55 -8.33 -13.80
N VAL A 133 -9.66 -7.88 -12.55
CA VAL A 133 -10.88 -8.13 -11.78
C VAL A 133 -11.64 -6.86 -11.45
N ARG A 134 -12.81 -7.04 -10.82
CA ARG A 134 -13.69 -5.93 -10.47
C ARG A 134 -14.53 -6.26 -9.24
N LYS A 135 -14.55 -5.34 -8.30
CA LYS A 135 -15.37 -5.47 -7.11
C LYS A 135 -16.85 -5.40 -7.46
N VAL A 136 -17.57 -6.45 -7.09
CA VAL A 136 -19.02 -6.48 -7.26
C VAL A 136 -19.69 -5.72 -6.11
N GLY A 137 -19.22 -5.96 -4.89
CA GLY A 137 -19.80 -5.33 -3.73
C GLY A 137 -21.06 -6.04 -3.26
N SER A 138 -21.31 -7.21 -3.83
CA SER A 138 -22.49 -7.98 -3.50
C SER A 138 -22.20 -9.48 -3.64
#